data_3US4
# 
_entry.id   3US4 
# 
_audit_conform.dict_name       mmcif_pdbx.dic 
_audit_conform.dict_version    5.399 
_audit_conform.dict_location   http://mmcif.pdb.org/dictionaries/ascii/mmcif_pdbx.dic 
# 
loop_
_database_2.database_id 
_database_2.database_code 
_database_2.pdbx_database_accession 
_database_2.pdbx_DOI 
PDB   3US4         pdb_00003us4 10.2210/pdb3us4/pdb 
RCSB  RCSB069140   ?            ?                   
WWPDB D_1000069140 ?            ?                   
# 
loop_
_pdbx_audit_revision_history.ordinal 
_pdbx_audit_revision_history.data_content_type 
_pdbx_audit_revision_history.major_revision 
_pdbx_audit_revision_history.minor_revision 
_pdbx_audit_revision_history.revision_date 
1 'Structure model' 1 0 2011-12-28 
2 'Structure model' 1 1 2015-10-21 
3 'Structure model' 1 2 2017-11-08 
4 'Structure model' 1 3 2023-02-01 
5 'Structure model' 1 4 2024-11-27 
# 
_pdbx_audit_revision_details.ordinal             1 
_pdbx_audit_revision_details.revision_ordinal    1 
_pdbx_audit_revision_details.data_content_type   'Structure model' 
_pdbx_audit_revision_details.provider            repository 
_pdbx_audit_revision_details.type                'Initial release' 
_pdbx_audit_revision_details.description         ? 
_pdbx_audit_revision_details.details             ? 
# 
loop_
_pdbx_audit_revision_group.ordinal 
_pdbx_audit_revision_group.revision_ordinal 
_pdbx_audit_revision_group.data_content_type 
_pdbx_audit_revision_group.group 
1 2 'Structure model' 'Database references'    
2 2 'Structure model' 'Structure summary'      
3 3 'Structure model' 'Refinement description' 
4 4 'Structure model' 'Database references'    
5 4 'Structure model' 'Derived calculations'   
6 5 'Structure model' 'Data collection'        
7 5 'Structure model' 'Structure summary'      
# 
loop_
_pdbx_audit_revision_category.ordinal 
_pdbx_audit_revision_category.revision_ordinal 
_pdbx_audit_revision_category.data_content_type 
_pdbx_audit_revision_category.category 
1 3 'Structure model' software                  
2 4 'Structure model' database_2                
3 4 'Structure model' struct_conn               
4 4 'Structure model' struct_ref_seq_dif        
5 4 'Structure model' struct_site               
6 5 'Structure model' chem_comp_atom            
7 5 'Structure model' chem_comp_bond            
8 5 'Structure model' pdbx_entry_details        
9 5 'Structure model' pdbx_modification_feature 
# 
loop_
_pdbx_audit_revision_item.ordinal 
_pdbx_audit_revision_item.revision_ordinal 
_pdbx_audit_revision_item.data_content_type 
_pdbx_audit_revision_item.item 
1 4 'Structure model' '_database_2.pdbx_DOI'                         
2 4 'Structure model' '_database_2.pdbx_database_accession'          
3 4 'Structure model' '_struct_conn.pdbx_leaving_atom_flag'          
4 4 'Structure model' '_struct_ref_seq_dif.details'                  
5 4 'Structure model' '_struct_site.pdbx_auth_asym_id'               
6 4 'Structure model' '_struct_site.pdbx_auth_comp_id'               
7 4 'Structure model' '_struct_site.pdbx_auth_seq_id'                
8 5 'Structure model' '_pdbx_entry_details.has_protein_modification' 
# 
_pdbx_database_status.SG_entry                        Y 
_pdbx_database_status.entry_id                        3US4 
_pdbx_database_status.deposit_site                    RCSB 
_pdbx_database_status.process_site                    RCSB 
_pdbx_database_status.recvd_initial_deposition_date   2011-11-22 
_pdbx_database_status.status_code                     REL 
_pdbx_database_status.status_code_sf                  REL 
_pdbx_database_status.status_code_mr                  ? 
_pdbx_database_status.status_code_cs                  ? 
_pdbx_database_status.methods_development_category    ? 
_pdbx_database_status.pdb_format_compatible           Y 
_pdbx_database_status.status_code_nmr_data            ? 
# 
_pdbx_database_related.db_name        TargetDB 
_pdbx_database_related.db_id          423006 
_pdbx_database_related.details        . 
_pdbx_database_related.content_type   unspecified 
# 
loop_
_audit_author.name 
_audit_author.pdbx_ordinal 
'Joint Center for Structural Genomics (JCSG)' 1 
'Partnership for T-Cell Biology (TCELL)'      2 
# 
_citation.id                        primary 
_citation.title                     
'Crystal structure of a SH2 domain of a megakaryocyte-associated tyrosine kinase (MATK) from Homo sapiens at 1.50 A resolution' 
_citation.journal_abbrev            'To be published' 
_citation.journal_volume            ? 
_citation.page_first                ? 
_citation.page_last                 ? 
_citation.year                      ? 
_citation.journal_id_ASTM           ? 
_citation.country                   ? 
_citation.journal_id_ISSN           ? 
_citation.journal_id_CSD            0353 
_citation.book_publisher            ? 
_citation.pdbx_database_id_PubMed   ? 
_citation.pdbx_database_id_DOI      ? 
# 
loop_
_citation_author.citation_id 
_citation_author.name 
_citation_author.ordinal 
_citation_author.identifier_ORCID 
primary 'Joint Center for Structural Genomics (JCSG)' 1 ? 
primary 'Partnership for T-Cell Biology (TCELL)'      2 ? 
# 
loop_
_entity.id 
_entity.type 
_entity.src_method 
_entity.pdbx_description 
_entity.formula_weight 
_entity.pdbx_number_of_molecules 
_entity.pdbx_ec 
_entity.pdbx_mutation 
_entity.pdbx_fragment 
_entity.details 
1 polymer     man 'Megakaryocyte-associated tyrosine-protein kinase' 11395.719 1  2.7.10.2 ? 'SH2 domain residues 117-213' ? 
2 non-polymer syn 'SULFATE ION'                                      96.063    2  ?        ? ?                             ? 
3 water       nat water                                              18.015    72 ?        ? ?                             ? 
# 
_entity_name_com.entity_id   1 
_entity_name_com.name        'Hematopoietic consensus tyrosine-lacking kinase, Protein kinase HYL, Tyrosine-protein kinase CTK' 
# 
_entity_poly.entity_id                      1 
_entity_poly.type                           'polypeptide(L)' 
_entity_poly.nstd_linkage                   no 
_entity_poly.nstd_monomer                   yes 
_entity_poly.pdbx_seq_one_letter_code       
;GLSL(MSE)PWFHGKISGQEAVQQLQPPEDGLFLVRESARHPGDYVLCVSFGRDVIHYRVLHRDGHLTIDEAVFFCNL
(MSE)D(MSE)VEHYSKDKGAICTKLVRPKRK
;
_entity_poly.pdbx_seq_one_letter_code_can   
;GLSLMPWFHGKISGQEAVQQLQPPEDGLFLVRESARHPGDYVLCVSFGRDVIHYRVLHRDGHLTIDEAVFFCNLMDMVEH
YSKDKGAICTKLVRPKRK
;
_entity_poly.pdbx_strand_id                 A 
_entity_poly.pdbx_target_identifier         423006 
# 
loop_
_pdbx_entity_nonpoly.entity_id 
_pdbx_entity_nonpoly.name 
_pdbx_entity_nonpoly.comp_id 
2 'SULFATE ION' SO4 
3 water         HOH 
# 
loop_
_entity_poly_seq.entity_id 
_entity_poly_seq.num 
_entity_poly_seq.mon_id 
_entity_poly_seq.hetero 
1 1  GLY n 
1 2  LEU n 
1 3  SER n 
1 4  LEU n 
1 5  MSE n 
1 6  PRO n 
1 7  TRP n 
1 8  PHE n 
1 9  HIS n 
1 10 GLY n 
1 11 LYS n 
1 12 ILE n 
1 13 SER n 
1 14 GLY n 
1 15 GLN n 
1 16 GLU n 
1 17 ALA n 
1 18 VAL n 
1 19 GLN n 
1 20 GLN n 
1 21 LEU n 
1 22 GLN n 
1 23 PRO n 
1 24 PRO n 
1 25 GLU n 
1 26 ASP n 
1 27 GLY n 
1 28 LEU n 
1 29 PHE n 
1 30 LEU n 
1 31 VAL n 
1 32 ARG n 
1 33 GLU n 
1 34 SER n 
1 35 ALA n 
1 36 ARG n 
1 37 HIS n 
1 38 PRO n 
1 39 GLY n 
1 40 ASP n 
1 41 TYR n 
1 42 VAL n 
1 43 LEU n 
1 44 CYS n 
1 45 VAL n 
1 46 SER n 
1 47 PHE n 
1 48 GLY n 
1 49 ARG n 
1 50 ASP n 
1 51 VAL n 
1 52 ILE n 
1 53 HIS n 
1 54 TYR n 
1 55 ARG n 
1 56 VAL n 
1 57 LEU n 
1 58 HIS n 
1 59 ARG n 
1 60 ASP n 
1 61 GLY n 
1 62 HIS n 
1 63 LEU n 
1 64 THR n 
1 65 ILE n 
1 66 ASP n 
1 67 GLU n 
1 68 ALA n 
1 69 VAL n 
1 70 PHE n 
1 71 PHE n 
1 72 CYS n 
1 73 ASN n 
1 74 LEU n 
1 75 MSE n 
1 76 ASP n 
1 77 MSE n 
1 78 VAL n 
1 79 GLU n 
1 80 HIS n 
1 81 TYR n 
1 82 SER n 
1 83 LYS n 
1 84 ASP n 
1 85 LYS n 
1 86 GLY n 
1 87 ALA n 
1 88 ILE n 
1 89 CYS n 
1 90 THR n 
1 91 LYS n 
1 92 LEU n 
1 93 VAL n 
1 94 ARG n 
1 95 PRO n 
1 96 LYS n 
1 97 ARG n 
1 98 LYS n 
# 
_entity_src_gen.entity_id                          1 
_entity_src_gen.pdbx_src_id                        1 
_entity_src_gen.pdbx_alt_source_flag               sample 
_entity_src_gen.pdbx_seq_type                      ? 
_entity_src_gen.pdbx_beg_seq_num                   ? 
_entity_src_gen.pdbx_end_seq_num                   ? 
_entity_src_gen.gene_src_common_name               human 
_entity_src_gen.gene_src_genus                     ? 
_entity_src_gen.pdbx_gene_src_gene                 'CTK, HYL, MATK, NM_139355' 
_entity_src_gen.gene_src_species                   ? 
_entity_src_gen.gene_src_strain                    ? 
_entity_src_gen.gene_src_tissue                    ? 
_entity_src_gen.gene_src_tissue_fraction           ? 
_entity_src_gen.gene_src_details                   ? 
_entity_src_gen.pdbx_gene_src_fragment             ? 
_entity_src_gen.pdbx_gene_src_scientific_name      'Homo sapiens' 
_entity_src_gen.pdbx_gene_src_ncbi_taxonomy_id     9606 
_entity_src_gen.pdbx_gene_src_variant              ? 
_entity_src_gen.pdbx_gene_src_cell_line            ? 
_entity_src_gen.pdbx_gene_src_atcc                 ? 
_entity_src_gen.pdbx_gene_src_organ                ? 
_entity_src_gen.pdbx_gene_src_organelle            ? 
_entity_src_gen.pdbx_gene_src_cell                 ? 
_entity_src_gen.pdbx_gene_src_cellular_location    ? 
_entity_src_gen.host_org_common_name               ? 
_entity_src_gen.pdbx_host_org_scientific_name      'Escherichia Coli' 
_entity_src_gen.pdbx_host_org_ncbi_taxonomy_id     562 
_entity_src_gen.host_org_genus                     ? 
_entity_src_gen.pdbx_host_org_gene                 ? 
_entity_src_gen.pdbx_host_org_organ                ? 
_entity_src_gen.host_org_species                   ? 
_entity_src_gen.pdbx_host_org_tissue               ? 
_entity_src_gen.pdbx_host_org_tissue_fraction      ? 
_entity_src_gen.pdbx_host_org_strain               HK100 
_entity_src_gen.pdbx_host_org_variant              ? 
_entity_src_gen.pdbx_host_org_cell_line            ? 
_entity_src_gen.pdbx_host_org_atcc                 ? 
_entity_src_gen.pdbx_host_org_culture_collection   ? 
_entity_src_gen.pdbx_host_org_cell                 ? 
_entity_src_gen.pdbx_host_org_organelle            ? 
_entity_src_gen.pdbx_host_org_cellular_location    ? 
_entity_src_gen.pdbx_host_org_vector_type          Plasmid 
_entity_src_gen.pdbx_host_org_vector               ? 
_entity_src_gen.host_org_details                   ? 
_entity_src_gen.expression_system_id               ? 
_entity_src_gen.plasmid_name                       SpeedET 
_entity_src_gen.plasmid_details                    ? 
_entity_src_gen.pdbx_description                   ? 
# 
loop_
_chem_comp.id 
_chem_comp.type 
_chem_comp.mon_nstd_flag 
_chem_comp.name 
_chem_comp.pdbx_synonyms 
_chem_comp.formula 
_chem_comp.formula_weight 
ALA 'L-peptide linking' y ALANINE          ? 'C3 H7 N O2'     89.093  
ARG 'L-peptide linking' y ARGININE         ? 'C6 H15 N4 O2 1' 175.209 
ASN 'L-peptide linking' y ASPARAGINE       ? 'C4 H8 N2 O3'    132.118 
ASP 'L-peptide linking' y 'ASPARTIC ACID'  ? 'C4 H7 N O4'     133.103 
CYS 'L-peptide linking' y CYSTEINE         ? 'C3 H7 N O2 S'   121.158 
GLN 'L-peptide linking' y GLUTAMINE        ? 'C5 H10 N2 O3'   146.144 
GLU 'L-peptide linking' y 'GLUTAMIC ACID'  ? 'C5 H9 N O4'     147.129 
GLY 'peptide linking'   y GLYCINE          ? 'C2 H5 N O2'     75.067  
HIS 'L-peptide linking' y HISTIDINE        ? 'C6 H10 N3 O2 1' 156.162 
HOH non-polymer         . WATER            ? 'H2 O'           18.015  
ILE 'L-peptide linking' y ISOLEUCINE       ? 'C6 H13 N O2'    131.173 
LEU 'L-peptide linking' y LEUCINE          ? 'C6 H13 N O2'    131.173 
LYS 'L-peptide linking' y LYSINE           ? 'C6 H15 N2 O2 1' 147.195 
MSE 'L-peptide linking' n SELENOMETHIONINE ? 'C5 H11 N O2 Se' 196.106 
PHE 'L-peptide linking' y PHENYLALANINE    ? 'C9 H11 N O2'    165.189 
PRO 'L-peptide linking' y PROLINE          ? 'C5 H9 N O2'     115.130 
SER 'L-peptide linking' y SERINE           ? 'C3 H7 N O3'     105.093 
SO4 non-polymer         . 'SULFATE ION'    ? 'O4 S -2'        96.063  
THR 'L-peptide linking' y THREONINE        ? 'C4 H9 N O3'     119.119 
TRP 'L-peptide linking' y TRYPTOPHAN       ? 'C11 H12 N2 O2'  204.225 
TYR 'L-peptide linking' y TYROSINE         ? 'C9 H11 N O3'    181.189 
VAL 'L-peptide linking' y VALINE           ? 'C5 H11 N O2'    117.146 
# 
loop_
_pdbx_poly_seq_scheme.asym_id 
_pdbx_poly_seq_scheme.entity_id 
_pdbx_poly_seq_scheme.seq_id 
_pdbx_poly_seq_scheme.mon_id 
_pdbx_poly_seq_scheme.ndb_seq_num 
_pdbx_poly_seq_scheme.pdb_seq_num 
_pdbx_poly_seq_scheme.auth_seq_num 
_pdbx_poly_seq_scheme.pdb_mon_id 
_pdbx_poly_seq_scheme.auth_mon_id 
_pdbx_poly_seq_scheme.pdb_strand_id 
_pdbx_poly_seq_scheme.pdb_ins_code 
_pdbx_poly_seq_scheme.hetero 
A 1 1  GLY 1  0   ?   ?   ?   A . n 
A 1 2  LEU 2  117 117 LEU LEU A . n 
A 1 3  SER 3  118 118 SER SER A . n 
A 1 4  LEU 4  119 119 LEU LEU A . n 
A 1 5  MSE 5  120 120 MSE MSE A . n 
A 1 6  PRO 6  121 121 PRO PRO A . n 
A 1 7  TRP 7  122 122 TRP TRP A . n 
A 1 8  PHE 8  123 123 PHE PHE A . n 
A 1 9  HIS 9  124 124 HIS HIS A . n 
A 1 10 GLY 10 125 125 GLY GLY A . n 
A 1 11 LYS 11 126 126 LYS LYS A . n 
A 1 12 ILE 12 127 127 ILE ILE A . n 
A 1 13 SER 13 128 128 SER SER A . n 
A 1 14 GLY 14 129 129 GLY GLY A . n 
A 1 15 GLN 15 130 130 GLN GLN A . n 
A 1 16 GLU 16 131 131 GLU GLU A . n 
A 1 17 ALA 17 132 132 ALA ALA A . n 
A 1 18 VAL 18 133 133 VAL VAL A . n 
A 1 19 GLN 19 134 134 GLN GLN A . n 
A 1 20 GLN 20 135 135 GLN GLN A . n 
A 1 21 LEU 21 136 136 LEU LEU A . n 
A 1 22 GLN 22 137 137 GLN GLN A . n 
A 1 23 PRO 23 138 138 PRO PRO A . n 
A 1 24 PRO 24 139 139 PRO PRO A . n 
A 1 25 GLU 25 140 140 GLU GLU A . n 
A 1 26 ASP 26 141 141 ASP ASP A . n 
A 1 27 GLY 27 142 142 GLY GLY A . n 
A 1 28 LEU 28 143 143 LEU LEU A . n 
A 1 29 PHE 29 144 144 PHE PHE A . n 
A 1 30 LEU 30 145 145 LEU LEU A . n 
A 1 31 VAL 31 146 146 VAL VAL A . n 
A 1 32 ARG 32 147 147 ARG ARG A . n 
A 1 33 GLU 33 148 148 GLU GLU A . n 
A 1 34 SER 34 149 149 SER SER A . n 
A 1 35 ALA 35 150 150 ALA ALA A . n 
A 1 36 ARG 36 151 151 ARG ARG A . n 
A 1 37 HIS 37 152 152 HIS HIS A . n 
A 1 38 PRO 38 153 153 PRO PRO A . n 
A 1 39 GLY 39 154 154 GLY GLY A . n 
A 1 40 ASP 40 155 155 ASP ASP A . n 
A 1 41 TYR 41 156 156 TYR TYR A . n 
A 1 42 VAL 42 157 157 VAL VAL A . n 
A 1 43 LEU 43 158 158 LEU LEU A . n 
A 1 44 CYS 44 159 159 CYS CYS A . n 
A 1 45 VAL 45 160 160 VAL VAL A . n 
A 1 46 SER 46 161 161 SER SER A . n 
A 1 47 PHE 47 162 162 PHE PHE A . n 
A 1 48 GLY 48 163 163 GLY GLY A . n 
A 1 49 ARG 49 164 164 ARG ARG A . n 
A 1 50 ASP 50 165 165 ASP ASP A . n 
A 1 51 VAL 51 166 166 VAL VAL A . n 
A 1 52 ILE 52 167 167 ILE ILE A . n 
A 1 53 HIS 53 168 168 HIS HIS A . n 
A 1 54 TYR 54 169 169 TYR TYR A . n 
A 1 55 ARG 55 170 170 ARG ARG A . n 
A 1 56 VAL 56 171 171 VAL VAL A . n 
A 1 57 LEU 57 172 172 LEU LEU A . n 
A 1 58 HIS 58 173 173 HIS HIS A . n 
A 1 59 ARG 59 174 174 ARG ARG A . n 
A 1 60 ASP 60 175 175 ASP ASP A . n 
A 1 61 GLY 61 176 176 GLY GLY A . n 
A 1 62 HIS 62 177 177 HIS HIS A . n 
A 1 63 LEU 63 178 178 LEU LEU A . n 
A 1 64 THR 64 179 179 THR THR A . n 
A 1 65 ILE 65 180 180 ILE ILE A . n 
A 1 66 ASP 66 181 181 ASP ASP A . n 
A 1 67 GLU 67 182 182 GLU GLU A . n 
A 1 68 ALA 68 183 183 ALA ALA A . n 
A 1 69 VAL 69 184 184 VAL VAL A . n 
A 1 70 PHE 70 185 185 PHE PHE A . n 
A 1 71 PHE 71 186 186 PHE PHE A . n 
A 1 72 CYS 72 187 187 CYS CYS A . n 
A 1 73 ASN 73 188 188 ASN ASN A . n 
A 1 74 LEU 74 189 189 LEU LEU A . n 
A 1 75 MSE 75 190 190 MSE MSE A . n 
A 1 76 ASP 76 191 191 ASP ASP A . n 
A 1 77 MSE 77 192 192 MSE MSE A . n 
A 1 78 VAL 78 193 193 VAL VAL A . n 
A 1 79 GLU 79 194 194 GLU GLU A . n 
A 1 80 HIS 80 195 195 HIS HIS A . n 
A 1 81 TYR 81 196 196 TYR TYR A . n 
A 1 82 SER 82 197 197 SER SER A . n 
A 1 83 LYS 83 198 198 LYS LYS A . n 
A 1 84 ASP 84 199 199 ASP ASP A . n 
A 1 85 LYS 85 200 200 LYS LYS A . n 
A 1 86 GLY 86 201 201 GLY GLY A . n 
A 1 87 ALA 87 202 202 ALA ALA A . n 
A 1 88 ILE 88 203 203 ILE ILE A . n 
A 1 89 CYS 89 204 204 CYS CYS A . n 
A 1 90 THR 90 205 205 THR THR A . n 
A 1 91 LYS 91 206 206 LYS LYS A . n 
A 1 92 LEU 92 207 207 LEU LEU A . n 
A 1 93 VAL 93 208 208 VAL VAL A . n 
A 1 94 ARG 94 209 209 ARG ARG A . n 
A 1 95 PRO 95 210 210 PRO PRO A . n 
A 1 96 LYS 96 211 211 LYS LYS A . n 
A 1 97 ARG 97 212 212 ARG ARG A . n 
A 1 98 LYS 98 213 213 LYS LYS A . n 
# 
loop_
_pdbx_nonpoly_scheme.asym_id 
_pdbx_nonpoly_scheme.entity_id 
_pdbx_nonpoly_scheme.mon_id 
_pdbx_nonpoly_scheme.ndb_seq_num 
_pdbx_nonpoly_scheme.pdb_seq_num 
_pdbx_nonpoly_scheme.auth_seq_num 
_pdbx_nonpoly_scheme.pdb_mon_id 
_pdbx_nonpoly_scheme.auth_mon_id 
_pdbx_nonpoly_scheme.pdb_strand_id 
_pdbx_nonpoly_scheme.pdb_ins_code 
B 2 SO4 1  508 508 SO4 SO4 A . 
C 2 SO4 1  509 509 SO4 SO4 A . 
D 3 HOH 1  510 510 HOH HOH A . 
D 3 HOH 2  511 511 HOH HOH A . 
D 3 HOH 3  512 512 HOH HOH A . 
D 3 HOH 4  513 513 HOH HOH A . 
D 3 HOH 5  514 514 HOH HOH A . 
D 3 HOH 6  515 515 HOH HOH A . 
D 3 HOH 7  516 516 HOH HOH A . 
D 3 HOH 8  517 517 HOH HOH A . 
D 3 HOH 9  518 518 HOH HOH A . 
D 3 HOH 10 519 519 HOH HOH A . 
D 3 HOH 11 520 520 HOH HOH A . 
D 3 HOH 12 521 521 HOH HOH A . 
D 3 HOH 13 522 522 HOH HOH A . 
D 3 HOH 14 523 523 HOH HOH A . 
D 3 HOH 15 524 524 HOH HOH A . 
D 3 HOH 16 525 525 HOH HOH A . 
D 3 HOH 17 526 526 HOH HOH A . 
D 3 HOH 18 527 527 HOH HOH A . 
D 3 HOH 19 528 528 HOH HOH A . 
D 3 HOH 20 529 529 HOH HOH A . 
D 3 HOH 21 530 530 HOH HOH A . 
D 3 HOH 22 531 531 HOH HOH A . 
D 3 HOH 23 532 532 HOH HOH A . 
D 3 HOH 24 533 533 HOH HOH A . 
D 3 HOH 25 534 534 HOH HOH A . 
D 3 HOH 26 535 535 HOH HOH A . 
D 3 HOH 27 536 536 HOH HOH A . 
D 3 HOH 28 537 537 HOH HOH A . 
D 3 HOH 29 538 538 HOH HOH A . 
D 3 HOH 30 539 539 HOH HOH A . 
D 3 HOH 31 540 540 HOH HOH A . 
D 3 HOH 32 541 541 HOH HOH A . 
D 3 HOH 33 542 542 HOH HOH A . 
D 3 HOH 34 543 543 HOH HOH A . 
D 3 HOH 35 544 544 HOH HOH A . 
D 3 HOH 36 545 545 HOH HOH A . 
D 3 HOH 37 546 546 HOH HOH A . 
D 3 HOH 38 547 547 HOH HOH A . 
D 3 HOH 39 548 548 HOH HOH A . 
D 3 HOH 40 549 549 HOH HOH A . 
D 3 HOH 41 550 550 HOH HOH A . 
D 3 HOH 42 551 551 HOH HOH A . 
D 3 HOH 43 552 552 HOH HOH A . 
D 3 HOH 44 553 553 HOH HOH A . 
D 3 HOH 45 554 554 HOH HOH A . 
D 3 HOH 46 555 555 HOH HOH A . 
D 3 HOH 47 556 556 HOH HOH A . 
D 3 HOH 48 557 557 HOH HOH A . 
D 3 HOH 49 558 558 HOH HOH A . 
D 3 HOH 50 559 559 HOH HOH A . 
D 3 HOH 51 560 560 HOH HOH A . 
D 3 HOH 52 561 561 HOH HOH A . 
D 3 HOH 53 562 562 HOH HOH A . 
D 3 HOH 54 563 563 HOH HOH A . 
D 3 HOH 55 564 564 HOH HOH A . 
D 3 HOH 56 565 565 HOH HOH A . 
D 3 HOH 57 566 566 HOH HOH A . 
D 3 HOH 58 567 567 HOH HOH A . 
D 3 HOH 59 568 568 HOH HOH A . 
D 3 HOH 60 569 569 HOH HOH A . 
D 3 HOH 61 570 570 HOH HOH A . 
D 3 HOH 62 571 571 HOH HOH A . 
D 3 HOH 63 572 572 HOH HOH A . 
D 3 HOH 64 573 573 HOH HOH A . 
D 3 HOH 65 574 574 HOH HOH A . 
D 3 HOH 66 575 575 HOH HOH A . 
D 3 HOH 67 576 576 HOH HOH A . 
D 3 HOH 68 577 577 HOH HOH A . 
D 3 HOH 69 578 578 HOH HOH A . 
D 3 HOH 70 579 579 HOH HOH A . 
D 3 HOH 71 580 580 HOH HOH A . 
D 3 HOH 72 581 581 HOH HOH A . 
# 
loop_
_pdbx_unobs_or_zero_occ_atoms.id 
_pdbx_unobs_or_zero_occ_atoms.PDB_model_num 
_pdbx_unobs_or_zero_occ_atoms.polymer_flag 
_pdbx_unobs_or_zero_occ_atoms.occupancy_flag 
_pdbx_unobs_or_zero_occ_atoms.auth_asym_id 
_pdbx_unobs_or_zero_occ_atoms.auth_comp_id 
_pdbx_unobs_or_zero_occ_atoms.auth_seq_id 
_pdbx_unobs_or_zero_occ_atoms.PDB_ins_code 
_pdbx_unobs_or_zero_occ_atoms.auth_atom_id 
_pdbx_unobs_or_zero_occ_atoms.label_alt_id 
_pdbx_unobs_or_zero_occ_atoms.label_asym_id 
_pdbx_unobs_or_zero_occ_atoms.label_comp_id 
_pdbx_unobs_or_zero_occ_atoms.label_seq_id 
_pdbx_unobs_or_zero_occ_atoms.label_atom_id 
1  1 Y 1 A LYS 126 ? CD  ? A LYS 11 CD  
2  1 Y 1 A LYS 126 ? CE  ? A LYS 11 CE  
3  1 Y 1 A LYS 126 ? NZ  ? A LYS 11 NZ  
4  1 Y 1 A GLU 194 ? CD  ? A GLU 79 CD  
5  1 Y 1 A GLU 194 ? OE1 ? A GLU 79 OE1 
6  1 Y 1 A GLU 194 ? OE2 ? A GLU 79 OE2 
7  1 Y 1 A ARG 212 ? CG  ? A ARG 97 CG  
8  1 Y 1 A ARG 212 ? CD  ? A ARG 97 CD  
9  1 Y 1 A ARG 212 ? NE  ? A ARG 97 NE  
10 1 Y 1 A ARG 212 ? CZ  ? A ARG 97 CZ  
11 1 Y 1 A ARG 212 ? NH1 ? A ARG 97 NH1 
12 1 Y 1 A ARG 212 ? NH2 ? A ARG 97 NH2 
# 
loop_
_software.pdbx_ordinal 
_software.name 
_software.version 
_software.date 
_software.type 
_software.contact_author 
_software.contact_author_email 
_software.classification 
_software.location 
_software.language 
_software.citation_id 
1 MolProbity  3beta29            ?               package 'D.C. & J.S. Richardson lab' molprobity@kinemage.biochem.duke.edu 
'model building'  http://kinemage.biochem.duke.edu/molprobity/                                ?          ? 
2 PDB_EXTRACT 3.10               'June 10, 2010' package PDB                          deposit@deposit.rcsb.org             
'data extraction' http://sw-tools.pdb.org/apps/PDB_EXTRACT/                                   C++        ? 
3 SHELX       .                  ?               package 'George M. Sheldrick'        gsheldr@shelx.uni-ac.gwdg.de         phasing 
http://shelx.uni-ac.gwdg.de/SHELX/                                          Fortran_77 ? 
4 SHARP       .                  ?               package 'Eric de La Fortelle'        sharp-develop@globalphasing.com      phasing 
http://www.globalphasing.com/sharp/                                         ?          ? 
5 XSCALE      'December 6, 2010' ?               package 'Wolfgang Kabsch'            ?                                    
'data scaling'    http://www.mpimf-heidelberg.mpg.de/~kabsch/xds/html_doc/xscale_program.html ?          ? 
6 BUSTER-TNT  2.10.0             ?               program 'Gerard Bricogne'            buster-develop@GlobalPhasing.com     
refinement        http://www.globalphasing.com/buster/                                        ?          ? 
7 XDS         .                  ?               ?       ?                            ?                                    
'data reduction'  ?                                                                           ?          ? 
8 SHELXD      .                  ?               ?       ?                            ?                                    phasing 
?                                                                           ?          ? 
9 BUSTER      2.10.0             ?               ?       ?                            ?                                    
refinement        ?                                                                           ?          ? 
# 
_cell.entry_id           3US4 
_cell.length_a           63.840 
_cell.length_b           57.560 
_cell.length_c           28.750 
_cell.angle_alpha        90.000 
_cell.angle_beta         116.200 
_cell.angle_gamma        90.000 
_cell.pdbx_unique_axis   ? 
_cell.Z_PDB              4 
_cell.length_a_esd       ? 
_cell.length_b_esd       ? 
_cell.length_c_esd       ? 
_cell.angle_alpha_esd    ? 
_cell.angle_beta_esd     ? 
_cell.angle_gamma_esd    ? 
# 
_symmetry.entry_id                         3US4 
_symmetry.Int_Tables_number                5 
_symmetry.space_group_name_H-M             'C 1 2 1' 
_symmetry.pdbx_full_space_group_name_H-M   ? 
_symmetry.cell_setting                     ? 
_symmetry.space_group_name_Hall            ? 
# 
_exptl.crystals_number   1 
_exptl.method            'X-RAY DIFFRACTION' 
_exptl.entry_id          3US4 
# 
_exptl_crystal.id                    1 
_exptl_crystal.density_Matthews      2.08 
_exptl_crystal.density_meas          ? 
_exptl_crystal.density_percent_sol   40.85 
_exptl_crystal.description           ? 
_exptl_crystal.F_000                 ? 
_exptl_crystal.preparation           ? 
# 
_exptl_crystal_grow.crystal_id      1 
_exptl_crystal_grow.method          'VAPOR DIFFUSION, SITTING DROP' 
_exptl_crystal_grow.pH              6.0 
_exptl_crystal_grow.temp            277 
_exptl_crystal_grow.pdbx_details    '2.40M (NH4)2SO4, 0.1M MES pH 6.0, NANODROP, VAPOR DIFFUSION, SITTING DROP, temperature 277K' 
_exptl_crystal_grow.temp_details    ? 
_exptl_crystal_grow.pdbx_pH_range   ? 
# 
_diffrn.id                     1 
_diffrn.ambient_temp           100 
_diffrn.ambient_temp_details   ? 
_diffrn.crystal_id             1 
# 
_diffrn_detector.diffrn_id              1 
_diffrn_detector.detector               CCD 
_diffrn_detector.type                   'ADSC QUANTUM 315' 
_diffrn_detector.details                'KOHZU: Double Crystal Si(111)' 
_diffrn_detector.pdbx_collection_date   2011-10-15 
# 
_diffrn_radiation.diffrn_id                        1 
_diffrn_radiation.pdbx_monochromatic_or_laue_m_l   M 
_diffrn_radiation.monochromator                    'Double Crystal Si(111)' 
_diffrn_radiation.pdbx_diffrn_protocol             MAD 
_diffrn_radiation.wavelength_id                    1 
_diffrn_radiation.pdbx_scattering_type             x-ray 
# 
loop_
_diffrn_radiation_wavelength.id 
_diffrn_radiation_wavelength.wavelength 
_diffrn_radiation_wavelength.wt 
1 0.9999 1.0 
2 0.9793 1.0 
# 
_diffrn_source.diffrn_id                   1 
_diffrn_source.source                      SYNCHROTRON 
_diffrn_source.pdbx_synchrotron_beamline   8.2.2 
_diffrn_source.type                        'ALS BEAMLINE 8.2.2' 
_diffrn_source.pdbx_wavelength_list        0.9999,0.9793 
_diffrn_source.pdbx_wavelength             ? 
_diffrn_source.pdbx_synchrotron_site       ALS 
# 
_reflns.entry_id                     3US4 
_reflns.d_resolution_high            1.50 
_reflns.d_resolution_low             25.593 
_reflns.number_obs                   14591 
_reflns.pdbx_Rmerge_I_obs            0.047 
_reflns.pdbx_netI_over_sigmaI        16.870 
_reflns.percent_possible_obs         96.900 
_reflns.B_iso_Wilson_estimate        23.592 
_reflns.observed_criterion_sigma_I   -3.000 
_reflns.observed_criterion_sigma_F   ? 
_reflns.number_all                   ? 
_reflns.pdbx_Rsym_value              ? 
_reflns.pdbx_redundancy              5.02 
_reflns.R_free_details               ? 
_reflns.limit_h_max                  ? 
_reflns.limit_h_min                  ? 
_reflns.limit_k_max                  ? 
_reflns.limit_k_min                  ? 
_reflns.limit_l_max                  ? 
_reflns.limit_l_min                  ? 
_reflns.observed_criterion_F_max     ? 
_reflns.observed_criterion_F_min     ? 
_reflns.pdbx_chi_squared             ? 
_reflns.pdbx_scaling_rejects         ? 
_reflns.pdbx_ordinal                 1 
_reflns.pdbx_diffrn_id               1 
# 
loop_
_reflns_shell.d_res_high 
_reflns_shell.d_res_low 
_reflns_shell.number_measured_obs 
_reflns_shell.number_measured_all 
_reflns_shell.number_unique_obs 
_reflns_shell.Rmerge_I_obs 
_reflns_shell.meanI_over_sigI_obs 
_reflns_shell.pdbx_Rsym_value 
_reflns_shell.pdbx_chi_squared 
_reflns_shell.pdbx_redundancy 
_reflns_shell.percent_possible_obs 
_reflns_shell.number_unique_all 
_reflns_shell.percent_possible_all 
_reflns_shell.pdbx_ordinal 
_reflns_shell.pdbx_diffrn_id 
1.500 1.540  4927 ? 1036 0.481 3.290 ? ? 4.76 ? ? 93.600 1  1 
1.540 1.580  5226 ? 1049 0.346 4.9   ? ? ?    ? ? 97.800 2  1 
1.580 1.630  5003 ? 996  0.263 6.1   ? ? ?    ? ? 96.800 3  1 
1.630 1.680  4979 ? 1002 0.212 7.4   ? ? ?    ? ? 96.200 4  1 
1.680 1.730  4963 ? 991  0.154 9.3   ? ? ?    ? ? 97.300 5  1 
1.730 1.790  4526 ? 923  0.106 12.3  ? ? ?    ? ? 97.500 6  1 
1.790 1.860  4431 ? 884  0.092 14.1  ? ? ?    ? ? 98.200 7  1 
1.860 1.940  4239 ? 872  0.071 16.9  ? ? ?    ? ? 97.400 8  1 
1.940 2.020  4073 ? 823  0.057 19.5  ? ? ?    ? ? 97.900 9  1 
2.020 2.120  4359 ? 817  0.057 22.7  ? ? ?    ? ? 98.400 10 1 
2.120 2.240  4085 ? 757  0.058 24.0  ? ? ?    ? ? 97.200 11 1 
2.240 2.370  3915 ? 734  0.053 25.1  ? ? ?    ? ? 98.300 12 1 
2.370 2.540  3563 ? 669  0.050 26.3  ? ? ?    ? ? 99.000 13 1 
2.540 2.740  3273 ? 629  0.045 27.8  ? ? ?    ? ? 99.100 14 1 
2.740 3.000  3001 ? 593  0.045 28.2  ? ? ?    ? ? 98.200 15 1 
3.000 3.360  2753 ? 537  0.043 29.9  ? ? ?    ? ? 98.000 16 1 
3.360 3.870  2411 ? 472  0.040 30.7  ? ? ?    ? ? 98.300 17 1 
3.870 4.750  1785 ? 385  0.038 29.2  ? ? ?    ? ? 94.400 18 1 
4.750 6.710  1281 ? 290  0.041 28.2  ? ? ?    ? ? 91.800 19 1 
6.710 25.593 481  ? 132  0.036 25.5  ? ? ?    ? ? 71.700 20 1 
# 
_refine.entry_id                                 3US4 
_refine.ls_d_res_high                            1.5000 
_refine.ls_d_res_low                             25.593 
_refine.pdbx_ls_sigma_F                          0.000 
_refine.pdbx_data_cutoff_high_absF               ? 
_refine.pdbx_data_cutoff_low_absF                ? 
_refine.ls_percent_reflns_obs                    97.3400 
_refine.ls_number_reflns_obs                     14577 
_refine.ls_number_reflns_all                     ? 
_refine.pdbx_ls_cross_valid_method               THROUGHOUT 
_refine.pdbx_R_Free_selection_details            RANDOM 
_refine.details                                  
;1. A MET-INHIBITION PROTOCOL WAS USED FOR SELENOMETHIONINE INCORPORATION DURING PROTEIN EXPRESSION. HOWEVER, THE SE-MET SIDE-CHAIN IS DISORDERED. 2. ATOM RECORD CONTAINS SUM OF TLS AND RESIDUAL B FACTORS. ANISOU RECORD CONTAINS SUM OF TLS AND RESIDUAL U FACTORS. 3. SULFATE MODELED IS PRESENT IN CRYSTALLIZATION CONDITIONS. 4. MAD RESTRAINTS (HL COEFFICIENTS) WERE USED DURING REFINEMENT.
;
_refine.ls_R_factor_all                          ? 
_refine.ls_R_factor_obs                          0.1866 
_refine.ls_R_factor_R_work                       0.1855 
_refine.ls_wR_factor_R_work                      ? 
_refine.ls_R_factor_R_free                       0.2081 
_refine.ls_wR_factor_R_free                      ? 
_refine.ls_percent_reflns_R_free                 5.0200 
_refine.ls_number_reflns_R_free                  732 
_refine.ls_R_factor_R_free_error                 ? 
_refine.B_iso_mean                               35.7715 
_refine.solvent_model_param_bsol                 ? 
_refine.solvent_model_param_ksol                 ? 
_refine.pdbx_isotropic_thermal_model             ? 
_refine.aniso_B[1][1]                            2.3587 
_refine.aniso_B[2][2]                            0.3584 
_refine.aniso_B[3][3]                            -2.7171 
_refine.aniso_B[1][2]                            0.0000 
_refine.aniso_B[1][3]                            1.1524 
_refine.aniso_B[2][3]                            0.0000 
_refine.correlation_coeff_Fo_to_Fc               0.9632 
_refine.correlation_coeff_Fo_to_Fc_free          0.9639 
_refine.overall_SU_R_Cruickshank_DPI             ? 
_refine.overall_SU_R_free                        ? 
_refine.pdbx_overall_ESU_R                       ? 
_refine.pdbx_overall_ESU_R_Free                  ? 
_refine.overall_SU_ML                            ? 
_refine.overall_SU_B                             ? 
_refine.solvent_model_details                    ? 
_refine.pdbx_solvent_vdw_probe_radii             ? 
_refine.pdbx_solvent_ion_probe_radii             ? 
_refine.pdbx_solvent_shrinkage_radii             ? 
_refine.ls_number_parameters                     ? 
_refine.ls_number_restraints                     ? 
_refine.pdbx_starting_model                      ? 
_refine.pdbx_method_to_determine_struct          MAD 
_refine.pdbx_stereochemistry_target_values       ? 
_refine.pdbx_stereochem_target_val_spec_case     ? 
_refine.overall_FOM_work_R_set                   ? 
_refine.B_iso_max                                103.620 
_refine.B_iso_min                                13.390 
_refine.pdbx_overall_phase_error                 ? 
_refine.occupancy_max                            1.000 
_refine.occupancy_min                            0.300 
_refine.pdbx_ls_sigma_I                          ? 
_refine.ls_redundancy_reflns_obs                 ? 
_refine.ls_R_factor_R_free_error_details         ? 
_refine.pdbx_data_cutoff_high_rms_absF           ? 
_refine.overall_FOM_free_R_set                   ? 
_refine.pdbx_diffrn_id                           1 
_refine.pdbx_refine_id                           'X-RAY DIFFRACTION' 
_refine.pdbx_TLS_residual_ADP_flag               ? 
_refine.pdbx_overall_SU_R_free_Cruickshank_DPI   ? 
_refine.pdbx_overall_SU_R_Blow_DPI               ? 
_refine.pdbx_overall_SU_R_free_Blow_DPI          ? 
# 
_refine_analyze.entry_id                        3US4 
_refine_analyze.Luzzati_coordinate_error_obs    0.253 
_refine_analyze.Luzzati_sigma_a_obs             ? 
_refine_analyze.Luzzati_d_res_low_obs           ? 
_refine_analyze.Luzzati_coordinate_error_free   ? 
_refine_analyze.Luzzati_sigma_a_free            ? 
_refine_analyze.Luzzati_d_res_low_free          ? 
_refine_analyze.number_disordered_residues      ? 
_refine_analyze.occupancy_sum_non_hydrogen      ? 
_refine_analyze.occupancy_sum_hydrogen          ? 
_refine_analyze.pdbx_Luzzati_d_res_high_obs     ? 
_refine_analyze.pdbx_refine_id                  'X-RAY DIFFRACTION' 
# 
_refine_hist.pdbx_refine_id                   'X-RAY DIFFRACTION' 
_refine_hist.cycle_id                         LAST 
_refine_hist.pdbx_number_atoms_protein        774 
_refine_hist.pdbx_number_atoms_nucleic_acid   0 
_refine_hist.pdbx_number_atoms_ligand         10 
_refine_hist.number_atoms_solvent             72 
_refine_hist.number_atoms_total               856 
_refine_hist.d_res_high                       1.5000 
_refine_hist.d_res_low                        25.593 
# 
loop_
_refine_ls_restr.type 
_refine_ls_restr.number 
_refine_ls_restr.dev_ideal 
_refine_ls_restr.dev_ideal_target 
_refine_ls_restr.weight 
_refine_ls_restr.pdbx_restraint_function 
_refine_ls_restr.pdbx_refine_id 
t_dihedral_angle_d        415  ?     ? 2.000  SINUSOIDAL   'X-RAY DIFFRACTION' 
t_trig_c_planes           19   ?     ? 2.000  HARMONIC     'X-RAY DIFFRACTION' 
t_gen_planes              139  ?     ? 5.000  HARMONIC     'X-RAY DIFFRACTION' 
t_it                      864  ?     ? 20.000 HARMONIC     'X-RAY DIFFRACTION' 
t_nbd                     ?    ?     ? ?      ?            'X-RAY DIFFRACTION' 
t_improper_torsion        ?    ?     ? ?      ?            'X-RAY DIFFRACTION' 
t_pseud_angle             ?    ?     ? ?      ?            'X-RAY DIFFRACTION' 
t_chiral_improper_torsion 105  ?     ? 5.000  SEMIHARMONIC 'X-RAY DIFFRACTION' 
t_sum_occupancies         ?    ?     ? ?      ?            'X-RAY DIFFRACTION' 
t_utility_distance        ?    ?     ? ?      ?            'X-RAY DIFFRACTION' 
t_utility_angle           ?    ?     ? ?      ?            'X-RAY DIFFRACTION' 
t_utility_torsion         ?    ?     ? ?      ?            'X-RAY DIFFRACTION' 
t_ideal_dist_contact      1069 ?     ? 4.000  SEMIHARMONIC 'X-RAY DIFFRACTION' 
t_bond_d                  864  0.010 ? 2.000  HARMONIC     'X-RAY DIFFRACTION' 
t_angle_deg               1183 0.980 ? 2.000  HARMONIC     'X-RAY DIFFRACTION' 
t_omega_torsion           ?    3.890 ? ?      ?            'X-RAY DIFFRACTION' 
t_other_torsion           ?    2.550 ? ?      ?            'X-RAY DIFFRACTION' 
# 
_refine_ls_shell.d_res_high                       1.5000 
_refine_ls_shell.d_res_low                        1.6200 
_refine_ls_shell.pdbx_total_number_of_bins_used   7 
_refine_ls_shell.percent_reflns_obs               97.3400 
_refine_ls_shell.number_reflns_R_work             2776 
_refine_ls_shell.R_factor_all                     0.2032 
_refine_ls_shell.R_factor_R_work                  0.2019 
_refine_ls_shell.R_factor_R_free                  0.2252 
_refine_ls_shell.percent_reflns_R_free            5.5100 
_refine_ls_shell.number_reflns_R_free             162 
_refine_ls_shell.R_factor_R_free_error            ? 
_refine_ls_shell.number_reflns_all                2938 
_refine_ls_shell.number_reflns_obs                ? 
_refine_ls_shell.redundancy_reflns_obs            ? 
_refine_ls_shell.pdbx_refine_id                   'X-RAY DIFFRACTION' 
# 
_struct.entry_id                  3US4 
_struct.title                     
'Crystal structure of a SH2 domain of a megakaryocyte-associated tyrosine kinase (MATK) from Homo sapiens at 1.50 A resolution' 
_struct.pdbx_model_details        ? 
_struct.pdbx_CASP_flag            ? 
_struct.pdbx_model_type_details   ? 
# 
_struct_keywords.text            
;SH2 domain, signaling protein, Structural Genomics, Joint Center for Structural Genomics, JCSG, Protein Structure Initiative, PSI-BIOLOGY, TRANSFERASE, Partnership for T-Cell Biology, TCELL
;
_struct_keywords.pdbx_keywords   TRANSFERASE 
_struct_keywords.entry_id        3US4 
# 
loop_
_struct_asym.id 
_struct_asym.pdbx_blank_PDB_chainid_flag 
_struct_asym.pdbx_modified 
_struct_asym.entity_id 
_struct_asym.details 
A N N 1 ? 
B N N 2 ? 
C N N 2 ? 
D N N 3 ? 
# 
_struct_ref.id                         1 
_struct_ref.db_name                    UNP 
_struct_ref.db_code                    MATK_HUMAN 
_struct_ref.pdbx_db_accession          P42679 
_struct_ref.entity_id                  1 
_struct_ref.pdbx_seq_one_letter_code   
;LSLMPWFHGKISGQEAVQQLQPPEDGLFLVRESARHPGDYVLCVSFGRDVIHYRVLHRDGHLTIDEAVFFCNLMDMVEHY
SKDKGAICTKLVRPKRK
;
_struct_ref.pdbx_align_begin           117 
_struct_ref.pdbx_db_isoform            ? 
# 
_struct_ref_seq.align_id                      1 
_struct_ref_seq.ref_id                        1 
_struct_ref_seq.pdbx_PDB_id_code              3US4 
_struct_ref_seq.pdbx_strand_id                A 
_struct_ref_seq.seq_align_beg                 2 
_struct_ref_seq.pdbx_seq_align_beg_ins_code   ? 
_struct_ref_seq.seq_align_end                 98 
_struct_ref_seq.pdbx_seq_align_end_ins_code   ? 
_struct_ref_seq.pdbx_db_accession             P42679 
_struct_ref_seq.db_align_beg                  117 
_struct_ref_seq.pdbx_db_align_beg_ins_code    ? 
_struct_ref_seq.db_align_end                  213 
_struct_ref_seq.pdbx_db_align_end_ins_code    ? 
_struct_ref_seq.pdbx_auth_seq_align_beg       117 
_struct_ref_seq.pdbx_auth_seq_align_end       213 
# 
_struct_ref_seq_dif.align_id                     1 
_struct_ref_seq_dif.pdbx_pdb_id_code             3US4 
_struct_ref_seq_dif.mon_id                       GLY 
_struct_ref_seq_dif.pdbx_pdb_strand_id           A 
_struct_ref_seq_dif.seq_num                      1 
_struct_ref_seq_dif.pdbx_pdb_ins_code            ? 
_struct_ref_seq_dif.pdbx_seq_db_name             UNP 
_struct_ref_seq_dif.pdbx_seq_db_accession_code   P42679 
_struct_ref_seq_dif.db_mon_id                    ? 
_struct_ref_seq_dif.pdbx_seq_db_seq_num          ? 
_struct_ref_seq_dif.details                      'expression tag' 
_struct_ref_seq_dif.pdbx_auth_seq_num            0 
_struct_ref_seq_dif.pdbx_ordinal                 1 
# 
loop_
_pdbx_struct_assembly.id 
_pdbx_struct_assembly.details 
_pdbx_struct_assembly.method_details 
_pdbx_struct_assembly.oligomeric_details 
_pdbx_struct_assembly.oligomeric_count 
1 author_defined_assembly   ?    monomeric 1 
2 software_defined_assembly PISA dimeric   2 
# 
loop_
_pdbx_struct_assembly_prop.biol_id 
_pdbx_struct_assembly_prop.type 
_pdbx_struct_assembly_prop.value 
_pdbx_struct_assembly_prop.details 
2 'ABSA (A^2)' 1790  ? 
2 MORE         -62   ? 
2 'SSA (A^2)'  10120 ? 
# 
loop_
_pdbx_struct_assembly_gen.assembly_id 
_pdbx_struct_assembly_gen.oper_expression 
_pdbx_struct_assembly_gen.asym_id_list 
1 1   A,B,C,D 
2 1,2 A,B,C,D 
# 
loop_
_pdbx_struct_oper_list.id 
_pdbx_struct_oper_list.type 
_pdbx_struct_oper_list.name 
_pdbx_struct_oper_list.symmetry_operation 
_pdbx_struct_oper_list.matrix[1][1] 
_pdbx_struct_oper_list.matrix[1][2] 
_pdbx_struct_oper_list.matrix[1][3] 
_pdbx_struct_oper_list.vector[1] 
_pdbx_struct_oper_list.matrix[2][1] 
_pdbx_struct_oper_list.matrix[2][2] 
_pdbx_struct_oper_list.matrix[2][3] 
_pdbx_struct_oper_list.vector[2] 
_pdbx_struct_oper_list.matrix[3][1] 
_pdbx_struct_oper_list.matrix[3][2] 
_pdbx_struct_oper_list.matrix[3][3] 
_pdbx_struct_oper_list.vector[3] 
1 'identity operation'         1_555 x,y,z   1.0000000000 0.0000000000  0.0000000000  0.0000000000   0.0000000000  1.0000000000  0.0000000000 0.0000000000   0.0000000000  0.0000000000 1.0000000000  0.0000000000   
2 'crystal symmetry operation' 2_555 -x,y,-z 0.4159712878 -0.7071071807 -0.5718105654 -15.4399889581 -0.7071071807 -0.6468850963 0.2855505336 -17.1348789962 -0.5718105654 0.2855505336 -0.7690861916 -17.0447796180 
# 
_struct_biol.id        1 
_struct_biol.details   ? 
# 
loop_
_struct_conf.conf_type_id 
_struct_conf.id 
_struct_conf.pdbx_PDB_helix_id 
_struct_conf.beg_label_comp_id 
_struct_conf.beg_label_asym_id 
_struct_conf.beg_label_seq_id 
_struct_conf.pdbx_beg_PDB_ins_code 
_struct_conf.end_label_comp_id 
_struct_conf.end_label_asym_id 
_struct_conf.end_label_seq_id 
_struct_conf.pdbx_end_PDB_ins_code 
_struct_conf.beg_auth_comp_id 
_struct_conf.beg_auth_asym_id 
_struct_conf.beg_auth_seq_id 
_struct_conf.end_auth_comp_id 
_struct_conf.end_auth_asym_id 
_struct_conf.end_auth_seq_id 
_struct_conf.pdbx_PDB_helix_class 
_struct_conf.details 
_struct_conf.pdbx_PDB_helix_length 
HELX_P HELX_P1 1 SER A 13 ? LEU A 21 ? SER A 128 LEU A 136 1 ? 9  
HELX_P HELX_P2 2 ASN A 73 ? ASP A 84 ? ASN A 188 ASP A 199 1 ? 12 
# 
_struct_conf_type.id          HELX_P 
_struct_conf_type.criteria    ? 
_struct_conf_type.reference   ? 
# 
loop_
_struct_conn.id 
_struct_conn.conn_type_id 
_struct_conn.pdbx_leaving_atom_flag 
_struct_conn.pdbx_PDB_id 
_struct_conn.ptnr1_label_asym_id 
_struct_conn.ptnr1_label_comp_id 
_struct_conn.ptnr1_label_seq_id 
_struct_conn.ptnr1_label_atom_id 
_struct_conn.pdbx_ptnr1_label_alt_id 
_struct_conn.pdbx_ptnr1_PDB_ins_code 
_struct_conn.pdbx_ptnr1_standard_comp_id 
_struct_conn.ptnr1_symmetry 
_struct_conn.ptnr2_label_asym_id 
_struct_conn.ptnr2_label_comp_id 
_struct_conn.ptnr2_label_seq_id 
_struct_conn.ptnr2_label_atom_id 
_struct_conn.pdbx_ptnr2_label_alt_id 
_struct_conn.pdbx_ptnr2_PDB_ins_code 
_struct_conn.ptnr1_auth_asym_id 
_struct_conn.ptnr1_auth_comp_id 
_struct_conn.ptnr1_auth_seq_id 
_struct_conn.ptnr2_auth_asym_id 
_struct_conn.ptnr2_auth_comp_id 
_struct_conn.ptnr2_auth_seq_id 
_struct_conn.ptnr2_symmetry 
_struct_conn.pdbx_ptnr3_label_atom_id 
_struct_conn.pdbx_ptnr3_label_seq_id 
_struct_conn.pdbx_ptnr3_label_comp_id 
_struct_conn.pdbx_ptnr3_label_asym_id 
_struct_conn.pdbx_ptnr3_label_alt_id 
_struct_conn.pdbx_ptnr3_PDB_ins_code 
_struct_conn.details 
_struct_conn.pdbx_dist_value 
_struct_conn.pdbx_value_order 
_struct_conn.pdbx_role 
covale1 covale both ? A LEU 4  C ? ? ? 1_555 A MSE 5  N ? ? A LEU 119 A MSE 120 1_555 ? ? ? ? ? ? ? 1.339 ? ? 
covale2 covale both ? A MSE 5  C ? ? ? 1_555 A PRO 6  N ? ? A MSE 120 A PRO 121 1_555 ? ? ? ? ? ? ? 1.359 ? ? 
covale3 covale both ? A LEU 74 C ? ? ? 1_555 A MSE 75 N ? ? A LEU 189 A MSE 190 1_555 ? ? ? ? ? ? ? 1.340 ? ? 
covale4 covale both ? A MSE 75 C ? ? ? 1_555 A ASP 76 N ? ? A MSE 190 A ASP 191 1_555 ? ? ? ? ? ? ? 1.352 ? ? 
covale5 covale both ? A ASP 76 C ? ? ? 1_555 A MSE 77 N ? ? A ASP 191 A MSE 192 1_555 ? ? ? ? ? ? ? 1.360 ? ? 
covale6 covale both ? A MSE 77 C ? ? ? 1_555 A VAL 78 N ? ? A MSE 192 A VAL 193 1_555 ? ? ? ? ? ? ? 1.331 ? ? 
# 
_struct_conn_type.id          covale 
_struct_conn_type.criteria    ? 
_struct_conn_type.reference   ? 
# 
loop_
_pdbx_modification_feature.ordinal 
_pdbx_modification_feature.label_comp_id 
_pdbx_modification_feature.label_asym_id 
_pdbx_modification_feature.label_seq_id 
_pdbx_modification_feature.label_alt_id 
_pdbx_modification_feature.modified_residue_label_comp_id 
_pdbx_modification_feature.modified_residue_label_asym_id 
_pdbx_modification_feature.modified_residue_label_seq_id 
_pdbx_modification_feature.modified_residue_label_alt_id 
_pdbx_modification_feature.auth_comp_id 
_pdbx_modification_feature.auth_asym_id 
_pdbx_modification_feature.auth_seq_id 
_pdbx_modification_feature.PDB_ins_code 
_pdbx_modification_feature.symmetry 
_pdbx_modification_feature.modified_residue_auth_comp_id 
_pdbx_modification_feature.modified_residue_auth_asym_id 
_pdbx_modification_feature.modified_residue_auth_seq_id 
_pdbx_modification_feature.modified_residue_PDB_ins_code 
_pdbx_modification_feature.modified_residue_symmetry 
_pdbx_modification_feature.comp_id_linking_atom 
_pdbx_modification_feature.modified_residue_id_linking_atom 
_pdbx_modification_feature.modified_residue_id 
_pdbx_modification_feature.ref_pcm_id 
_pdbx_modification_feature.ref_comp_id 
_pdbx_modification_feature.type 
_pdbx_modification_feature.category 
1 MSE A 5  ? . . . . MSE A 120 ? 1_555 . . . . . . . MET 1 MSE Selenomethionine 'Named protein modification' 
2 MSE A 75 ? . . . . MSE A 190 ? 1_555 . . . . . . . MET 1 MSE Selenomethionine 'Named protein modification' 
3 MSE A 77 ? . . . . MSE A 192 ? 1_555 . . . . . . . MET 1 MSE Selenomethionine 'Named protein modification' 
# 
_struct_mon_prot_cis.pdbx_id                1 
_struct_mon_prot_cis.label_comp_id          GLN 
_struct_mon_prot_cis.label_seq_id           22 
_struct_mon_prot_cis.label_asym_id          A 
_struct_mon_prot_cis.label_alt_id           . 
_struct_mon_prot_cis.pdbx_PDB_ins_code      ? 
_struct_mon_prot_cis.auth_comp_id           GLN 
_struct_mon_prot_cis.auth_seq_id            137 
_struct_mon_prot_cis.auth_asym_id           A 
_struct_mon_prot_cis.pdbx_label_comp_id_2   PRO 
_struct_mon_prot_cis.pdbx_label_seq_id_2    23 
_struct_mon_prot_cis.pdbx_label_asym_id_2   A 
_struct_mon_prot_cis.pdbx_PDB_ins_code_2    ? 
_struct_mon_prot_cis.pdbx_auth_comp_id_2    PRO 
_struct_mon_prot_cis.pdbx_auth_seq_id_2     138 
_struct_mon_prot_cis.pdbx_auth_asym_id_2    A 
_struct_mon_prot_cis.pdbx_PDB_model_num     1 
_struct_mon_prot_cis.pdbx_omega_angle       2.19 
# 
_struct_sheet.id               A 
_struct_sheet.type             ? 
_struct_sheet.number_strands   5 
_struct_sheet.details          ? 
# 
loop_
_struct_sheet_order.sheet_id 
_struct_sheet_order.range_id_1 
_struct_sheet_order.range_id_2 
_struct_sheet_order.offset 
_struct_sheet_order.sense 
A 1 2 ? anti-parallel 
A 2 3 ? anti-parallel 
A 3 4 ? anti-parallel 
A 4 5 ? anti-parallel 
# 
loop_
_struct_sheet_range.sheet_id 
_struct_sheet_range.id 
_struct_sheet_range.beg_label_comp_id 
_struct_sheet_range.beg_label_asym_id 
_struct_sheet_range.beg_label_seq_id 
_struct_sheet_range.pdbx_beg_PDB_ins_code 
_struct_sheet_range.end_label_comp_id 
_struct_sheet_range.end_label_asym_id 
_struct_sheet_range.end_label_seq_id 
_struct_sheet_range.pdbx_end_PDB_ins_code 
_struct_sheet_range.beg_auth_comp_id 
_struct_sheet_range.beg_auth_asym_id 
_struct_sheet_range.beg_auth_seq_id 
_struct_sheet_range.end_auth_comp_id 
_struct_sheet_range.end_auth_asym_id 
_struct_sheet_range.end_auth_seq_id 
A 1 PHE A 29 ? GLU A 33 ? PHE A 144 GLU A 148 
A 2 TYR A 41 ? PHE A 47 ? TYR A 156 PHE A 162 
A 3 ASP A 50 ? ARG A 59 ? ASP A 165 ARG A 174 
A 4 HIS A 62 ? THR A 64 ? HIS A 177 THR A 179 
A 5 PHE A 70 ? PHE A 71 ? PHE A 185 PHE A 186 
# 
loop_
_pdbx_struct_sheet_hbond.sheet_id 
_pdbx_struct_sheet_hbond.range_id_1 
_pdbx_struct_sheet_hbond.range_id_2 
_pdbx_struct_sheet_hbond.range_1_label_atom_id 
_pdbx_struct_sheet_hbond.range_1_label_comp_id 
_pdbx_struct_sheet_hbond.range_1_label_asym_id 
_pdbx_struct_sheet_hbond.range_1_label_seq_id 
_pdbx_struct_sheet_hbond.range_1_PDB_ins_code 
_pdbx_struct_sheet_hbond.range_1_auth_atom_id 
_pdbx_struct_sheet_hbond.range_1_auth_comp_id 
_pdbx_struct_sheet_hbond.range_1_auth_asym_id 
_pdbx_struct_sheet_hbond.range_1_auth_seq_id 
_pdbx_struct_sheet_hbond.range_2_label_atom_id 
_pdbx_struct_sheet_hbond.range_2_label_comp_id 
_pdbx_struct_sheet_hbond.range_2_label_asym_id 
_pdbx_struct_sheet_hbond.range_2_label_seq_id 
_pdbx_struct_sheet_hbond.range_2_PDB_ins_code 
_pdbx_struct_sheet_hbond.range_2_auth_atom_id 
_pdbx_struct_sheet_hbond.range_2_auth_comp_id 
_pdbx_struct_sheet_hbond.range_2_auth_asym_id 
_pdbx_struct_sheet_hbond.range_2_auth_seq_id 
A 1 2 N LEU A 30 ? N LEU A 145 O CYS A 44 ? O CYS A 159 
A 2 3 N VAL A 45 ? N VAL A 160 O ILE A 52 ? O ILE A 167 
A 3 4 N ARG A 59 ? N ARG A 174 O HIS A 62 ? O HIS A 177 
A 4 5 N LEU A 63 ? N LEU A 178 O PHE A 71 ? O PHE A 186 
# 
loop_
_struct_site.id 
_struct_site.pdbx_evidence_code 
_struct_site.pdbx_auth_asym_id 
_struct_site.pdbx_auth_comp_id 
_struct_site.pdbx_auth_seq_id 
_struct_site.pdbx_auth_ins_code 
_struct_site.pdbx_num_residues 
_struct_site.details 
AC1 Software A SO4 508 ? 7 'BINDING SITE FOR RESIDUE SO4 A 508' 
AC2 Software A SO4 509 ? 5 'BINDING SITE FOR RESIDUE SO4 A 509' 
# 
loop_
_struct_site_gen.id 
_struct_site_gen.site_id 
_struct_site_gen.pdbx_num_res 
_struct_site_gen.label_comp_id 
_struct_site_gen.label_asym_id 
_struct_site_gen.label_seq_id 
_struct_site_gen.pdbx_auth_ins_code 
_struct_site_gen.auth_comp_id 
_struct_site_gen.auth_asym_id 
_struct_site_gen.auth_seq_id 
_struct_site_gen.label_atom_id 
_struct_site_gen.label_alt_id 
_struct_site_gen.symmetry 
_struct_site_gen.details 
1  AC1 7 HIS A 58 ? HIS A 173 . ? 4_546 ? 
2  AC1 7 ASP A 60 ? ASP A 175 . ? 4_546 ? 
3  AC1 7 GLY A 61 ? GLY A 176 . ? 4_546 ? 
4  AC1 7 ARG A 94 ? ARG A 209 . ? 1_555 ? 
5  AC1 7 LYS A 96 ? LYS A 211 . ? 1_555 ? 
6  AC1 7 ARG A 97 ? ARG A 212 . ? 1_555 ? 
7  AC1 7 HOH D .  ? HOH A 553 . ? 1_555 ? 
8  AC2 5 ARG A 32 ? ARG A 147 . ? 1_555 ? 
9  AC2 5 SER A 34 ? SER A 149 . ? 1_555 ? 
10 AC2 5 ALA A 35 ? ALA A 150 . ? 1_555 ? 
11 AC2 5 ARG A 36 ? ARG A 151 . ? 1_555 ? 
12 AC2 5 HOH D .  ? HOH A 533 . ? 1_555 ? 
# 
_pdbx_entry_details.entry_id                   3US4 
_pdbx_entry_details.compound_details           ? 
_pdbx_entry_details.source_details             ? 
_pdbx_entry_details.nonpolymer_details         ? 
_pdbx_entry_details.sequence_details           
;THE CONSTRUCT (RESIDUES 117-213) WAS EXPRESSED WITH A PURIFICATION TAG MGSDKIHHHHHHENLYFQG. THE TAG WAS REMOVED WITH TEV PROTEASE LEAVING ONLY A GLYCINE (0) FOLLOWED BY THE TARGET SEQUENCE. RESIDUE NUMBERING IS BASED ON UNIPROTKB ID P42679.
;
_pdbx_entry_details.has_ligand_of_interest     ? 
_pdbx_entry_details.has_protein_modification   Y 
# 
_pdbx_validate_torsion.id              1 
_pdbx_validate_torsion.PDB_model_num   1 
_pdbx_validate_torsion.auth_comp_id    VAL 
_pdbx_validate_torsion.auth_asym_id    A 
_pdbx_validate_torsion.auth_seq_id     208 
_pdbx_validate_torsion.PDB_ins_code    ? 
_pdbx_validate_torsion.label_alt_id    ? 
_pdbx_validate_torsion.phi             -119.48 
_pdbx_validate_torsion.psi             -94.44 
# 
loop_
_pdbx_SG_project.project_name 
_pdbx_SG_project.full_name_of_center 
_pdbx_SG_project.id 
_pdbx_SG_project.initial_of_center 
PSI:Biology 'Joint Center for Structural Genomics' 1 JCSG  
PSI:Biology 'Partnership for T-Cell Biology'       2 TCELL 
# 
loop_
_pdbx_struct_mod_residue.id 
_pdbx_struct_mod_residue.label_asym_id 
_pdbx_struct_mod_residue.label_comp_id 
_pdbx_struct_mod_residue.label_seq_id 
_pdbx_struct_mod_residue.auth_asym_id 
_pdbx_struct_mod_residue.auth_comp_id 
_pdbx_struct_mod_residue.auth_seq_id 
_pdbx_struct_mod_residue.PDB_ins_code 
_pdbx_struct_mod_residue.parent_comp_id 
_pdbx_struct_mod_residue.details 
1 A MSE 5  A MSE 120 ? MET SELENOMETHIONINE 
2 A MSE 75 A MSE 190 ? MET SELENOMETHIONINE 
3 A MSE 77 A MSE 192 ? MET SELENOMETHIONINE 
# 
loop_
_pdbx_struct_special_symmetry.id 
_pdbx_struct_special_symmetry.PDB_model_num 
_pdbx_struct_special_symmetry.auth_asym_id 
_pdbx_struct_special_symmetry.auth_comp_id 
_pdbx_struct_special_symmetry.auth_seq_id 
_pdbx_struct_special_symmetry.PDB_ins_code 
_pdbx_struct_special_symmetry.label_asym_id 
_pdbx_struct_special_symmetry.label_comp_id 
_pdbx_struct_special_symmetry.label_seq_id 
1 1 A HOH 566 ? D HOH . 
2 1 A HOH 576 ? D HOH . 
# 
_pdbx_refine_tls.pdbx_refine_id   'X-RAY DIFFRACTION' 
_pdbx_refine_tls.id               1 
_pdbx_refine_tls.details          ? 
_pdbx_refine_tls.method           refined 
_pdbx_refine_tls.origin_x         0.1122 
_pdbx_refine_tls.origin_y         -0.0066 
_pdbx_refine_tls.origin_z         0.1558 
_pdbx_refine_tls.T[1][1]          -0.1235 
_pdbx_refine_tls.T[2][2]          -0.0981 
_pdbx_refine_tls.T[3][3]          -0.0793 
_pdbx_refine_tls.T[1][2]          -0.0014 
_pdbx_refine_tls.T[1][3]          0.0015 
_pdbx_refine_tls.T[2][3]          0.0272 
_pdbx_refine_tls.L[1][1]          5.5895 
_pdbx_refine_tls.L[2][2]          3.6600 
_pdbx_refine_tls.L[3][3]          7.2958 
_pdbx_refine_tls.L[1][2]          2.2701 
_pdbx_refine_tls.L[1][3]          2.3262 
_pdbx_refine_tls.L[2][3]          2.1031 
_pdbx_refine_tls.S[1][1]          -0.1554 
_pdbx_refine_tls.S[2][2]          0.0174 
_pdbx_refine_tls.S[3][3]          0.1380 
_pdbx_refine_tls.S[1][2]          -0.3135 
_pdbx_refine_tls.S[1][3]          0.1688 
_pdbx_refine_tls.S[2][3]          0.1911 
_pdbx_refine_tls.S[2][1]          -0.1317 
_pdbx_refine_tls.S[3][1]          0.0188 
_pdbx_refine_tls.S[3][2]          -0.2266 
# 
_pdbx_refine_tls_group.id                  1 
_pdbx_refine_tls_group.refine_tls_id       1 
_pdbx_refine_tls_group.beg_auth_asym_id    ? 
_pdbx_refine_tls_group.beg_auth_seq_id     ? 
_pdbx_refine_tls_group.beg_label_asym_id   ? 
_pdbx_refine_tls_group.beg_label_seq_id    ? 
_pdbx_refine_tls_group.end_auth_asym_id    ? 
_pdbx_refine_tls_group.end_auth_seq_id     ? 
_pdbx_refine_tls_group.end_label_asym_id   ? 
_pdbx_refine_tls_group.end_label_seq_id    ? 
_pdbx_refine_tls_group.selection           ? 
_pdbx_refine_tls_group.selection_details   'chain A' 
_pdbx_refine_tls_group.pdbx_refine_id      'X-RAY DIFFRACTION' 
# 
_phasing.method   MAD 
# 
_pdbx_unobs_or_zero_occ_residues.id               1 
_pdbx_unobs_or_zero_occ_residues.PDB_model_num    1 
_pdbx_unobs_or_zero_occ_residues.polymer_flag     Y 
_pdbx_unobs_or_zero_occ_residues.occupancy_flag   1 
_pdbx_unobs_or_zero_occ_residues.auth_asym_id     A 
_pdbx_unobs_or_zero_occ_residues.auth_comp_id     GLY 
_pdbx_unobs_or_zero_occ_residues.auth_seq_id      0 
_pdbx_unobs_or_zero_occ_residues.PDB_ins_code     ? 
_pdbx_unobs_or_zero_occ_residues.label_asym_id    A 
_pdbx_unobs_or_zero_occ_residues.label_comp_id    GLY 
_pdbx_unobs_or_zero_occ_residues.label_seq_id     1 
# 
loop_
_chem_comp_atom.comp_id 
_chem_comp_atom.atom_id 
_chem_comp_atom.type_symbol 
_chem_comp_atom.pdbx_aromatic_flag 
_chem_comp_atom.pdbx_stereo_config 
_chem_comp_atom.pdbx_ordinal 
ALA N    N  N N 1   
ALA CA   C  N S 2   
ALA C    C  N N 3   
ALA O    O  N N 4   
ALA CB   C  N N 5   
ALA OXT  O  N N 6   
ALA H    H  N N 7   
ALA H2   H  N N 8   
ALA HA   H  N N 9   
ALA HB1  H  N N 10  
ALA HB2  H  N N 11  
ALA HB3  H  N N 12  
ALA HXT  H  N N 13  
ARG N    N  N N 14  
ARG CA   C  N S 15  
ARG C    C  N N 16  
ARG O    O  N N 17  
ARG CB   C  N N 18  
ARG CG   C  N N 19  
ARG CD   C  N N 20  
ARG NE   N  N N 21  
ARG CZ   C  N N 22  
ARG NH1  N  N N 23  
ARG NH2  N  N N 24  
ARG OXT  O  N N 25  
ARG H    H  N N 26  
ARG H2   H  N N 27  
ARG HA   H  N N 28  
ARG HB2  H  N N 29  
ARG HB3  H  N N 30  
ARG HG2  H  N N 31  
ARG HG3  H  N N 32  
ARG HD2  H  N N 33  
ARG HD3  H  N N 34  
ARG HE   H  N N 35  
ARG HH11 H  N N 36  
ARG HH12 H  N N 37  
ARG HH21 H  N N 38  
ARG HH22 H  N N 39  
ARG HXT  H  N N 40  
ASN N    N  N N 41  
ASN CA   C  N S 42  
ASN C    C  N N 43  
ASN O    O  N N 44  
ASN CB   C  N N 45  
ASN CG   C  N N 46  
ASN OD1  O  N N 47  
ASN ND2  N  N N 48  
ASN OXT  O  N N 49  
ASN H    H  N N 50  
ASN H2   H  N N 51  
ASN HA   H  N N 52  
ASN HB2  H  N N 53  
ASN HB3  H  N N 54  
ASN HD21 H  N N 55  
ASN HD22 H  N N 56  
ASN HXT  H  N N 57  
ASP N    N  N N 58  
ASP CA   C  N S 59  
ASP C    C  N N 60  
ASP O    O  N N 61  
ASP CB   C  N N 62  
ASP CG   C  N N 63  
ASP OD1  O  N N 64  
ASP OD2  O  N N 65  
ASP OXT  O  N N 66  
ASP H    H  N N 67  
ASP H2   H  N N 68  
ASP HA   H  N N 69  
ASP HB2  H  N N 70  
ASP HB3  H  N N 71  
ASP HD2  H  N N 72  
ASP HXT  H  N N 73  
CYS N    N  N N 74  
CYS CA   C  N R 75  
CYS C    C  N N 76  
CYS O    O  N N 77  
CYS CB   C  N N 78  
CYS SG   S  N N 79  
CYS OXT  O  N N 80  
CYS H    H  N N 81  
CYS H2   H  N N 82  
CYS HA   H  N N 83  
CYS HB2  H  N N 84  
CYS HB3  H  N N 85  
CYS HG   H  N N 86  
CYS HXT  H  N N 87  
GLN N    N  N N 88  
GLN CA   C  N S 89  
GLN C    C  N N 90  
GLN O    O  N N 91  
GLN CB   C  N N 92  
GLN CG   C  N N 93  
GLN CD   C  N N 94  
GLN OE1  O  N N 95  
GLN NE2  N  N N 96  
GLN OXT  O  N N 97  
GLN H    H  N N 98  
GLN H2   H  N N 99  
GLN HA   H  N N 100 
GLN HB2  H  N N 101 
GLN HB3  H  N N 102 
GLN HG2  H  N N 103 
GLN HG3  H  N N 104 
GLN HE21 H  N N 105 
GLN HE22 H  N N 106 
GLN HXT  H  N N 107 
GLU N    N  N N 108 
GLU CA   C  N S 109 
GLU C    C  N N 110 
GLU O    O  N N 111 
GLU CB   C  N N 112 
GLU CG   C  N N 113 
GLU CD   C  N N 114 
GLU OE1  O  N N 115 
GLU OE2  O  N N 116 
GLU OXT  O  N N 117 
GLU H    H  N N 118 
GLU H2   H  N N 119 
GLU HA   H  N N 120 
GLU HB2  H  N N 121 
GLU HB3  H  N N 122 
GLU HG2  H  N N 123 
GLU HG3  H  N N 124 
GLU HE2  H  N N 125 
GLU HXT  H  N N 126 
GLY N    N  N N 127 
GLY CA   C  N N 128 
GLY C    C  N N 129 
GLY O    O  N N 130 
GLY OXT  O  N N 131 
GLY H    H  N N 132 
GLY H2   H  N N 133 
GLY HA2  H  N N 134 
GLY HA3  H  N N 135 
GLY HXT  H  N N 136 
HIS N    N  N N 137 
HIS CA   C  N S 138 
HIS C    C  N N 139 
HIS O    O  N N 140 
HIS CB   C  N N 141 
HIS CG   C  Y N 142 
HIS ND1  N  Y N 143 
HIS CD2  C  Y N 144 
HIS CE1  C  Y N 145 
HIS NE2  N  Y N 146 
HIS OXT  O  N N 147 
HIS H    H  N N 148 
HIS H2   H  N N 149 
HIS HA   H  N N 150 
HIS HB2  H  N N 151 
HIS HB3  H  N N 152 
HIS HD1  H  N N 153 
HIS HD2  H  N N 154 
HIS HE1  H  N N 155 
HIS HE2  H  N N 156 
HIS HXT  H  N N 157 
HOH O    O  N N 158 
HOH H1   H  N N 159 
HOH H2   H  N N 160 
ILE N    N  N N 161 
ILE CA   C  N S 162 
ILE C    C  N N 163 
ILE O    O  N N 164 
ILE CB   C  N S 165 
ILE CG1  C  N N 166 
ILE CG2  C  N N 167 
ILE CD1  C  N N 168 
ILE OXT  O  N N 169 
ILE H    H  N N 170 
ILE H2   H  N N 171 
ILE HA   H  N N 172 
ILE HB   H  N N 173 
ILE HG12 H  N N 174 
ILE HG13 H  N N 175 
ILE HG21 H  N N 176 
ILE HG22 H  N N 177 
ILE HG23 H  N N 178 
ILE HD11 H  N N 179 
ILE HD12 H  N N 180 
ILE HD13 H  N N 181 
ILE HXT  H  N N 182 
LEU N    N  N N 183 
LEU CA   C  N S 184 
LEU C    C  N N 185 
LEU O    O  N N 186 
LEU CB   C  N N 187 
LEU CG   C  N N 188 
LEU CD1  C  N N 189 
LEU CD2  C  N N 190 
LEU OXT  O  N N 191 
LEU H    H  N N 192 
LEU H2   H  N N 193 
LEU HA   H  N N 194 
LEU HB2  H  N N 195 
LEU HB3  H  N N 196 
LEU HG   H  N N 197 
LEU HD11 H  N N 198 
LEU HD12 H  N N 199 
LEU HD13 H  N N 200 
LEU HD21 H  N N 201 
LEU HD22 H  N N 202 
LEU HD23 H  N N 203 
LEU HXT  H  N N 204 
LYS N    N  N N 205 
LYS CA   C  N S 206 
LYS C    C  N N 207 
LYS O    O  N N 208 
LYS CB   C  N N 209 
LYS CG   C  N N 210 
LYS CD   C  N N 211 
LYS CE   C  N N 212 
LYS NZ   N  N N 213 
LYS OXT  O  N N 214 
LYS H    H  N N 215 
LYS H2   H  N N 216 
LYS HA   H  N N 217 
LYS HB2  H  N N 218 
LYS HB3  H  N N 219 
LYS HG2  H  N N 220 
LYS HG3  H  N N 221 
LYS HD2  H  N N 222 
LYS HD3  H  N N 223 
LYS HE2  H  N N 224 
LYS HE3  H  N N 225 
LYS HZ1  H  N N 226 
LYS HZ2  H  N N 227 
LYS HZ3  H  N N 228 
LYS HXT  H  N N 229 
MSE N    N  N N 230 
MSE CA   C  N S 231 
MSE C    C  N N 232 
MSE O    O  N N 233 
MSE OXT  O  N N 234 
MSE CB   C  N N 235 
MSE CG   C  N N 236 
MSE SE   SE N N 237 
MSE CE   C  N N 238 
MSE H    H  N N 239 
MSE H2   H  N N 240 
MSE HA   H  N N 241 
MSE HXT  H  N N 242 
MSE HB2  H  N N 243 
MSE HB3  H  N N 244 
MSE HG2  H  N N 245 
MSE HG3  H  N N 246 
MSE HE1  H  N N 247 
MSE HE2  H  N N 248 
MSE HE3  H  N N 249 
PHE N    N  N N 250 
PHE CA   C  N S 251 
PHE C    C  N N 252 
PHE O    O  N N 253 
PHE CB   C  N N 254 
PHE CG   C  Y N 255 
PHE CD1  C  Y N 256 
PHE CD2  C  Y N 257 
PHE CE1  C  Y N 258 
PHE CE2  C  Y N 259 
PHE CZ   C  Y N 260 
PHE OXT  O  N N 261 
PHE H    H  N N 262 
PHE H2   H  N N 263 
PHE HA   H  N N 264 
PHE HB2  H  N N 265 
PHE HB3  H  N N 266 
PHE HD1  H  N N 267 
PHE HD2  H  N N 268 
PHE HE1  H  N N 269 
PHE HE2  H  N N 270 
PHE HZ   H  N N 271 
PHE HXT  H  N N 272 
PRO N    N  N N 273 
PRO CA   C  N S 274 
PRO C    C  N N 275 
PRO O    O  N N 276 
PRO CB   C  N N 277 
PRO CG   C  N N 278 
PRO CD   C  N N 279 
PRO OXT  O  N N 280 
PRO H    H  N N 281 
PRO HA   H  N N 282 
PRO HB2  H  N N 283 
PRO HB3  H  N N 284 
PRO HG2  H  N N 285 
PRO HG3  H  N N 286 
PRO HD2  H  N N 287 
PRO HD3  H  N N 288 
PRO HXT  H  N N 289 
SER N    N  N N 290 
SER CA   C  N S 291 
SER C    C  N N 292 
SER O    O  N N 293 
SER CB   C  N N 294 
SER OG   O  N N 295 
SER OXT  O  N N 296 
SER H    H  N N 297 
SER H2   H  N N 298 
SER HA   H  N N 299 
SER HB2  H  N N 300 
SER HB3  H  N N 301 
SER HG   H  N N 302 
SER HXT  H  N N 303 
SO4 S    S  N N 304 
SO4 O1   O  N N 305 
SO4 O2   O  N N 306 
SO4 O3   O  N N 307 
SO4 O4   O  N N 308 
THR N    N  N N 309 
THR CA   C  N S 310 
THR C    C  N N 311 
THR O    O  N N 312 
THR CB   C  N R 313 
THR OG1  O  N N 314 
THR CG2  C  N N 315 
THR OXT  O  N N 316 
THR H    H  N N 317 
THR H2   H  N N 318 
THR HA   H  N N 319 
THR HB   H  N N 320 
THR HG1  H  N N 321 
THR HG21 H  N N 322 
THR HG22 H  N N 323 
THR HG23 H  N N 324 
THR HXT  H  N N 325 
TRP N    N  N N 326 
TRP CA   C  N S 327 
TRP C    C  N N 328 
TRP O    O  N N 329 
TRP CB   C  N N 330 
TRP CG   C  Y N 331 
TRP CD1  C  Y N 332 
TRP CD2  C  Y N 333 
TRP NE1  N  Y N 334 
TRP CE2  C  Y N 335 
TRP CE3  C  Y N 336 
TRP CZ2  C  Y N 337 
TRP CZ3  C  Y N 338 
TRP CH2  C  Y N 339 
TRP OXT  O  N N 340 
TRP H    H  N N 341 
TRP H2   H  N N 342 
TRP HA   H  N N 343 
TRP HB2  H  N N 344 
TRP HB3  H  N N 345 
TRP HD1  H  N N 346 
TRP HE1  H  N N 347 
TRP HE3  H  N N 348 
TRP HZ2  H  N N 349 
TRP HZ3  H  N N 350 
TRP HH2  H  N N 351 
TRP HXT  H  N N 352 
TYR N    N  N N 353 
TYR CA   C  N S 354 
TYR C    C  N N 355 
TYR O    O  N N 356 
TYR CB   C  N N 357 
TYR CG   C  Y N 358 
TYR CD1  C  Y N 359 
TYR CD2  C  Y N 360 
TYR CE1  C  Y N 361 
TYR CE2  C  Y N 362 
TYR CZ   C  Y N 363 
TYR OH   O  N N 364 
TYR OXT  O  N N 365 
TYR H    H  N N 366 
TYR H2   H  N N 367 
TYR HA   H  N N 368 
TYR HB2  H  N N 369 
TYR HB3  H  N N 370 
TYR HD1  H  N N 371 
TYR HD2  H  N N 372 
TYR HE1  H  N N 373 
TYR HE2  H  N N 374 
TYR HH   H  N N 375 
TYR HXT  H  N N 376 
VAL N    N  N N 377 
VAL CA   C  N S 378 
VAL C    C  N N 379 
VAL O    O  N N 380 
VAL CB   C  N N 381 
VAL CG1  C  N N 382 
VAL CG2  C  N N 383 
VAL OXT  O  N N 384 
VAL H    H  N N 385 
VAL H2   H  N N 386 
VAL HA   H  N N 387 
VAL HB   H  N N 388 
VAL HG11 H  N N 389 
VAL HG12 H  N N 390 
VAL HG13 H  N N 391 
VAL HG21 H  N N 392 
VAL HG22 H  N N 393 
VAL HG23 H  N N 394 
VAL HXT  H  N N 395 
# 
loop_
_chem_comp_bond.comp_id 
_chem_comp_bond.atom_id_1 
_chem_comp_bond.atom_id_2 
_chem_comp_bond.value_order 
_chem_comp_bond.pdbx_aromatic_flag 
_chem_comp_bond.pdbx_stereo_config 
_chem_comp_bond.pdbx_ordinal 
ALA N   CA   sing N N 1   
ALA N   H    sing N N 2   
ALA N   H2   sing N N 3   
ALA CA  C    sing N N 4   
ALA CA  CB   sing N N 5   
ALA CA  HA   sing N N 6   
ALA C   O    doub N N 7   
ALA C   OXT  sing N N 8   
ALA CB  HB1  sing N N 9   
ALA CB  HB2  sing N N 10  
ALA CB  HB3  sing N N 11  
ALA OXT HXT  sing N N 12  
ARG N   CA   sing N N 13  
ARG N   H    sing N N 14  
ARG N   H2   sing N N 15  
ARG CA  C    sing N N 16  
ARG CA  CB   sing N N 17  
ARG CA  HA   sing N N 18  
ARG C   O    doub N N 19  
ARG C   OXT  sing N N 20  
ARG CB  CG   sing N N 21  
ARG CB  HB2  sing N N 22  
ARG CB  HB3  sing N N 23  
ARG CG  CD   sing N N 24  
ARG CG  HG2  sing N N 25  
ARG CG  HG3  sing N N 26  
ARG CD  NE   sing N N 27  
ARG CD  HD2  sing N N 28  
ARG CD  HD3  sing N N 29  
ARG NE  CZ   sing N N 30  
ARG NE  HE   sing N N 31  
ARG CZ  NH1  sing N N 32  
ARG CZ  NH2  doub N N 33  
ARG NH1 HH11 sing N N 34  
ARG NH1 HH12 sing N N 35  
ARG NH2 HH21 sing N N 36  
ARG NH2 HH22 sing N N 37  
ARG OXT HXT  sing N N 38  
ASN N   CA   sing N N 39  
ASN N   H    sing N N 40  
ASN N   H2   sing N N 41  
ASN CA  C    sing N N 42  
ASN CA  CB   sing N N 43  
ASN CA  HA   sing N N 44  
ASN C   O    doub N N 45  
ASN C   OXT  sing N N 46  
ASN CB  CG   sing N N 47  
ASN CB  HB2  sing N N 48  
ASN CB  HB3  sing N N 49  
ASN CG  OD1  doub N N 50  
ASN CG  ND2  sing N N 51  
ASN ND2 HD21 sing N N 52  
ASN ND2 HD22 sing N N 53  
ASN OXT HXT  sing N N 54  
ASP N   CA   sing N N 55  
ASP N   H    sing N N 56  
ASP N   H2   sing N N 57  
ASP CA  C    sing N N 58  
ASP CA  CB   sing N N 59  
ASP CA  HA   sing N N 60  
ASP C   O    doub N N 61  
ASP C   OXT  sing N N 62  
ASP CB  CG   sing N N 63  
ASP CB  HB2  sing N N 64  
ASP CB  HB3  sing N N 65  
ASP CG  OD1  doub N N 66  
ASP CG  OD2  sing N N 67  
ASP OD2 HD2  sing N N 68  
ASP OXT HXT  sing N N 69  
CYS N   CA   sing N N 70  
CYS N   H    sing N N 71  
CYS N   H2   sing N N 72  
CYS CA  C    sing N N 73  
CYS CA  CB   sing N N 74  
CYS CA  HA   sing N N 75  
CYS C   O    doub N N 76  
CYS C   OXT  sing N N 77  
CYS CB  SG   sing N N 78  
CYS CB  HB2  sing N N 79  
CYS CB  HB3  sing N N 80  
CYS SG  HG   sing N N 81  
CYS OXT HXT  sing N N 82  
GLN N   CA   sing N N 83  
GLN N   H    sing N N 84  
GLN N   H2   sing N N 85  
GLN CA  C    sing N N 86  
GLN CA  CB   sing N N 87  
GLN CA  HA   sing N N 88  
GLN C   O    doub N N 89  
GLN C   OXT  sing N N 90  
GLN CB  CG   sing N N 91  
GLN CB  HB2  sing N N 92  
GLN CB  HB3  sing N N 93  
GLN CG  CD   sing N N 94  
GLN CG  HG2  sing N N 95  
GLN CG  HG3  sing N N 96  
GLN CD  OE1  doub N N 97  
GLN CD  NE2  sing N N 98  
GLN NE2 HE21 sing N N 99  
GLN NE2 HE22 sing N N 100 
GLN OXT HXT  sing N N 101 
GLU N   CA   sing N N 102 
GLU N   H    sing N N 103 
GLU N   H2   sing N N 104 
GLU CA  C    sing N N 105 
GLU CA  CB   sing N N 106 
GLU CA  HA   sing N N 107 
GLU C   O    doub N N 108 
GLU C   OXT  sing N N 109 
GLU CB  CG   sing N N 110 
GLU CB  HB2  sing N N 111 
GLU CB  HB3  sing N N 112 
GLU CG  CD   sing N N 113 
GLU CG  HG2  sing N N 114 
GLU CG  HG3  sing N N 115 
GLU CD  OE1  doub N N 116 
GLU CD  OE2  sing N N 117 
GLU OE2 HE2  sing N N 118 
GLU OXT HXT  sing N N 119 
GLY N   CA   sing N N 120 
GLY N   H    sing N N 121 
GLY N   H2   sing N N 122 
GLY CA  C    sing N N 123 
GLY CA  HA2  sing N N 124 
GLY CA  HA3  sing N N 125 
GLY C   O    doub N N 126 
GLY C   OXT  sing N N 127 
GLY OXT HXT  sing N N 128 
HIS N   CA   sing N N 129 
HIS N   H    sing N N 130 
HIS N   H2   sing N N 131 
HIS CA  C    sing N N 132 
HIS CA  CB   sing N N 133 
HIS CA  HA   sing N N 134 
HIS C   O    doub N N 135 
HIS C   OXT  sing N N 136 
HIS CB  CG   sing N N 137 
HIS CB  HB2  sing N N 138 
HIS CB  HB3  sing N N 139 
HIS CG  ND1  sing Y N 140 
HIS CG  CD2  doub Y N 141 
HIS ND1 CE1  doub Y N 142 
HIS ND1 HD1  sing N N 143 
HIS CD2 NE2  sing Y N 144 
HIS CD2 HD2  sing N N 145 
HIS CE1 NE2  sing Y N 146 
HIS CE1 HE1  sing N N 147 
HIS NE2 HE2  sing N N 148 
HIS OXT HXT  sing N N 149 
HOH O   H1   sing N N 150 
HOH O   H2   sing N N 151 
ILE N   CA   sing N N 152 
ILE N   H    sing N N 153 
ILE N   H2   sing N N 154 
ILE CA  C    sing N N 155 
ILE CA  CB   sing N N 156 
ILE CA  HA   sing N N 157 
ILE C   O    doub N N 158 
ILE C   OXT  sing N N 159 
ILE CB  CG1  sing N N 160 
ILE CB  CG2  sing N N 161 
ILE CB  HB   sing N N 162 
ILE CG1 CD1  sing N N 163 
ILE CG1 HG12 sing N N 164 
ILE CG1 HG13 sing N N 165 
ILE CG2 HG21 sing N N 166 
ILE CG2 HG22 sing N N 167 
ILE CG2 HG23 sing N N 168 
ILE CD1 HD11 sing N N 169 
ILE CD1 HD12 sing N N 170 
ILE CD1 HD13 sing N N 171 
ILE OXT HXT  sing N N 172 
LEU N   CA   sing N N 173 
LEU N   H    sing N N 174 
LEU N   H2   sing N N 175 
LEU CA  C    sing N N 176 
LEU CA  CB   sing N N 177 
LEU CA  HA   sing N N 178 
LEU C   O    doub N N 179 
LEU C   OXT  sing N N 180 
LEU CB  CG   sing N N 181 
LEU CB  HB2  sing N N 182 
LEU CB  HB3  sing N N 183 
LEU CG  CD1  sing N N 184 
LEU CG  CD2  sing N N 185 
LEU CG  HG   sing N N 186 
LEU CD1 HD11 sing N N 187 
LEU CD1 HD12 sing N N 188 
LEU CD1 HD13 sing N N 189 
LEU CD2 HD21 sing N N 190 
LEU CD2 HD22 sing N N 191 
LEU CD2 HD23 sing N N 192 
LEU OXT HXT  sing N N 193 
LYS N   CA   sing N N 194 
LYS N   H    sing N N 195 
LYS N   H2   sing N N 196 
LYS CA  C    sing N N 197 
LYS CA  CB   sing N N 198 
LYS CA  HA   sing N N 199 
LYS C   O    doub N N 200 
LYS C   OXT  sing N N 201 
LYS CB  CG   sing N N 202 
LYS CB  HB2  sing N N 203 
LYS CB  HB3  sing N N 204 
LYS CG  CD   sing N N 205 
LYS CG  HG2  sing N N 206 
LYS CG  HG3  sing N N 207 
LYS CD  CE   sing N N 208 
LYS CD  HD2  sing N N 209 
LYS CD  HD3  sing N N 210 
LYS CE  NZ   sing N N 211 
LYS CE  HE2  sing N N 212 
LYS CE  HE3  sing N N 213 
LYS NZ  HZ1  sing N N 214 
LYS NZ  HZ2  sing N N 215 
LYS NZ  HZ3  sing N N 216 
LYS OXT HXT  sing N N 217 
MSE N   CA   sing N N 218 
MSE N   H    sing N N 219 
MSE N   H2   sing N N 220 
MSE CA  C    sing N N 221 
MSE CA  CB   sing N N 222 
MSE CA  HA   sing N N 223 
MSE C   O    doub N N 224 
MSE C   OXT  sing N N 225 
MSE OXT HXT  sing N N 226 
MSE CB  CG   sing N N 227 
MSE CB  HB2  sing N N 228 
MSE CB  HB3  sing N N 229 
MSE CG  SE   sing N N 230 
MSE CG  HG2  sing N N 231 
MSE CG  HG3  sing N N 232 
MSE SE  CE   sing N N 233 
MSE CE  HE1  sing N N 234 
MSE CE  HE2  sing N N 235 
MSE CE  HE3  sing N N 236 
PHE N   CA   sing N N 237 
PHE N   H    sing N N 238 
PHE N   H2   sing N N 239 
PHE CA  C    sing N N 240 
PHE CA  CB   sing N N 241 
PHE CA  HA   sing N N 242 
PHE C   O    doub N N 243 
PHE C   OXT  sing N N 244 
PHE CB  CG   sing N N 245 
PHE CB  HB2  sing N N 246 
PHE CB  HB3  sing N N 247 
PHE CG  CD1  doub Y N 248 
PHE CG  CD2  sing Y N 249 
PHE CD1 CE1  sing Y N 250 
PHE CD1 HD1  sing N N 251 
PHE CD2 CE2  doub Y N 252 
PHE CD2 HD2  sing N N 253 
PHE CE1 CZ   doub Y N 254 
PHE CE1 HE1  sing N N 255 
PHE CE2 CZ   sing Y N 256 
PHE CE2 HE2  sing N N 257 
PHE CZ  HZ   sing N N 258 
PHE OXT HXT  sing N N 259 
PRO N   CA   sing N N 260 
PRO N   CD   sing N N 261 
PRO N   H    sing N N 262 
PRO CA  C    sing N N 263 
PRO CA  CB   sing N N 264 
PRO CA  HA   sing N N 265 
PRO C   O    doub N N 266 
PRO C   OXT  sing N N 267 
PRO CB  CG   sing N N 268 
PRO CB  HB2  sing N N 269 
PRO CB  HB3  sing N N 270 
PRO CG  CD   sing N N 271 
PRO CG  HG2  sing N N 272 
PRO CG  HG3  sing N N 273 
PRO CD  HD2  sing N N 274 
PRO CD  HD3  sing N N 275 
PRO OXT HXT  sing N N 276 
SER N   CA   sing N N 277 
SER N   H    sing N N 278 
SER N   H2   sing N N 279 
SER CA  C    sing N N 280 
SER CA  CB   sing N N 281 
SER CA  HA   sing N N 282 
SER C   O    doub N N 283 
SER C   OXT  sing N N 284 
SER CB  OG   sing N N 285 
SER CB  HB2  sing N N 286 
SER CB  HB3  sing N N 287 
SER OG  HG   sing N N 288 
SER OXT HXT  sing N N 289 
SO4 S   O1   doub N N 290 
SO4 S   O2   doub N N 291 
SO4 S   O3   sing N N 292 
SO4 S   O4   sing N N 293 
THR N   CA   sing N N 294 
THR N   H    sing N N 295 
THR N   H2   sing N N 296 
THR CA  C    sing N N 297 
THR CA  CB   sing N N 298 
THR CA  HA   sing N N 299 
THR C   O    doub N N 300 
THR C   OXT  sing N N 301 
THR CB  OG1  sing N N 302 
THR CB  CG2  sing N N 303 
THR CB  HB   sing N N 304 
THR OG1 HG1  sing N N 305 
THR CG2 HG21 sing N N 306 
THR CG2 HG22 sing N N 307 
THR CG2 HG23 sing N N 308 
THR OXT HXT  sing N N 309 
TRP N   CA   sing N N 310 
TRP N   H    sing N N 311 
TRP N   H2   sing N N 312 
TRP CA  C    sing N N 313 
TRP CA  CB   sing N N 314 
TRP CA  HA   sing N N 315 
TRP C   O    doub N N 316 
TRP C   OXT  sing N N 317 
TRP CB  CG   sing N N 318 
TRP CB  HB2  sing N N 319 
TRP CB  HB3  sing N N 320 
TRP CG  CD1  doub Y N 321 
TRP CG  CD2  sing Y N 322 
TRP CD1 NE1  sing Y N 323 
TRP CD1 HD1  sing N N 324 
TRP CD2 CE2  doub Y N 325 
TRP CD2 CE3  sing Y N 326 
TRP NE1 CE2  sing Y N 327 
TRP NE1 HE1  sing N N 328 
TRP CE2 CZ2  sing Y N 329 
TRP CE3 CZ3  doub Y N 330 
TRP CE3 HE3  sing N N 331 
TRP CZ2 CH2  doub Y N 332 
TRP CZ2 HZ2  sing N N 333 
TRP CZ3 CH2  sing Y N 334 
TRP CZ3 HZ3  sing N N 335 
TRP CH2 HH2  sing N N 336 
TRP OXT HXT  sing N N 337 
TYR N   CA   sing N N 338 
TYR N   H    sing N N 339 
TYR N   H2   sing N N 340 
TYR CA  C    sing N N 341 
TYR CA  CB   sing N N 342 
TYR CA  HA   sing N N 343 
TYR C   O    doub N N 344 
TYR C   OXT  sing N N 345 
TYR CB  CG   sing N N 346 
TYR CB  HB2  sing N N 347 
TYR CB  HB3  sing N N 348 
TYR CG  CD1  doub Y N 349 
TYR CG  CD2  sing Y N 350 
TYR CD1 CE1  sing Y N 351 
TYR CD1 HD1  sing N N 352 
TYR CD2 CE2  doub Y N 353 
TYR CD2 HD2  sing N N 354 
TYR CE1 CZ   doub Y N 355 
TYR CE1 HE1  sing N N 356 
TYR CE2 CZ   sing Y N 357 
TYR CE2 HE2  sing N N 358 
TYR CZ  OH   sing N N 359 
TYR OH  HH   sing N N 360 
TYR OXT HXT  sing N N 361 
VAL N   CA   sing N N 362 
VAL N   H    sing N N 363 
VAL N   H2   sing N N 364 
VAL CA  C    sing N N 365 
VAL CA  CB   sing N N 366 
VAL CA  HA   sing N N 367 
VAL C   O    doub N N 368 
VAL C   OXT  sing N N 369 
VAL CB  CG1  sing N N 370 
VAL CB  CG2  sing N N 371 
VAL CB  HB   sing N N 372 
VAL CG1 HG11 sing N N 373 
VAL CG1 HG12 sing N N 374 
VAL CG1 HG13 sing N N 375 
VAL CG2 HG21 sing N N 376 
VAL CG2 HG22 sing N N 377 
VAL CG2 HG23 sing N N 378 
VAL OXT HXT  sing N N 379 
# 
_atom_sites.entry_id                    3US4 
_atom_sites.fract_transf_matrix[1][1]   0.00898092 
_atom_sites.fract_transf_matrix[1][2]   0.00751286 
_atom_sites.fract_transf_matrix[1][3]   0.01294891 
_atom_sites.fract_transf_matrix[2][1]   0.01461797 
_atom_sites.fract_transf_matrix[2][2]   -0.00729992 
_atom_sites.fract_transf_matrix[2][3]   -0.00590316 
_atom_sites.fract_transf_matrix[3][1]   0.01455914 
_atom_sites.fract_transf_matrix[3][2]   0.03515298 
_atom_sites.fract_transf_matrix[3][3]   -0.00741785 
_atom_sites.fract_transf_vector[1]      0.244054 
_atom_sites.fract_transf_vector[2]      0.650528 
_atom_sites.fract_transf_vector[3]      0.350350 
# 
loop_
_atom_type.symbol 
C  
N  
O  
S  
SE 
# 
loop_
_atom_site.group_PDB 
_atom_site.id 
_atom_site.type_symbol 
_atom_site.label_atom_id 
_atom_site.label_alt_id 
_atom_site.label_comp_id 
_atom_site.label_asym_id 
_atom_site.label_entity_id 
_atom_site.label_seq_id 
_atom_site.pdbx_PDB_ins_code 
_atom_site.Cartn_x 
_atom_site.Cartn_y 
_atom_site.Cartn_z 
_atom_site.occupancy 
_atom_site.B_iso_or_equiv 
_atom_site.pdbx_formal_charge 
_atom_site.auth_seq_id 
_atom_site.auth_comp_id 
_atom_site.auth_asym_id 
_atom_site.auth_atom_id 
_atom_site.pdbx_PDB_model_num 
ATOM   1   N  N   . LEU A 1 2  ? 3.896   6.411   -11.760 1.00 45.33  ? 117 LEU A N   1 
ATOM   2   C  CA  . LEU A 1 2  ? 4.073   6.113   -10.328 1.00 42.45  ? 117 LEU A CA  1 
ATOM   3   C  C   . LEU A 1 2  ? 4.612   7.342   -9.538  1.00 43.35  ? 117 LEU A C   1 
ATOM   4   O  O   . LEU A 1 2  ? 4.131   7.651   -8.436  1.00 37.08  ? 117 LEU A O   1 
ATOM   5   C  CB  . LEU A 1 2  ? 5.003   4.891   -10.144 1.00 41.12  ? 117 LEU A CB  1 
ATOM   6   C  CG  . LEU A 1 2  ? 5.182   4.379   -8.727  1.00 41.66  ? 117 LEU A CG  1 
ATOM   7   C  CD1 . LEU A 1 2  ? 3.862   3.896   -8.147  1.00 39.34  ? 117 LEU A CD1 1 
ATOM   8   C  CD2 . LEU A 1 2  ? 6.254   3.306   -8.656  1.00 41.27  ? 117 LEU A CD2 1 
ATOM   9   N  N   . SER A 1 3  ? 5.553   8.112   -10.144 1.00 46.09  ? 118 SER A N   1 
ATOM   10  C  CA  . SER A 1 3  ? 6.075   9.325   -9.484  1.00 47.57  ? 118 SER A CA  1 
ATOM   11  C  C   . SER A 1 3  ? 4.954   10.379  -9.281  1.00 49.97  ? 118 SER A C   1 
ATOM   12  O  O   . SER A 1 3  ? 5.015   11.193  -8.352  1.00 50.69  ? 118 SER A O   1 
ATOM   13  C  CB  . SER A 1 3  ? 7.212   9.933   -10.306 1.00 55.73  ? 118 SER A CB  1 
ATOM   14  O  OG  . SER A 1 3  ? 6.786   10.309  -11.607 1.00 67.38  ? 118 SER A OG  1 
ATOM   15  N  N   . LEU A 1 4  ? 3.904   10.281  -10.111 1.00 42.66  ? 119 LEU A N   1 
ATOM   16  C  CA  . LEU A 1 4  ? 2.740   11.156  -10.137 1.00 42.46  ? 119 LEU A CA  1 
ATOM   17  C  C   . LEU A 1 4  ? 1.591   10.683  -9.257  1.00 40.20  ? 119 LEU A C   1 
ATOM   18  O  O   . LEU A 1 4  ? 0.547   11.332  -9.228  1.00 41.65  ? 119 LEU A O   1 
ATOM   19  C  CB  . LEU A 1 4  ? 2.240   11.268  -11.589 1.00 45.36  ? 119 LEU A CB  1 
ATOM   20  C  CG  . LEU A 1 4  ? 3.306   11.606  -12.632 1.00 52.49  ? 119 LEU A CG  1 
ATOM   21  C  CD1 . LEU A 1 4  ? 2.693   11.727  -13.996 1.00 57.87  ? 119 LEU A CD1 1 
ATOM   22  C  CD2 . LEU A 1 4  ? 3.998   12.913  -12.301 1.00 52.69  ? 119 LEU A CD2 1 
HETATM 23  N  N   . MSE A 1 5  ? 1.741   9.541   -8.574  1.00 31.51  ? 120 MSE A N   1 
HETATM 24  C  CA  . MSE A 1 5  ? 0.650   9.039   -7.753  1.00 28.97  ? 120 MSE A CA  1 
HETATM 25  C  C   . MSE A 1 5  ? 0.600   9.784   -6.426  1.00 33.91  ? 120 MSE A C   1 
HETATM 26  O  O   . MSE A 1 5  ? 1.623   9.850   -5.735  1.00 32.77  ? 120 MSE A O   1 
HETATM 27  C  CB  . MSE A 1 5  ? 0.804   7.531   -7.515  1.00 26.11  ? 120 MSE A CB  1 
HETATM 28  C  CG  . MSE A 1 5  ? 0.610   6.708   -8.778  1.00 29.84  ? 120 MSE A CG  1 
HETATM 29  SE SE  . MSE A 1 5  ? -1.182  6.820   -9.603  0.75 38.97  ? 120 MSE A SE  1 
HETATM 30  C  CE  . MSE A 1 5  ? -0.693  7.680   -11.041 1.00 37.43  ? 120 MSE A CE  1 
ATOM   31  N  N   . PRO A 1 6  ? -0.583  10.322  -6.027  1.00 37.54  ? 121 PRO A N   1 
ATOM   32  C  CA  . PRO A 1 6  ? -0.655  11.090  -4.770  1.00 39.04  ? 121 PRO A CA  1 
ATOM   33  C  C   . PRO A 1 6  ? -0.381  10.237  -3.534  1.00 35.81  ? 121 PRO A C   1 
ATOM   34  O  O   . PRO A 1 6  ? 0.109   10.760  -2.540  1.00 35.32  ? 121 PRO A O   1 
ATOM   35  C  CB  . PRO A 1 6  ? -2.095  11.612  -4.761  1.00 44.71  ? 121 PRO A CB  1 
ATOM   36  C  CG  . PRO A 1 6  ? -2.853  10.656  -5.621  1.00 49.45  ? 121 PRO A CG  1 
ATOM   37  C  CD  . PRO A 1 6  ? -1.889  10.311  -6.717  1.00 44.03  ? 121 PRO A CD  1 
ATOM   38  N  N   . TRP A 1 7  ? -0.640  8.910   -3.626  1.00 29.75  ? 122 TRP A N   1 
ATOM   39  C  CA  . TRP A 1 7  ? -0.426  7.978   -2.523  1.00 26.43  ? 122 TRP A CA  1 
ATOM   40  C  C   . TRP A 1 7  ? 0.999   7.441   -2.454  1.00 25.22  ? 122 TRP A C   1 
ATOM   41  O  O   . TRP A 1 7  ? 1.336   6.753   -1.480  1.00 21.51  ? 122 TRP A O   1 
ATOM   42  C  CB  . TRP A 1 7  ? -1.395  6.798   -2.603  1.00 23.76  ? 122 TRP A CB  1 
ATOM   43  C  CG  . TRP A 1 7  ? -1.651  6.270   -3.982  1.00 23.90  ? 122 TRP A CG  1 
ATOM   44  C  CD1 . TRP A 1 7  ? -2.709  6.593   -4.787  1.00 28.86  ? 122 TRP A CD1 1 
ATOM   45  C  CD2 . TRP A 1 7  ? -0.829  5.369   -4.745  1.00 21.75  ? 122 TRP A CD2 1 
ATOM   46  N  NE1 . TRP A 1 7  ? -2.642  5.887   -5.960  1.00 27.77  ? 122 TRP A NE1 1 
ATOM   47  C  CE2 . TRP A 1 7  ? -1.481  5.156   -5.979  1.00 25.38  ? 122 TRP A CE2 1 
ATOM   48  C  CE3 . TRP A 1 7  ? 0.387   4.708   -4.503  1.00 21.17  ? 122 TRP A CE3 1 
ATOM   49  C  CZ2 . TRP A 1 7  ? -0.967  4.305   -6.963  1.00 24.54  ? 122 TRP A CZ2 1 
ATOM   50  C  CZ3 . TRP A 1 7  ? 0.887   3.845   -5.476  1.00 21.19  ? 122 TRP A CZ3 1 
ATOM   51  C  CH2 . TRP A 1 7  ? 0.247   3.708   -6.718  1.00 22.09  ? 122 TRP A CH2 1 
ATOM   52  N  N   . PHE A 1 8  ? 1.842   7.725   -3.460  1.00 24.02  ? 123 PHE A N   1 
ATOM   53  C  CA  . PHE A 1 8  ? 3.198   7.188   -3.457  1.00 23.33  ? 123 PHE A CA  1 
ATOM   54  C  C   . PHE A 1 8  ? 4.154   8.164   -2.790  1.00 25.65  ? 123 PHE A C   1 
ATOM   55  O  O   . PHE A 1 8  ? 4.393   9.272   -3.303  1.00 27.15  ? 123 PHE A O   1 
ATOM   56  C  CB  . PHE A 1 8  ? 3.658   6.820   -4.880  1.00 25.38  ? 123 PHE A CB  1 
ATOM   57  C  CG  . PHE A 1 8  ? 5.021   6.172   -4.891  1.00 25.43  ? 123 PHE A CG  1 
ATOM   58  C  CD1 . PHE A 1 8  ? 5.189   4.861   -4.454  1.00 26.42  ? 123 PHE A CD1 1 
ATOM   59  C  CD2 . PHE A 1 8  ? 6.124   6.847   -5.381  1.00 29.30  ? 123 PHE A CD2 1 
ATOM   60  C  CE1 . PHE A 1 8  ? 6.464   4.274   -4.435  1.00 27.26  ? 123 PHE A CE1 1 
ATOM   61  C  CE2 . PHE A 1 8  ? 7.382   6.239   -5.409  1.00 31.41  ? 123 PHE A CE2 1 
ATOM   62  C  CZ  . PHE A 1 8  ? 7.546   4.958   -4.945  1.00 28.36  ? 123 PHE A CZ  1 
ATOM   63  N  N   . HIS A 1 9  ? 4.710   7.753   -1.644  1.00 22.07  ? 124 HIS A N   1 
ATOM   64  C  CA  . HIS A 1 9  ? 5.595   8.598   -0.843  1.00 23.53  ? 124 HIS A CA  1 
ATOM   65  C  C   . HIS A 1 9  ? 7.080   8.323   -1.022  1.00 28.72  ? 124 HIS A C   1 
ATOM   66  O  O   . HIS A 1 9  ? 7.896   8.969   -0.362  1.00 30.06  ? 124 HIS A O   1 
ATOM   67  C  CB  . HIS A 1 9  ? 5.271   8.513   0.654   1.00 23.43  ? 124 HIS A CB  1 
ATOM   68  C  CG  . HIS A 1 9  ? 4.003   9.200   1.029   1.00 27.00  ? 124 HIS A CG  1 
ATOM   69  N  ND1 . HIS A 1 9  ? 3.966   10.115  2.065   1.00 30.02  ? 124 HIS A ND1 1 
ATOM   70  C  CD2 . HIS A 1 9  ? 2.765   9.077   0.503   1.00 27.22  ? 124 HIS A CD2 1 
ATOM   71  C  CE1 . HIS A 1 9  ? 2.708   10.507  2.144   1.00 30.39  ? 124 HIS A CE1 1 
ATOM   72  N  NE2 . HIS A 1 9  ? 1.953   9.927   1.218   1.00 29.55  ? 124 HIS A NE2 1 
ATOM   73  N  N   . GLY A 1 10 ? 7.417   7.391   -1.895  1.00 25.46  ? 125 GLY A N   1 
ATOM   74  C  CA  . GLY A 1 10 ? 8.811   7.084   -2.194  1.00 26.96  ? 125 GLY A CA  1 
ATOM   75  C  C   . GLY A 1 10 ? 9.581   6.578   -0.990  1.00 27.62  ? 125 GLY A C   1 
ATOM   76  O  O   . GLY A 1 10 ? 9.078   5.742   -0.226  1.00 23.94  ? 125 GLY A O   1 
ATOM   77  N  N   . LYS A 1 11 ? 10.794  7.100   -0.804  1.00 27.51  ? 126 LYS A N   1 
ATOM   78  C  CA  . LYS A 1 11 ? 11.692  6.674   0.248   1.00 27.52  ? 126 LYS A CA  1 
ATOM   79  C  C   . LYS A 1 11 ? 11.418  7.380   1.571   1.00 31.17  ? 126 LYS A C   1 
ATOM   80  O  O   . LYS A 1 11 ? 12.046  8.378   1.900   1.00 34.33  ? 126 LYS A O   1 
ATOM   81  C  CB  . LYS A 1 11 ? 13.161  6.891   -0.164  1.00 33.33  ? 126 LYS A CB  1 
ATOM   82  C  CG  . LYS A 1 11 ? 13.648  5.898   -1.211  1.00 52.71  ? 126 LYS A CG  1 
ATOM   83  N  N   . ILE A 1 12 ? 10.442  6.875   2.290   1.00 26.35  ? 127 ILE A N   1 
ATOM   84  C  CA  . ILE A 1 12 ? 10.116  7.292   3.641   1.00 24.21  ? 127 ILE A CA  1 
ATOM   85  C  C   . ILE A 1 12 ? 10.204  6.032   4.458   1.00 26.89  ? 127 ILE A C   1 
ATOM   86  O  O   . ILE A 1 12 ? 10.016  4.937   3.919   1.00 25.63  ? 127 ILE A O   1 
ATOM   87  C  CB  . ILE A 1 12 ? 8.775   8.047   3.818   1.00 26.19  ? 127 ILE A CB  1 
ATOM   88  C  CG1 . ILE A 1 12 ? 7.536   7.178   3.457   1.00 23.15  ? 127 ILE A CG1 1 
ATOM   89  C  CG2 . ILE A 1 12 ? 8.803   9.377   3.064   1.00 29.95  ? 127 ILE A CG2 1 
ATOM   90  C  CD1 . ILE A 1 12 ? 6.173   7.681   4.140   1.00 25.29  ? 127 ILE A CD1 1 
ATOM   91  N  N   . SER A 1 13 ? 10.544  6.176   5.731   1.00 25.27  ? 128 SER A N   1 
ATOM   92  C  CA  . SER A 1 13 ? 10.645  5.054   6.632   1.00 25.65  ? 128 SER A CA  1 
ATOM   93  C  C   . SER A 1 13 ? 9.280   4.595   7.106   1.00 25.52  ? 128 SER A C   1 
ATOM   94  O  O   . SER A 1 13 ? 8.269   5.297   6.942   1.00 25.58  ? 128 SER A O   1 
ATOM   95  C  CB  . SER A 1 13 ? 11.473  5.448   7.854   1.00 28.45  ? 128 SER A CB  1 
ATOM   96  O  OG  . SER A 1 13 ? 10.803  6.452   8.606   1.00 31.56  ? 128 SER A OG  1 
ATOM   97  N  N   . GLY A 1 14 ? 9.274   3.426   7.729   1.00 24.52  ? 129 GLY A N   1 
ATOM   98  C  CA  . GLY A 1 14 ? 8.089   2.875   8.357   1.00 22.26  ? 129 GLY A CA  1 
ATOM   99  C  C   . GLY A 1 14 ? 7.573   3.806   9.443   1.00 25.87  ? 129 GLY A C   1 
ATOM   100 O  O   . GLY A 1 14 ? 6.369   4.073   9.507   1.00 24.67  ? 129 GLY A O   1 
ATOM   101 N  N   . GLN A 1 15 ? 8.482   4.367   10.276  1.00 25.97  ? 130 GLN A N   1 
ATOM   102 C  CA  . GLN A 1 15 ? 7.996   5.267   11.336  1.00 27.25  ? 130 GLN A CA  1 
ATOM   103 C  C   . GLN A 1 15 ? 7.376   6.540   10.743  1.00 27.88  ? 130 GLN A C   1 
ATOM   104 O  O   . GLN A 1 15 ? 6.353   6.994   11.245  1.00 28.33  ? 130 GLN A O   1 
ATOM   105 C  CB  . GLN A 1 15 ? 9.097   5.594   12.363  1.00 31.35  ? 130 GLN A CB  1 
ATOM   106 C  CG  . GLN A 1 15 ? 10.225  6.477   11.877  1.00 33.57  ? 130 GLN A CG  1 
ATOM   107 C  CD  . GLN A 1 15 ? 11.310  6.686   12.909  1.00 50.43  ? 130 GLN A CD  1 
ATOM   108 O  OE1 . GLN A 1 15 ? 11.686  5.780   13.655  1.00 42.26  ? 130 GLN A OE1 1 
ATOM   109 N  NE2 . GLN A 1 15 ? 11.878  7.879   12.933  1.00 49.17  ? 130 GLN A NE2 1 
ATOM   110 N  N   . GLU A 1 16 ? 7.984   7.102   9.672   1.00 26.40  ? 131 GLU A N   1 
ATOM   111 C  CA  . GLU A 1 16 ? 7.436   8.291   8.996   1.00 27.82  ? 131 GLU A CA  1 
ATOM   112 C  C   . GLU A 1 16 ? 6.061   7.960   8.412   1.00 27.97  ? 131 GLU A C   1 
ATOM   113 O  O   . GLU A 1 16 ? 5.124   8.755   8.539   1.00 27.75  ? 131 GLU A O   1 
ATOM   114 C  CB  . GLU A 1 16 ? 8.388   8.789   7.876   1.00 29.02  ? 131 GLU A CB  1 
ATOM   115 C  CG  . GLU A 1 16 ? 9.658   9.452   8.405   1.00 41.44  ? 131 GLU A CG  1 
ATOM   116 C  CD  . GLU A 1 16 ? 10.670  9.947   7.381   1.00 66.94  ? 131 GLU A CD  1 
ATOM   117 O  OE1 . GLU A 1 16 ? 11.061  9.172   6.474   1.00 39.44  ? 131 GLU A OE1 1 
ATOM   118 O  OE2 . GLU A 1 16 ? 11.130  11.101  7.541   1.00 66.01  ? 131 GLU A OE2 1 
ATOM   119 N  N   . ALA A 1 17 ? 5.913   6.754   7.837   1.00 23.56  ? 132 ALA A N   1 
ATOM   120 C  CA  . ALA A 1 17 ? 4.603   6.352   7.281   1.00 21.54  ? 132 ALA A CA  1 
ATOM   121 C  C   . ALA A 1 17 ? 3.511   6.298   8.363   1.00 24.22  ? 132 ALA A C   1 
ATOM   122 O  O   . ALA A 1 17 ? 2.434   6.835   8.153   1.00 24.00  ? 132 ALA A O   1 
ATOM   123 C  CB  . ALA A 1 17 ? 4.712   4.995   6.596   1.00 21.18  ? 132 ALA A CB  1 
ATOM   124 N  N   . VAL A 1 18 ? 3.814   5.712   9.533   1.00 22.53  ? 133 VAL A N   1 
ATOM   125 C  CA  . VAL A 1 18 ? 2.848   5.634   10.637  1.00 23.62  ? 133 VAL A CA  1 
ATOM   126 C  C   . VAL A 1 18 ? 2.464   7.050   11.054  1.00 27.23  ? 133 VAL A C   1 
ATOM   127 O  O   . VAL A 1 18 ? 1.285   7.323   11.232  1.00 29.31  ? 133 VAL A O   1 
ATOM   128 C  CB  . VAL A 1 18 ? 3.353   4.778   11.839  1.00 26.89  ? 133 VAL A CB  1 
ATOM   129 C  CG1 . VAL A 1 18 ? 2.327   4.754   12.984  1.00 28.85  ? 133 VAL A CG1 1 
ATOM   130 C  CG2 . VAL A 1 18 ? 3.661   3.355   11.392  1.00 25.56  ? 133 VAL A CG2 1 
ATOM   131 N  N   . GLN A 1 19 ? 3.470   7.967   11.168  1.00 25.78  ? 134 GLN A N   1 
ATOM   132 C  CA  . GLN A 1 19 ? 3.153   9.340   11.535  1.00 29.41  ? 134 GLN A CA  1 
ATOM   133 C  C   . GLN A 1 19 ? 2.271   10.025  10.487  1.00 33.43  ? 134 GLN A C   1 
ATOM   134 O  O   . GLN A 1 19 ? 1.393   10.793  10.870  1.00 37.21  ? 134 GLN A O   1 
ATOM   135 C  CB  . GLN A 1 19 ? 4.436   10.156  11.760  1.00 32.34  ? 134 GLN A CB  1 
ATOM   136 C  CG  . GLN A 1 19 ? 4.218   11.406  12.582  1.00 50.94  ? 134 GLN A CG  1 
ATOM   137 C  CD  . GLN A 1 19 ? 4.039   11.062  14.041  1.00 60.08  ? 134 GLN A CD  1 
ATOM   138 O  OE1 . GLN A 1 19 ? 5.002   10.757  14.737  1.00 52.40  ? 134 GLN A OE1 1 
ATOM   139 N  NE2 . GLN A 1 19 ? 2.802   11.038  14.513  1.00 41.47  ? 134 GLN A NE2 1 
ATOM   140 N  N   . GLN A 1 20 ? 2.486   9.746   9.188   1.00 29.09  ? 135 GLN A N   1 
ATOM   141 C  CA  . GLN A 1 20 ? 1.683   10.326  8.090   1.00 29.57  ? 135 GLN A CA  1 
ATOM   142 C  C   . GLN A 1 20 ? 0.223   9.900   8.152   1.00 33.48  ? 135 GLN A C   1 
ATOM   143 O  O   . GLN A 1 20 ? -0.652  10.654  7.744   1.00 35.96  ? 135 GLN A O   1 
ATOM   144 C  CB  . GLN A 1 20 ? 2.255   9.893   6.726   1.00 28.90  ? 135 GLN A CB  1 
ATOM   145 C  CG  . GLN A 1 20 ? 3.556   10.595  6.341   1.00 36.50  ? 135 GLN A CG  1 
ATOM   146 C  CD  . GLN A 1 20 ? 3.351   12.008  5.860   1.00 48.94  ? 135 GLN A CD  1 
ATOM   147 O  OE1 . GLN A 1 20 ? 2.445   12.306  5.074   1.00 46.24  ? 135 GLN A OE1 1 
ATOM   148 N  NE2 . GLN A 1 20 ? 4.217   12.907  6.297   1.00 49.62  ? 135 GLN A NE2 1 
ATOM   149 N  N   . LEU A 1 21 ? -0.033  8.692   8.675   1.00 29.45  ? 136 LEU A N   1 
ATOM   150 C  CA  . LEU A 1 21 ? -1.381  8.134   8.761   1.00 30.54  ? 136 LEU A CA  1 
ATOM   151 C  C   . LEU A 1 21 ? -2.068  8.409   10.111  1.00 37.28  ? 136 LEU A C   1 
ATOM   152 O  O   . LEU A 1 21 ? -2.936  7.634   10.529  1.00 36.30  ? 136 LEU A O   1 
ATOM   153 C  CB  . LEU A 1 21 ? -1.337  6.635   8.453   1.00 28.06  ? 136 LEU A CB  1 
ATOM   154 C  CG  . LEU A 1 21 ? -0.773  6.271   7.077   1.00 28.77  ? 136 LEU A CG  1 
ATOM   155 C  CD1 . LEU A 1 21 ? -0.727  4.770   6.921   1.00 26.72  ? 136 LEU A CD1 1 
ATOM   156 C  CD2 . LEU A 1 21 ? -1.609  6.881   5.946   1.00 27.69  ? 136 LEU A CD2 1 
ATOM   157 N  N   . GLN A 1 22 ? -1.708  9.549   10.756  1.00 38.12  ? 137 GLN A N   1 
ATOM   158 C  CA  . GLN A 1 22 ? -2.356  10.058  11.972  1.00 42.38  ? 137 GLN A CA  1 
ATOM   159 C  C   . GLN A 1 22 ? -2.958  11.424  11.647  1.00 50.90  ? 137 GLN A C   1 
ATOM   160 O  O   . GLN A 1 22 ? -2.317  12.210  10.950  1.00 51.67  ? 137 GLN A O   1 
ATOM   161 C  CB  . GLN A 1 22 ? -1.405  10.149  13.181  1.00 44.12  ? 137 GLN A CB  1 
ATOM   162 C  CG  . GLN A 1 22 ? -0.549  8.903   13.465  1.00 45.41  ? 137 GLN A CG  1 
ATOM   163 C  CD  . GLN A 1 22 ? -1.314  7.610   13.662  1.00 47.17  ? 137 GLN A CD  1 
ATOM   164 O  OE1 . GLN A 1 22 ? -0.964  6.570   13.096  1.00 44.69  ? 137 GLN A OE1 1 
ATOM   165 N  NE2 . GLN A 1 22 ? -2.306  7.612   14.544  1.00 43.97  ? 137 GLN A NE2 1 
ATOM   166 N  N   . PRO A 1 23 ? -4.195  11.726  12.097  1.00 49.45  ? 138 PRO A N   1 
ATOM   167 C  CA  . PRO A 1 23 ? -5.074  10.898  12.935  1.00 50.16  ? 138 PRO A CA  1 
ATOM   168 C  C   . PRO A 1 23 ? -5.640  9.686   12.208  1.00 49.33  ? 138 PRO A C   1 
ATOM   169 O  O   . PRO A 1 23 ? -5.778  9.730   10.977  1.00 46.92  ? 138 PRO A O   1 
ATOM   170 C  CB  . PRO A 1 23 ? -6.217  11.859  13.308  1.00 56.79  ? 138 PRO A CB  1 
ATOM   171 C  CG  . PRO A 1 23 ? -5.730  13.226  12.965  1.00 63.87  ? 138 PRO A CG  1 
ATOM   172 C  CD  . PRO A 1 23 ? -4.817  13.032  11.811  1.00 54.88  ? 138 PRO A CD  1 
ATOM   173 N  N   . PRO A 1 24 ? -5.961  8.594   12.951  1.00 46.68  ? 139 PRO A N   1 
ATOM   174 C  CA  . PRO A 1 24 ? -6.498  7.384   12.292  1.00 45.37  ? 139 PRO A CA  1 
ATOM   175 C  C   . PRO A 1 24 ? -7.768  7.660   11.507  1.00 48.97  ? 139 PRO A C   1 
ATOM   176 O  O   . PRO A 1 24 ? -8.609  8.464   11.932  1.00 52.37  ? 139 PRO A O   1 
ATOM   177 C  CB  . PRO A 1 24 ? -6.802  6.438   13.456  1.00 50.14  ? 139 PRO A CB  1 
ATOM   178 C  CG  . PRO A 1 24 ? -5.971  6.921   14.587  1.00 54.94  ? 139 PRO A CG  1 
ATOM   179 C  CD  . PRO A 1 24 ? -5.802  8.391   14.407  1.00 50.85  ? 139 PRO A CD  1 
ATOM   180 N  N   . GLU A 1 25 ? -7.895  6.984   10.357  1.00 43.40  ? 140 GLU A N   1 
ATOM   181 C  CA  . GLU A 1 25 ? -9.024  7.118   9.443   1.00 45.57  ? 140 GLU A CA  1 
ATOM   182 C  C   . GLU A 1 25 ? -9.058  5.837   8.624   1.00 44.16  ? 140 GLU A C   1 
ATOM   183 O  O   . GLU A 1 25 ? -8.136  5.610   7.835   1.00 38.92  ? 140 GLU A O   1 
ATOM   184 C  CB  . GLU A 1 25 ? -8.805  8.380   8.582   1.00 47.53  ? 140 GLU A CB  1 
ATOM   185 C  CG  . GLU A 1 25 ? -9.775  8.574   7.424   1.00 56.62  ? 140 GLU A CG  1 
ATOM   186 C  CD  . GLU A 1 25 ? -9.375  9.692   6.477   1.00 72.61  ? 140 GLU A CD  1 
ATOM   187 O  OE1 . GLU A 1 25 ? -8.802  10.700  6.945   1.00 72.62  ? 140 GLU A OE1 1 
ATOM   188 O  OE2 . GLU A 1 25 ? -9.657  9.569   5.264   1.00 61.19  ? 140 GLU A OE2 1 
ATOM   189 N  N   . ASP A 1 26 ? -10.069 4.964   8.845   1.00 43.72  ? 141 ASP A N   1 
ATOM   190 C  CA  . ASP A 1 26 ? -10.105 3.684   8.133   1.00 40.02  ? 141 ASP A CA  1 
ATOM   191 C  C   . ASP A 1 26 ? -9.982  3.867   6.616   1.00 42.48  ? 141 ASP A C   1 
ATOM   192 O  O   . ASP A 1 26 ? -10.646 4.732   6.035   1.00 44.09  ? 141 ASP A O   1 
ATOM   193 C  CB  . ASP A 1 26 ? -11.375 2.881   8.463   1.00 43.14  ? 141 ASP A CB  1 
ATOM   194 C  CG  . ASP A 1 26 ? -11.453 2.300   9.869   1.00 50.22  ? 141 ASP A CG  1 
ATOM   195 O  OD1 . ASP A 1 26 ? -10.428 2.324   10.590  1.00 46.62  ? 141 ASP A OD1 1 
ATOM   196 O  OD2 . ASP A 1 26 ? -12.545 1.826   10.254  1.00 56.07  ? 141 ASP A OD2 1 
ATOM   197 N  N   . GLY A 1 27 ? -9.068  3.118   6.016   1.00 35.13  ? 142 GLY A N   1 
ATOM   198 C  CA  . GLY A 1 27 ? -8.859  3.173   4.577   1.00 32.34  ? 142 GLY A CA  1 
ATOM   199 C  C   . GLY A 1 27 ? -7.887  4.237   4.120   1.00 32.95  ? 142 GLY A C   1 
ATOM   200 O  O   . GLY A 1 27 ? -7.550  4.272   2.940   1.00 30.44  ? 142 GLY A O   1 
ATOM   201 N  N   . LEU A 1 28 ? -7.390  5.097   5.035   1.00 30.15  ? 143 LEU A N   1 
ATOM   202 C  CA  . LEU A 1 28 ? -6.368  6.076   4.651   1.00 27.97  ? 143 LEU A CA  1 
ATOM   203 C  C   . LEU A 1 28 ? -5.088  5.302   4.377   1.00 26.02  ? 143 LEU A C   1 
ATOM   204 O  O   . LEU A 1 28 ? -4.770  4.368   5.117   1.00 26.19  ? 143 LEU A O   1 
ATOM   205 C  CB  . LEU A 1 28 ? -6.173  7.111   5.748   1.00 30.47  ? 143 LEU A CB  1 
ATOM   206 C  CG  . LEU A 1 28 ? -5.114  8.173   5.528   1.00 33.29  ? 143 LEU A CG  1 
ATOM   207 C  CD1 . LEU A 1 28 ? -5.515  9.141   4.426   1.00 34.32  ? 143 LEU A CD1 1 
ATOM   208 C  CD2 . LEU A 1 28 ? -4.872  8.930   6.826   1.00 35.54  ? 143 LEU A CD2 1 
ATOM   209 N  N   . PHE A 1 29 ? -4.403  5.614   3.283   1.00 22.30  ? 144 PHE A N   1 
ATOM   210 C  CA  . PHE A 1 29 ? -3.288  4.769   2.897   1.00 19.70  ? 144 PHE A CA  1 
ATOM   211 C  C   . PHE A 1 29 ? -2.203  5.484   2.135   1.00 21.06  ? 144 PHE A C   1 
ATOM   212 O  O   . PHE A 1 29 ? -2.407  6.551   1.551   1.00 22.56  ? 144 PHE A O   1 
ATOM   213 C  CB  . PHE A 1 29 ? -3.811  3.607   2.005   1.00 20.15  ? 144 PHE A CB  1 
ATOM   214 C  CG  . PHE A 1 29 ? -4.117  4.021   0.574   1.00 20.72  ? 144 PHE A CG  1 
ATOM   215 C  CD1 . PHE A 1 29 ? -5.321  4.634   0.250   1.00 24.71  ? 144 PHE A CD1 1 
ATOM   216 C  CD2 . PHE A 1 29 ? -3.207  3.758   -0.453  1.00 19.48  ? 144 PHE A CD2 1 
ATOM   217 C  CE1 . PHE A 1 29 ? -5.600  5.020   -1.074  1.00 24.86  ? 144 PHE A CE1 1 
ATOM   218 C  CE2 . PHE A 1 29 ? -3.485  4.135   -1.775  1.00 21.11  ? 144 PHE A CE2 1 
ATOM   219 C  CZ  . PHE A 1 29 ? -4.678  4.769   -2.076  1.00 22.95  ? 144 PHE A CZ  1 
ATOM   220 N  N   . LEU A 1 30 ? -1.051  4.824   2.093   1.00 17.25  ? 145 LEU A N   1 
ATOM   221 C  CA  . LEU A 1 30 ? 0.045   5.295   1.266   1.00 16.14  ? 145 LEU A CA  1 
ATOM   222 C  C   . LEU A 1 30 ? 0.867   4.083   0.856   1.00 15.69  ? 145 LEU A C   1 
ATOM   223 O  O   . LEU A 1 30 ? 0.768   3.010   1.454   1.00 15.79  ? 145 LEU A O   1 
ATOM   224 C  CB  . LEU A 1 30 ? 0.918   6.385   1.957   1.00 16.95  ? 145 LEU A CB  1 
ATOM   225 C  CG  . LEU A 1 30 ? 1.630   5.991   3.261   1.00 18.68  ? 145 LEU A CG  1 
ATOM   226 C  CD1 . LEU A 1 30 ? 2.976   5.274   2.979   1.00 17.69  ? 145 LEU A CD1 1 
ATOM   227 C  CD2 . LEU A 1 30 ? 1.931   7.254   4.113   1.00 22.26  ? 145 LEU A CD2 1 
ATOM   228 N  N   . VAL A 1 31 ? 1.759   4.283   -0.123  1.00 14.58  ? 146 VAL A N   1 
ATOM   229 C  CA  . VAL A 1 31 ? 2.733   3.260   -0.503  1.00 14.55  ? 146 VAL A CA  1 
ATOM   230 C  C   . VAL A 1 31 ? 4.111   3.869   -0.382  1.00 16.47  ? 146 VAL A C   1 
ATOM   231 O  O   . VAL A 1 31 ? 4.310   5.018   -0.795  1.00 17.85  ? 146 VAL A O   1 
ATOM   232 C  CB  . VAL A 1 31 ? 2.495   2.715   -1.934  1.00 16.84  ? 146 VAL A CB  1 
ATOM   233 C  CG1 . VAL A 1 31 ? 3.602   1.702   -2.305  1.00 18.54  ? 146 VAL A CG1 1 
ATOM   234 C  CG2 . VAL A 1 31 ? 1.133   2.036   -2.062  1.00 16.09  ? 146 VAL A CG2 1 
ATOM   235 N  N   . ARG A 1 32 ? 5.054   3.111   0.212   1.00 16.30  ? 147 ARG A N   1 
ATOM   236 C  CA  A ARG A 1 32 ? 6.434   3.566   0.345   0.50 16.39  ? 147 ARG A CA  1 
ATOM   237 C  CA  B ARG A 1 32 ? 6.426   3.574   0.341   0.50 16.77  ? 147 ARG A CA  1 
ATOM   238 C  C   . ARG A 1 32 ? 7.368   2.529   -0.227  1.00 18.38  ? 147 ARG A C   1 
ATOM   239 O  O   . ARG A 1 32 ? 6.970   1.387   -0.397  1.00 17.54  ? 147 ARG A O   1 
ATOM   240 C  CB  A ARG A 1 32 ? 6.782   3.841   1.816   0.50 16.39  ? 147 ARG A CB  1 
ATOM   241 C  CB  B ARG A 1 32 ? 6.754   3.883   1.811   0.50 18.59  ? 147 ARG A CB  1 
ATOM   242 C  CG  A ARG A 1 32 ? 6.843   2.592   2.712   0.50 13.39  ? 147 ARG A CG  1 
ATOM   243 C  CG  B ARG A 1 32 ? 6.306   2.813   2.830   0.50 24.67  ? 147 ARG A CG  1 
ATOM   244 C  CD  A ARG A 1 32 ? 7.060   2.983   4.167   0.50 14.59  ? 147 ARG A CD  1 
ATOM   245 C  CD  B ARG A 1 32 ? 6.780   3.140   4.244   0.50 27.22  ? 147 ARG A CD  1 
ATOM   246 N  NE  A ARG A 1 32 ? 7.310   1.808   4.996   0.50 14.89  ? 147 ARG A NE  1 
ATOM   247 N  NE  B ARG A 1 32 ? 8.240   3.176   4.313   0.50 27.36  ? 147 ARG A NE  1 
ATOM   248 C  CZ  A ARG A 1 32 ? 8.492   1.213   5.103   0.50 31.00  ? 147 ARG A CZ  1 
ATOM   249 C  CZ  B ARG A 1 32 ? 9.000   2.133   4.619   0.50 33.60  ? 147 ARG A CZ  1 
ATOM   250 N  NH1 A ARG A 1 32 ? 9.545   1.693   4.453   0.50 19.94  ? 147 ARG A NH1 1 
ATOM   251 N  NH1 B ARG A 1 32 ? 10.322  2.240   4.598   0.50 27.33  ? 147 ARG A NH1 1 
ATOM   252 N  NH2 A ARG A 1 32 ? 8.630   0.130   5.856   0.50 24.76  ? 147 ARG A NH2 1 
ATOM   253 N  NH2 B ARG A 1 32 ? 8.448   0.981   4.968   0.50 19.96  ? 147 ARG A NH2 1 
ATOM   254 N  N   . GLU A 1 33 ? 8.614   2.925   -0.460  1.00 19.90  ? 148 GLU A N   1 
ATOM   255 C  CA  . GLU A 1 33 ? 9.634   2.024   -0.935  1.00 19.68  ? 148 GLU A CA  1 
ATOM   256 C  C   . GLU A 1 33 ? 10.212  1.280   0.255   1.00 26.80  ? 148 GLU A C   1 
ATOM   257 O  O   . GLU A 1 33 ? 10.383  1.879   1.332   1.00 28.40  ? 148 GLU A O   1 
ATOM   258 C  CB  . GLU A 1 33 ? 10.738  2.808   -1.654  1.00 22.76  ? 148 GLU A CB  1 
ATOM   259 C  CG  . GLU A 1 33 ? 10.256  3.327   -2.983  1.00 30.00  ? 148 GLU A CG  1 
ATOM   260 C  CD  . GLU A 1 33 ? 11.273  4.208   -3.686  1.00 47.35  ? 148 GLU A CD  1 
ATOM   261 O  OE1 . GLU A 1 33 ? 12.484  3.902   -3.615  1.00 48.45  ? 148 GLU A OE1 1 
ATOM   262 O  OE2 . GLU A 1 33 ? 10.853  5.215   -4.302  1.00 40.33  ? 148 GLU A OE2 1 
ATOM   263 N  N   . SER A 1 34 ? 10.532  -0.009  0.077   1.00 23.55  ? 149 SER A N   1 
ATOM   264 C  CA  . SER A 1 34 ? 11.163  -0.801  1.136   1.00 25.49  ? 149 SER A CA  1 
ATOM   265 C  C   . SER A 1 34 ? 12.676  -0.555  1.131   1.00 32.87  ? 149 SER A C   1 
ATOM   266 O  O   . SER A 1 34 ? 13.329  -0.710  0.081   1.00 32.31  ? 149 SER A O   1 
ATOM   267 C  CB  . SER A 1 34 ? 10.871  -2.292  0.963   1.00 29.29  ? 149 SER A CB  1 
ATOM   268 O  OG  . SER A 1 34 ? 11.682  -3.076  1.832   1.00 31.88  ? 149 SER A OG  1 
ATOM   269 N  N   . ALA A 1 35 ? 13.255  -0.196  2.296   1.00 36.16  ? 150 ALA A N   1 
ATOM   270 C  CA  . ALA A 1 35 ? 14.708  -0.007  2.367   1.00 39.99  ? 150 ALA A CA  1 
ATOM   271 C  C   . ALA A 1 35 ? 15.427  -1.362  2.506   1.00 43.55  ? 150 ALA A C   1 
ATOM   272 O  O   . ALA A 1 35 ? 16.420  -1.590  1.810   1.00 46.19  ? 150 ALA A O   1 
ATOM   273 C  CB  . ALA A 1 35 ? 15.091  0.924   3.520   1.00 41.73  ? 150 ALA A CB  1 
ATOM   274 N  N   . ARG A 1 36 ? 14.869  -2.288  3.329   1.00 38.87  ? 151 ARG A N   1 
ATOM   275 C  CA  . ARG A 1 36 ? 15.484  -3.621  3.538   1.00 41.97  ? 151 ARG A CA  1 
ATOM   276 C  C   . ARG A 1 36 ? 15.374  -4.526  2.317   1.00 42.64  ? 151 ARG A C   1 
ATOM   277 O  O   . ARG A 1 36 ? 16.220  -5.401  2.141   1.00 44.60  ? 151 ARG A O   1 
ATOM   278 C  CB  . ARG A 1 36 ? 14.843  -4.347  4.731   1.00 46.48  ? 151 ARG A CB  1 
ATOM   279 C  CG  . ARG A 1 36 ? 15.332  -3.880  6.098   1.00 61.94  ? 151 ARG A CG  1 
ATOM   280 C  CD  . ARG A 1 36 ? 14.746  -4.710  7.229   1.00 75.57  ? 151 ARG A CD  1 
ATOM   281 N  NE  . ARG A 1 36 ? 13.280  -4.756  7.209   1.00 83.27  ? 151 ARG A NE  1 
ATOM   282 C  CZ  . ARG A 1 36 ? 12.486  -3.945  7.901   1.00 96.40  ? 151 ARG A CZ  1 
ATOM   283 N  NH1 . ARG A 1 36 ? 13.005  -3.003  8.680   1.00 85.72  ? 151 ARG A NH1 1 
ATOM   284 N  NH2 . ARG A 1 36 ? 11.169  -4.070  7.821   1.00 81.32  ? 151 ARG A NH2 1 
ATOM   285 N  N   . HIS A 1 37 ? 14.317  -4.336  1.494   1.00 35.49  ? 152 HIS A N   1 
ATOM   286 C  CA  . HIS A 1 37 ? 14.068  -5.153  0.305   1.00 36.06  ? 152 HIS A CA  1 
ATOM   287 C  C   . HIS A 1 37 ? 14.090  -4.230  -0.925  1.00 36.53  ? 152 HIS A C   1 
ATOM   288 O  O   . HIS A 1 37 ? 13.021  -3.849  -1.412  1.00 32.17  ? 152 HIS A O   1 
ATOM   289 C  CB  . HIS A 1 37 ? 12.726  -5.916  0.469   1.00 35.56  ? 152 HIS A CB  1 
ATOM   290 C  CG  . HIS A 1 37 ? 12.716  -6.833  1.660   1.00 41.54  ? 152 HIS A CG  1 
ATOM   291 N  ND1 . HIS A 1 37 ? 11.859  -6.624  2.734   1.00 42.15  ? 152 HIS A ND1 1 
ATOM   292 C  CD2 . HIS A 1 37 ? 13.488  -7.916  1.922   1.00 47.30  ? 152 HIS A CD2 1 
ATOM   293 C  CE1 . HIS A 1 37 ? 12.136  -7.587  3.602   1.00 43.96  ? 152 HIS A CE1 1 
ATOM   294 N  NE2 . HIS A 1 37 ? 13.104  -8.392  3.153   1.00 47.90  ? 152 HIS A NE2 1 
ATOM   295 N  N   . PRO A 1 38 ? 15.294  -3.897  -1.459  1.00 37.56  ? 153 PRO A N   1 
ATOM   296 C  CA  . PRO A 1 38 ? 15.384  -2.969  -2.599  1.00 36.61  ? 153 PRO A CA  1 
ATOM   297 C  C   . PRO A 1 38 ? 14.484  -3.343  -3.757  1.00 36.99  ? 153 PRO A C   1 
ATOM   298 O  O   . PRO A 1 38 ? 14.554  -4.473  -4.245  1.00 36.96  ? 153 PRO A O   1 
ATOM   299 C  CB  . PRO A 1 38 ? 16.850  -3.080  -3.019  1.00 43.04  ? 153 PRO A CB  1 
ATOM   300 C  CG  . PRO A 1 38 ? 17.562  -3.368  -1.755  1.00 49.77  ? 153 PRO A CG  1 
ATOM   301 C  CD  . PRO A 1 38 ? 16.644  -4.281  -0.991  1.00 42.53  ? 153 PRO A CD  1 
ATOM   302 N  N   . GLY A 1 39 ? 13.652  -2.394  -4.169  1.00 31.19  ? 154 GLY A N   1 
ATOM   303 C  CA  . GLY A 1 39 ? 12.730  -2.592  -5.280  1.00 30.25  ? 154 GLY A CA  1 
ATOM   304 C  C   . GLY A 1 39 ? 11.334  -2.973  -4.852  1.00 30.77  ? 154 GLY A C   1 
ATOM   305 O  O   . GLY A 1 39 ? 10.401  -2.851  -5.650  1.00 30.01  ? 154 GLY A O   1 
ATOM   306 N  N   . ASP A 1 40 ? 11.182  -3.479  -3.623  1.00 26.20  ? 155 ASP A N   1 
ATOM   307 C  CA  . ASP A 1 40 ? 9.864   -3.822  -3.107  1.00 22.72  ? 155 ASP A CA  1 
ATOM   308 C  C   . ASP A 1 40 ? 9.225   -2.601  -2.442  1.00 22.86  ? 155 ASP A C   1 
ATOM   309 O  O   . ASP A 1 40 ? 9.866   -1.549  -2.291  1.00 22.69  ? 155 ASP A O   1 
ATOM   310 C  CB  . ASP A 1 40 ? 9.899   -5.014  -2.125  1.00 25.32  ? 155 ASP A CB  1 
ATOM   311 C  CG  . ASP A 1 40 ? 10.064  -6.370  -2.796  1.00 36.27  ? 155 ASP A CG  1 
ATOM   312 O  OD1 . ASP A 1 40 ? 10.157  -6.412  -4.057  1.00 36.39  ? 155 ASP A OD1 1 
ATOM   313 O  OD2 . ASP A 1 40 ? 10.052  -7.389  -2.076  1.00 40.81  ? 155 ASP A OD2 1 
ATOM   314 N  N   . TYR A 1 41 ? 7.954   -2.738  -2.130  1.00 19.59  ? 156 TYR A N   1 
ATOM   315 C  CA  . TYR A 1 41 ? 7.189   -1.640  -1.559  1.00 17.02  ? 156 TYR A CA  1 
ATOM   316 C  C   . TYR A 1 41 ? 6.478   -2.102  -0.344  1.00 17.73  ? 156 TYR A C   1 
ATOM   317 O  O   . TYR A 1 41 ? 6.427   -3.298  -0.060  1.00 17.95  ? 156 TYR A O   1 
ATOM   318 C  CB  . TYR A 1 41 ? 6.155   -1.116  -2.582  1.00 17.41  ? 156 TYR A CB  1 
ATOM   319 C  CG  . TYR A 1 41 ? 6.771   -0.727  -3.895  1.00 19.67  ? 156 TYR A CG  1 
ATOM   320 C  CD1 . TYR A 1 41 ? 7.350   0.528   -4.069  1.00 20.86  ? 156 TYR A CD1 1 
ATOM   321 C  CD2 . TYR A 1 41 ? 6.787   -1.612  -4.970  1.00 22.56  ? 156 TYR A CD2 1 
ATOM   322 C  CE1 . TYR A 1 41 ? 7.919   0.896   -5.287  1.00 24.24  ? 156 TYR A CE1 1 
ATOM   323 C  CE2 . TYR A 1 41 ? 7.368   -1.261  -6.185  1.00 24.82  ? 156 TYR A CE2 1 
ATOM   324 C  CZ  . TYR A 1 41 ? 7.934   -0.005  -6.337  1.00 26.56  ? 156 TYR A CZ  1 
ATOM   325 O  OH  . TYR A 1 41 ? 8.507   0.375   -7.535  1.00 31.45  ? 156 TYR A OH  1 
ATOM   326 N  N   . VAL A 1 42 ? 5.943   -1.130  0.392   1.00 15.05  ? 157 VAL A N   1 
ATOM   327 C  CA  . VAL A 1 42 ? 5.087   -1.408  1.526   1.00 13.72  ? 157 VAL A CA  1 
ATOM   328 C  C   . VAL A 1 42 ? 3.845   -0.580  1.377   1.00 15.38  ? 157 VAL A C   1 
ATOM   329 O  O   . VAL A 1 42 ? 3.915   0.634   1.180   1.00 15.79  ? 157 VAL A O   1 
ATOM   330 C  CB  . VAL A 1 42 ? 5.784   -1.137  2.887   1.00 16.84  ? 157 VAL A CB  1 
ATOM   331 C  CG1 . VAL A 1 42 ? 4.866   -1.554  4.051   1.00 17.81  ? 157 VAL A CG1 1 
ATOM   332 C  CG2 . VAL A 1 42 ? 7.122   -1.881  2.963   1.00 18.23  ? 157 VAL A CG2 1 
ATOM   333 N  N   . LEU A 1 43 ? 2.684   -1.237  1.427   1.00 14.51  ? 158 LEU A N   1 
ATOM   334 C  CA  . LEU A 1 43 ? 1.394   -0.572  1.454   1.00 14.07  ? 158 LEU A CA  1 
ATOM   335 C  C   . LEU A 1 43 ? 0.996   -0.392  2.928   1.00 17.70  ? 158 LEU A C   1 
ATOM   336 O  O   . LEU A 1 43 ? 0.987   -1.372  3.693   1.00 16.96  ? 158 LEU A O   1 
ATOM   337 C  CB  . LEU A 1 43 ? 0.341   -1.440  0.703   1.00 14.66  ? 158 LEU A CB  1 
ATOM   338 C  CG  . LEU A 1 43 ? -1.133  -1.021  0.902   1.00 16.47  ? 158 LEU A CG  1 
ATOM   339 C  CD1 . LEU A 1 43 ? -1.411  0.342   0.258   1.00 17.08  ? 158 LEU A CD1 1 
ATOM   340 C  CD2 . LEU A 1 43 ? -2.093  -2.107  0.342   1.00 16.99  ? 158 LEU A CD2 1 
ATOM   341 N  N   . CYS A 1 44 ? 0.752   0.855   3.350   1.00 16.57  ? 159 CYS A N   1 
ATOM   342 C  CA  . CYS A 1 44 ? 0.441   1.182   4.754   1.00 17.54  ? 159 CYS A CA  1 
ATOM   343 C  C   . CYS A 1 44 ? -0.963  1.657   4.792   1.00 17.94  ? 159 CYS A C   1 
ATOM   344 O  O   . CYS A 1 44 ? -1.313  2.573   4.050   1.00 19.04  ? 159 CYS A O   1 
ATOM   345 C  CB  . CYS A 1 44 ? 1.401   2.245   5.266   1.00 17.69  ? 159 CYS A CB  1 
ATOM   346 S  SG  . CYS A 1 44 ? 3.131   1.769   5.074   1.00 20.71  ? 159 CYS A SG  1 
ATOM   347 N  N   . VAL A 1 45 ? -1.812  0.999   5.617   1.00 18.22  ? 160 VAL A N   1 
ATOM   348 C  CA  A VAL A 1 45 ? -3.210  1.401   5.660   0.50 19.53  ? 160 VAL A CA  1 
ATOM   349 C  CA  B VAL A 1 45 ? -3.238  1.300   5.679   0.50 18.25  ? 160 VAL A CA  1 
ATOM   350 C  C   . VAL A 1 45 ? -3.679  1.532   7.123   1.00 23.94  ? 160 VAL A C   1 
ATOM   351 O  O   . VAL A 1 45 ? -3.350  0.722   7.992   1.00 24.94  ? 160 VAL A O   1 
ATOM   352 C  CB  A VAL A 1 45 ? -4.143  0.478   4.810   0.50 24.50  ? 160 VAL A CB  1 
ATOM   353 C  CB  B VAL A 1 45 ? -4.058  0.128   5.056   0.50 20.95  ? 160 VAL A CB  1 
ATOM   354 C  CG1 A VAL A 1 45 ? -4.209  -0.942  5.363   0.50 25.10  ? 160 VAL A CG1 1 
ATOM   355 C  CG1 B VAL A 1 45 ? -5.554  0.435   5.020   0.50 22.06  ? 160 VAL A CG1 1 
ATOM   356 C  CG2 A VAL A 1 45 ? -5.550  1.065   4.661   0.50 26.55  ? 160 VAL A CG2 1 
ATOM   357 C  CG2 B VAL A 1 45 ? -3.547  -0.233  3.666   0.50 18.42  ? 160 VAL A CG2 1 
ATOM   358 N  N   . SER A 1 46 ? -4.447  2.574   7.355   1.00 23.93  ? 161 SER A N   1 
ATOM   359 C  CA  . SER A 1 46 ? -5.025  2.845   8.666   1.00 27.09  ? 161 SER A CA  1 
ATOM   360 C  C   . SER A 1 46 ? -6.291  1.980   8.804   1.00 32.54  ? 161 SER A C   1 
ATOM   361 O  O   . SER A 1 46 ? -7.155  1.990   7.913   1.00 30.86  ? 161 SER A O   1 
ATOM   362 C  CB  . SER A 1 46 ? -5.349  4.330   8.819   1.00 31.61  ? 161 SER A CB  1 
ATOM   363 O  OG  . SER A 1 46 ? -5.986  4.641   10.055  1.00 33.48  ? 161 SER A OG  1 
ATOM   364 N  N   . PHE A 1 47 ? -6.393  1.215   9.907   1.00 33.03  ? 162 PHE A N   1 
ATOM   365 C  CA  . PHE A 1 47 ? -7.538  0.342   10.168  1.00 35.01  ? 162 PHE A CA  1 
ATOM   366 C  C   . PHE A 1 47 ? -7.694  0.113   11.667  1.00 41.49  ? 162 PHE A C   1 
ATOM   367 O  O   . PHE A 1 47 ? -6.753  -0.316  12.322  1.00 39.40  ? 162 PHE A O   1 
ATOM   368 C  CB  . PHE A 1 47 ? -7.414  -1.007  9.423   1.00 35.43  ? 162 PHE A CB  1 
ATOM   369 C  CG  . PHE A 1 47 ? -8.599  -1.939  9.607   1.00 40.26  ? 162 PHE A CG  1 
ATOM   370 C  CD1 . PHE A 1 47 ? -9.858  -1.593  9.129   1.00 44.60  ? 162 PHE A CD1 1 
ATOM   371 C  CD2 . PHE A 1 47 ? -8.461  -3.141  10.295  1.00 45.74  ? 162 PHE A CD2 1 
ATOM   372 C  CE1 . PHE A 1 47 ? -10.967 -2.440  9.327   1.00 49.80  ? 162 PHE A CE1 1 
ATOM   373 C  CE2 . PHE A 1 47 ? -9.564  -3.990  10.486  1.00 52.46  ? 162 PHE A CE2 1 
ATOM   374 C  CZ  . PHE A 1 47 ? -10.807 -3.631  10.002  1.00 51.82  ? 162 PHE A CZ  1 
ATOM   375 N  N   . GLY A 1 48 ? -8.886  0.383   12.195  1.00 42.86  ? 163 GLY A N   1 
ATOM   376 C  CA  . GLY A 1 48 ? -9.149  0.191   13.615  1.00 46.32  ? 163 GLY A CA  1 
ATOM   377 C  C   . GLY A 1 48 ? -8.204  0.932   14.547  1.00 50.47  ? 163 GLY A C   1 
ATOM   378 O  O   . GLY A 1 48 ? -7.887  0.431   15.632  1.00 52.41  ? 163 GLY A O   1 
ATOM   379 N  N   . ARG A 1 49 ? -7.775  2.148   14.136  1.00 44.91  ? 164 ARG A N   1 
ATOM   380 C  CA  . ARG A 1 49 ? -6.869  3.079   14.851  1.00 46.13  ? 164 ARG A CA  1 
ATOM   381 C  C   . ARG A 1 49 ? -5.405  2.592   14.888  1.00 46.84  ? 164 ARG A C   1 
ATOM   382 O  O   . ARG A 1 49 ? -4.585  3.163   15.612  1.00 49.12  ? 164 ARG A O   1 
ATOM   383 C  CB  . ARG A 1 49 ? -7.356  3.450   16.260  1.00 49.78  ? 164 ARG A CB  1 
ATOM   384 C  CG  . ARG A 1 49 ? -8.728  4.119   16.242  1.00 53.19  ? 164 ARG A CG  1 
ATOM   385 C  CD  . ARG A 1 49 ? -9.008  4.951   17.472  1.00 58.30  ? 164 ARG A CD  1 
ATOM   386 N  NE  . ARG A 1 49 ? -10.237 5.728   17.299  1.00 77.88  ? 164 ARG A NE  1 
ATOM   387 C  CZ  . ARG A 1 49 ? -11.032 6.123   18.292  1.00 103.62 ? 164 ARG A CZ  1 
ATOM   388 N  NH1 . ARG A 1 49 ? -10.747 5.805   19.550  1.00 92.42  ? 164 ARG A NH1 1 
ATOM   389 N  NH2 . ARG A 1 49 ? -12.126 6.827   18.032  1.00 98.37  ? 164 ARG A NH2 1 
ATOM   390 N  N   . ASP A 1 50 ? -5.092  1.572   14.076  1.00 39.72  ? 165 ASP A N   1 
ATOM   391 C  CA  A ASP A 1 50 ? -3.756  0.990   13.915  0.50 36.27  ? 165 ASP A CA  1 
ATOM   392 C  CA  B ASP A 1 50 ? -3.743  1.017   13.903  0.50 35.98  ? 165 ASP A CA  1 
ATOM   393 C  C   . ASP A 1 50 ? -3.291  1.233   12.476  1.00 34.03  ? 165 ASP A C   1 
ATOM   394 O  O   . ASP A 1 50 ? -4.125  1.553   11.627  1.00 32.56  ? 165 ASP A O   1 
ATOM   395 C  CB  A ASP A 1 50 ? -3.845  -0.527  14.205  0.50 39.58  ? 165 ASP A CB  1 
ATOM   396 C  CB  B ASP A 1 50 ? -3.724  -0.493  14.198  0.50 38.78  ? 165 ASP A CB  1 
ATOM   397 C  CG  A ASP A 1 50 ? -2.551  -1.288  14.459  0.50 50.94  ? 165 ASP A CG  1 
ATOM   398 C  CG  B ASP A 1 50 ? -3.905  -0.894  15.644  0.50 54.28  ? 165 ASP A CG  1 
ATOM   399 O  OD1 A ASP A 1 50 ? -1.472  -0.666  14.403  0.50 49.34  ? 165 ASP A OD1 1 
ATOM   400 O  OD1 B ASP A 1 50 ? -4.495  -1.967  15.888  0.50 58.30  ? 165 ASP A OD1 1 
ATOM   401 O  OD2 A ASP A 1 50 ? -2.622  -2.510  14.706  0.50 60.18  ? 165 ASP A OD2 1 
ATOM   402 O  OD2 B ASP A 1 50 ? -3.399  -0.170  16.531  0.50 61.77  ? 165 ASP A OD2 1 
ATOM   403 N  N   . VAL A 1 51 ? -1.985  1.057   12.189  1.00 27.97  ? 166 VAL A N   1 
ATOM   404 C  CA  . VAL A 1 51 ? -1.483  1.126   10.833  1.00 24.90  ? 166 VAL A CA  1 
ATOM   405 C  C   . VAL A 1 51 ? -1.044  -0.289  10.513  1.00 28.46  ? 166 VAL A C   1 
ATOM   406 O  O   . VAL A 1 51 ? -0.257  -0.890  11.270  1.00 29.52  ? 166 VAL A O   1 
ATOM   407 C  CB  . VAL A 1 51 ? -0.364  2.176   10.588  1.00 25.45  ? 166 VAL A CB  1 
ATOM   408 C  CG1 . VAL A 1 51 ? 0.247   2.011   9.184   1.00 23.56  ? 166 VAL A CG1 1 
ATOM   409 C  CG2 . VAL A 1 51 ? -0.904  3.590   10.770  1.00 26.99  ? 166 VAL A CG2 1 
ATOM   410 N  N   . ILE A 1 52 ? -1.646  -0.862  9.456   1.00 25.42  ? 167 ILE A N   1 
ATOM   411 C  CA  . ILE A 1 52 ? -1.322  -2.203  9.005   1.00 23.92  ? 167 ILE A CA  1 
ATOM   412 C  C   . ILE A 1 52 ? -0.401  -2.062  7.814   1.00 22.92  ? 167 ILE A C   1 
ATOM   413 O  O   . ILE A 1 52 ? -0.657  -1.253  6.912   1.00 22.41  ? 167 ILE A O   1 
ATOM   414 C  CB  . ILE A 1 52 ? -2.587  -3.052  8.667   1.00 28.43  ? 167 ILE A CB  1 
ATOM   415 C  CG1 . ILE A 1 52 ? -3.656  -2.973  9.799   1.00 31.97  ? 167 ILE A CG1 1 
ATOM   416 C  CG2 . ILE A 1 52 ? -2.189  -4.490  8.387   1.00 30.66  ? 167 ILE A CG2 1 
ATOM   417 C  CD1 . ILE A 1 52 ? -3.209  -3.447  11.220  1.00 40.25  ? 167 ILE A CD1 1 
ATOM   418 N  N   . HIS A 1 53 ? 0.689   -2.816  7.829   1.00 21.52  ? 168 HIS A N   1 
ATOM   419 C  CA  . HIS A 1 53 ? 1.733   -2.763  6.798   1.00 20.93  ? 168 HIS A CA  1 
ATOM   420 C  C   . HIS A 1 53 ? 1.722   -4.035  5.965   1.00 23.87  ? 168 HIS A C   1 
ATOM   421 O  O   . HIS A 1 53 ? 1.790   -5.133  6.522   1.00 26.78  ? 168 HIS A O   1 
ATOM   422 C  CB  . HIS A 1 53 ? 3.119   -2.582  7.447   1.00 22.43  ? 168 HIS A CB  1 
ATOM   423 C  CG  . HIS A 1 53 ? 3.200   -1.431  8.397   1.00 26.64  ? 168 HIS A CG  1 
ATOM   424 N  ND1 . HIS A 1 53 ? 3.616   -0.175  7.979   1.00 26.90  ? 168 HIS A ND1 1 
ATOM   425 C  CD2 . HIS A 1 53 ? 2.897   -1.377  9.715   1.00 30.26  ? 168 HIS A CD2 1 
ATOM   426 C  CE1 . HIS A 1 53 ? 3.613   0.582   9.069   1.00 28.19  ? 168 HIS A CE1 1 
ATOM   427 N  NE2 . HIS A 1 53 ? 3.147   -0.083  10.125  1.00 30.67  ? 168 HIS A NE2 1 
ATOM   428 N  N   . TYR A 1 54 ? 1.684   -3.895  4.648   1.00 18.49  ? 169 TYR A N   1 
ATOM   429 C  CA  . TYR A 1 54 ? 1.741   -5.040  3.755   1.00 17.82  ? 169 TYR A CA  1 
ATOM   430 C  C   . TYR A 1 54 ? 2.914   -4.982  2.840   1.00 17.75  ? 169 TYR A C   1 
ATOM   431 O  O   . TYR A 1 54 ? 3.048   -4.031  2.075   1.00 17.28  ? 169 TYR A O   1 
ATOM   432 C  CB  . TYR A 1 54 ? 0.469   -5.148  2.906   1.00 18.94  ? 169 TYR A CB  1 
ATOM   433 C  CG  . TYR A 1 54 ? -0.793  -5.244  3.718   1.00 20.44  ? 169 TYR A CG  1 
ATOM   434 C  CD1 . TYR A 1 54 ? -1.223  -6.464  4.228   1.00 23.74  ? 169 TYR A CD1 1 
ATOM   435 C  CD2 . TYR A 1 54 ? -1.560  -4.115  3.988   1.00 20.16  ? 169 TYR A CD2 1 
ATOM   436 C  CE1 . TYR A 1 54 ? -2.381  -6.560  4.991   1.00 25.40  ? 169 TYR A CE1 1 
ATOM   437 C  CE2 . TYR A 1 54 ? -2.740  -4.199  4.716   1.00 21.68  ? 169 TYR A CE2 1 
ATOM   438 C  CZ  . TYR A 1 54 ? -3.151  -5.432  5.221   1.00 24.35  ? 169 TYR A CZ  1 
ATOM   439 O  OH  . TYR A 1 54 ? -4.289  -5.589  5.990   1.00 27.77  ? 169 TYR A OH  1 
ATOM   440 N  N   . ARG A 1 55 ? 3.770   -5.995  2.892   1.00 18.76  ? 170 ARG A N   1 
ATOM   441 C  CA  . ARG A 1 55 ? 4.871   -6.011  1.944   1.00 19.30  ? 170 ARG A CA  1 
ATOM   442 C  C   . ARG A 1 55 ? 4.333   -6.326  0.548   1.00 21.58  ? 170 ARG A C   1 
ATOM   443 O  O   . ARG A 1 55 ? 3.563   -7.289  0.372   1.00 23.61  ? 170 ARG A O   1 
ATOM   444 C  CB  . ARG A 1 55 ? 5.896   -7.081  2.348   1.00 24.43  ? 170 ARG A CB  1 
ATOM   445 C  CG  . ARG A 1 55 ? 7.110   -7.050  1.450   1.00 30.59  ? 170 ARG A CG  1 
ATOM   446 C  CD  . ARG A 1 55 ? 8.220   -7.903  2.007   1.00 44.19  ? 170 ARG A CD  1 
ATOM   447 N  NE  . ARG A 1 55 ? 9.198   -8.152  0.956   1.00 49.08  ? 170 ARG A NE  1 
ATOM   448 C  CZ  . ARG A 1 55 ? 10.053  -9.164  0.964   1.00 62.02  ? 170 ARG A CZ  1 
ATOM   449 N  NH1 . ARG A 1 55 ? 10.049  -10.036 1.965   1.00 51.46  ? 170 ARG A NH1 1 
ATOM   450 N  NH2 . ARG A 1 55 ? 10.906  -9.325  -0.035  1.00 48.46  ? 170 ARG A NH2 1 
ATOM   451 N  N   . VAL A 1 56 ? 4.797   -5.561  -0.446  1.00 17.55  ? 171 VAL A N   1 
ATOM   452 C  CA  . VAL A 1 56 ? 4.439   -5.783  -1.840  1.00 17.76  ? 171 VAL A CA  1 
ATOM   453 C  C   . VAL A 1 56 ? 5.625   -6.484  -2.443  1.00 24.25  ? 171 VAL A C   1 
ATOM   454 O  O   . VAL A 1 56 ? 6.658   -5.841  -2.628  1.00 25.47  ? 171 VAL A O   1 
ATOM   455 C  CB  . VAL A 1 56 ? 4.110   -4.479  -2.573  1.00 19.41  ? 171 VAL A CB  1 
ATOM   456 C  CG1 . VAL A 1 56 ? 3.713   -4.789  -4.034  1.00 20.86  ? 171 VAL A CG1 1 
ATOM   457 C  CG2 . VAL A 1 56 ? 2.978   -3.753  -1.852  1.00 18.50  ? 171 VAL A CG2 1 
ATOM   458 N  N   . LEU A 1 57 ? 5.467   -7.776  -2.743  1.00 23.62  ? 172 LEU A N   1 
ATOM   459 C  CA  . LEU A 1 57 ? 6.500   -8.669  -3.278  1.00 26.92  ? 172 LEU A CA  1 
ATOM   460 C  C   . LEU A 1 57 ? 6.529   -8.680  -4.780  1.00 28.83  ? 172 LEU A C   1 
ATOM   461 O  O   . LEU A 1 57 ? 5.537   -8.369  -5.408  1.00 26.57  ? 172 LEU A O   1 
ATOM   462 C  CB  . LEU A 1 57 ? 6.212   -10.127 -2.821  1.00 30.54  ? 172 LEU A CB  1 
ATOM   463 C  CG  . LEU A 1 57 ? 5.775   -10.396 -1.387  1.00 36.57  ? 172 LEU A CG  1 
ATOM   464 C  CD1 . LEU A 1 57 ? 5.070   -11.754 -1.288  1.00 40.33  ? 172 LEU A CD1 1 
ATOM   465 C  CD2 . LEU A 1 57 ? 6.979   -10.423 -0.459  1.00 42.65  ? 172 LEU A CD2 1 
ATOM   466 N  N   . HIS A 1 58 ? 7.642   -9.129  -5.361  1.00 28.70  ? 173 HIS A N   1 
ATOM   467 C  CA  . HIS A 1 58 ? 7.755   -9.348  -6.804  1.00 30.57  ? 173 HIS A CA  1 
ATOM   468 C  C   . HIS A 1 58 ? 7.732   -10.842 -7.042  1.00 36.83  ? 173 HIS A C   1 
ATOM   469 O  O   . HIS A 1 58 ? 8.460   -11.594 -6.369  1.00 38.86  ? 173 HIS A O   1 
ATOM   470 C  CB  . HIS A 1 58 ? 9.035   -8.721  -7.385  1.00 32.40  ? 173 HIS A CB  1 
ATOM   471 C  CG  . HIS A 1 58 ? 8.962   -7.243  -7.602  1.00 32.05  ? 173 HIS A CG  1 
ATOM   472 N  ND1 . HIS A 1 58 ? 9.299   -6.356  -6.603  1.00 32.31  ? 173 HIS A ND1 1 
ATOM   473 C  CD2 . HIS A 1 58 ? 8.664   -6.545  -8.726  1.00 32.76  ? 173 HIS A CD2 1 
ATOM   474 C  CE1 . HIS A 1 58 ? 9.135   -5.147  -7.117  1.00 30.09  ? 173 HIS A CE1 1 
ATOM   475 N  NE2 . HIS A 1 58 ? 8.782   -5.208  -8.403  1.00 31.41  ? 173 HIS A NE2 1 
ATOM   476 N  N   . ARG A 1 59 ? 6.882   -11.279 -7.993  1.00 36.47  ? 174 ARG A N   1 
ATOM   477 C  CA  A ARG A 1 59 ? 6.752   -12.675 -8.415  0.50 41.13  ? 174 ARG A CA  1 
ATOM   478 C  CA  B ARG A 1 59 ? 6.743   -12.676 -8.409  0.50 40.86  ? 174 ARG A CA  1 
ATOM   479 C  C   . ARG A 1 59 ? 6.546   -12.695 -9.914  1.00 48.48  ? 174 ARG A C   1 
ATOM   480 O  O   . ARG A 1 59 ? 5.538   -12.174 -10.401 1.00 46.44  ? 174 ARG A O   1 
ATOM   481 C  CB  A ARG A 1 59 ? 5.601   -13.407 -7.683  0.50 42.88  ? 174 ARG A CB  1 
ATOM   482 C  CB  B ARG A 1 59 ? 5.572   -13.384 -7.681  0.50 41.33  ? 174 ARG A CB  1 
ATOM   483 C  CG  A ARG A 1 59 ? 5.814   -13.658 -6.188  0.50 53.61  ? 174 ARG A CG  1 
ATOM   484 C  CG  B ARG A 1 59 ? 5.745   -13.629 -6.174  0.50 46.46  ? 174 ARG A CG  1 
ATOM   485 C  CD  A ARG A 1 59 ? 6.982   -14.587 -5.901  0.50 68.35  ? 174 ARG A CD  1 
ATOM   486 C  CD  B ARG A 1 59 ? 6.687   -14.784 -5.861  0.50 52.60  ? 174 ARG A CD  1 
ATOM   487 N  NE  A ARG A 1 59 ? 7.645   -14.231 -4.647  0.50 74.80  ? 174 ARG A NE  1 
ATOM   488 N  NE  B ARG A 1 59 ? 6.807   -15.049 -4.424  0.50 44.98  ? 174 ARG A NE  1 
ATOM   489 C  CZ  A ARG A 1 59 ? 7.481   -14.885 -3.504  0.50 88.97  ? 174 ARG A CZ  1 
ATOM   490 C  CZ  B ARG A 1 59 ? 7.643   -14.415 -3.605  0.50 56.41  ? 174 ARG A CZ  1 
ATOM   491 N  NH1 A ARG A 1 59 ? 6.689   -15.949 -3.448  0.50 78.32  ? 174 ARG A NH1 1 
ATOM   492 N  NH1 B ARG A 1 59 ? 8.422   -13.440 -4.061  0.50 45.27  ? 174 ARG A NH1 1 
ATOM   493 N  NH2 A ARG A 1 59 ? 8.119   -14.491 -2.411  0.50 74.69  ? 174 ARG A NH2 1 
ATOM   494 N  NH2 B ARG A 1 59 ? 7.694   -14.738 -2.320  0.50 41.04  ? 174 ARG A NH2 1 
ATOM   495 N  N   . ASP A 1 60 ? 7.529   -13.244 -10.652 1.00 53.03  ? 175 ASP A N   1 
ATOM   496 C  CA  . ASP A 1 60 ? 7.527   -13.344 -12.119 1.00 56.88  ? 175 ASP A CA  1 
ATOM   497 C  C   . ASP A 1 60 ? 7.336   -11.954 -12.778 1.00 58.42  ? 175 ASP A C   1 
ATOM   498 O  O   . ASP A 1 60 ? 6.531   -11.805 -13.705 1.00 58.34  ? 175 ASP A O   1 
ATOM   499 C  CB  . ASP A 1 60 ? 6.438   -14.325 -12.592 1.00 60.69  ? 175 ASP A CB  1 
ATOM   500 C  CG  . ASP A 1 60 ? 6.451   -15.680 -11.911 1.00 76.87  ? 175 ASP A CG  1 
ATOM   501 O  OD1 . ASP A 1 60 ? 7.371   -16.479 -12.195 1.00 82.54  ? 175 ASP A OD1 1 
ATOM   502 O  OD2 . ASP A 1 60 ? 5.524   -15.951 -11.115 1.00 80.73  ? 175 ASP A OD2 1 
ATOM   503 N  N   . GLY A 1 61 ? 8.057   -10.959 -12.261 1.00 53.29  ? 176 GLY A N   1 
ATOM   504 C  CA  . GLY A 1 61 ? 7.989   -9.573  -12.719 1.00 51.27  ? 176 GLY A CA  1 
ATOM   505 C  C   . GLY A 1 61 ? 6.781   -8.806  -12.207 1.00 50.77  ? 176 GLY A C   1 
ATOM   506 O  O   . GLY A 1 61 ? 6.782   -7.568  -12.216 1.00 50.98  ? 176 GLY A O   1 
ATOM   507 N  N   . HIS A 1 62 ? 5.757   -9.533  -11.717 1.00 41.58  ? 177 HIS A N   1 
ATOM   508 C  CA  . HIS A 1 62 ? 4.513   -8.953  -11.213 1.00 35.99  ? 177 HIS A CA  1 
ATOM   509 C  C   . HIS A 1 62 ? 4.584   -8.673  -9.717  1.00 34.35  ? 177 HIS A C   1 
ATOM   510 O  O   . HIS A 1 62 ? 5.437   -9.207  -9.023  1.00 36.20  ? 177 HIS A O   1 
ATOM   511 C  CB  . HIS A 1 62 ? 3.320   -9.877  -11.542 1.00 37.36  ? 177 HIS A CB  1 
ATOM   512 C  CG  . HIS A 1 62 ? 3.113   -10.057 -13.019 1.00 43.11  ? 177 HIS A CG  1 
ATOM   513 N  ND1 . HIS A 1 62 ? 2.910   -11.303 -13.565 1.00 48.49  ? 177 HIS A ND1 1 
ATOM   514 C  CD2 . HIS A 1 62 ? 3.132   -9.142  -14.017 1.00 45.56  ? 177 HIS A CD2 1 
ATOM   515 C  CE1 . HIS A 1 62 ? 2.787   -11.116 -14.870 1.00 49.48  ? 177 HIS A CE1 1 
ATOM   516 N  NE2 . HIS A 1 62 ? 2.913   -9.830  -15.191 1.00 48.48  ? 177 HIS A NE2 1 
ATOM   517 N  N   . LEU A 1 63 ? 3.658   -7.848  -9.230  1.00 25.88  ? 178 LEU A N   1 
ATOM   518 C  CA  . LEU A 1 63 ? 3.556   -7.435  -7.839  1.00 23.77  ? 178 LEU A CA  1 
ATOM   519 C  C   . LEU A 1 63 ? 2.449   -8.171  -7.129  1.00 26.02  ? 178 LEU A C   1 
ATOM   520 O  O   . LEU A 1 63 ? 1.387   -8.354  -7.714  1.00 25.74  ? 178 LEU A O   1 
ATOM   521 C  CB  . LEU A 1 63 ? 3.229   -5.940  -7.797  1.00 21.76  ? 178 LEU A CB  1 
ATOM   522 C  CG  . LEU A 1 63 ? 4.297   -5.011  -8.395  1.00 27.24  ? 178 LEU A CG  1 
ATOM   523 C  CD1 . LEU A 1 63 ? 3.823   -3.596  -8.326  1.00 25.63  ? 178 LEU A CD1 1 
ATOM   524 C  CD2 . LEU A 1 63 ? 5.591   -5.119  -7.613  1.00 31.11  ? 178 LEU A CD2 1 
ATOM   525 N  N   . THR A 1 64 ? 2.633   -8.470  -5.847  1.00 23.63  ? 179 THR A N   1 
ATOM   526 C  CA  . THR A 1 64 ? 1.582   -9.124  -5.087  1.00 23.49  ? 179 THR A CA  1 
ATOM   527 C  C   . THR A 1 64 ? 1.737   -8.896  -3.605  1.00 26.73  ? 179 THR A C   1 
ATOM   528 O  O   . THR A 1 64 ? 2.854   -8.759  -3.109  1.00 25.57  ? 179 THR A O   1 
ATOM   529 C  CB  . THR A 1 64 ? 1.572   -10.658 -5.382  1.00 29.05  ? 179 THR A CB  1 
ATOM   530 O  OG1 . THR A 1 64 ? 0.436   -11.270 -4.782  1.00 26.88  ? 179 THR A OG1 1 
ATOM   531 C  CG2 . THR A 1 64 ? 2.840   -11.366 -4.917  1.00 29.12  ? 179 THR A CG2 1 
ATOM   532 N  N   . ILE A 1 65 ? 0.607   -8.899  -2.889  1.00 21.35  ? 180 ILE A N   1 
ATOM   533 C  CA  . ILE A 1 65 ? 0.599   -8.896  -1.424  1.00 21.29  ? 180 ILE A CA  1 
ATOM   534 C  C   . ILE A 1 65 ? 0.310   -10.309 -0.915  1.00 28.56  ? 180 ILE A C   1 
ATOM   535 O  O   . ILE A 1 65 ? 1.029   -10.775 -0.040  1.00 31.96  ? 180 ILE A O   1 
ATOM   536 C  CB  . ILE A 1 65 ? -0.413  -7.881  -0.849  1.00 22.63  ? 180 ILE A CB  1 
ATOM   537 C  CG1 . ILE A 1 65 ? 0.058   -6.447  -1.173  1.00 20.87  ? 180 ILE A CG1 1 
ATOM   538 C  CG2 . ILE A 1 65 ? -0.687  -8.102  0.691   1.00 25.05  ? 180 ILE A CG2 1 
ATOM   539 C  CD1 . ILE A 1 65 ? -0.942  -5.384  -0.784  1.00 22.42  ? 180 ILE A CD1 1 
ATOM   540 N  N   . ASP A 1 66 ? -0.724  -10.974 -1.464  1.00 26.34  ? 181 ASP A N   1 
ATOM   541 C  CA  . ASP A 1 66 ? -1.220  -12.238 -0.931  1.00 28.90  ? 181 ASP A CA  1 
ATOM   542 C  C   . ASP A 1 66 ? -0.741  -13.498 -1.662  1.00 34.44  ? 181 ASP A C   1 
ATOM   543 O  O   . ASP A 1 66 ? -1.103  -14.607 -1.248  1.00 37.67  ? 181 ASP A O   1 
ATOM   544 C  CB  . ASP A 1 66 ? -2.768  -12.220 -0.937  1.00 31.86  ? 181 ASP A CB  1 
ATOM   545 C  CG  . ASP A 1 66 ? -3.471  -12.165 -2.294  1.00 34.91  ? 181 ASP A CG  1 
ATOM   546 O  OD1 . ASP A 1 66 ? -2.780  -12.042 -3.323  1.00 33.87  ? 181 ASP A OD1 1 
ATOM   547 O  OD2 . ASP A 1 66 ? -4.715  -12.173 -2.313  1.00 39.09  ? 181 ASP A OD2 1 
ATOM   548 N  N   . GLU A 1 67 ? 0.021   -13.340 -2.762  1.00 30.92  ? 182 GLU A N   1 
ATOM   549 C  CA  . GLU A 1 67 ? 0.535   -14.434 -3.590  1.00 35.99  ? 182 GLU A CA  1 
ATOM   550 C  C   . GLU A 1 67 ? -0.627  -15.246 -4.212  1.00 40.84  ? 182 GLU A C   1 
ATOM   551 O  O   . GLU A 1 67 ? -0.445  -16.417 -4.576  1.00 43.81  ? 182 GLU A O   1 
ATOM   552 C  CB  . GLU A 1 67 ? 1.508   -15.335 -2.807  1.00 41.33  ? 182 GLU A CB  1 
ATOM   553 C  CG  . GLU A 1 67 ? 2.723   -14.598 -2.274  1.00 51.17  ? 182 GLU A CG  1 
ATOM   554 C  CD  . GLU A 1 67 ? 3.568   -15.431 -1.335  1.00 80.36  ? 182 GLU A CD  1 
ATOM   555 O  OE1 . GLU A 1 67 ? 3.187   -15.568 -0.151  1.00 75.14  ? 182 GLU A OE1 1 
ATOM   556 O  OE2 . GLU A 1 67 ? 4.596   -15.977 -1.796  1.00 83.60  ? 182 GLU A OE2 1 
ATOM   557 N  N   . ALA A 1 68 ? -1.817  -14.605 -4.352  1.00 35.01  ? 183 ALA A N   1 
ATOM   558 C  CA  . ALA A 1 68 ? -2.988  -15.210 -4.998  1.00 36.74  ? 183 ALA A CA  1 
ATOM   559 C  C   . ALA A 1 68 ? -3.431  -14.322 -6.142  1.00 34.36  ? 183 ALA A C   1 
ATOM   560 O  O   . ALA A 1 68 ? -3.827  -14.823 -7.199  1.00 34.25  ? 183 ALA A O   1 
ATOM   561 C  CB  . ALA A 1 68 ? -4.118  -15.431 -4.002  1.00 38.75  ? 183 ALA A CB  1 
ATOM   562 N  N   . VAL A 1 69 ? -3.321  -12.990 -5.940  1.00 28.98  ? 184 VAL A N   1 
ATOM   563 C  CA  A VAL A 1 69 ? -3.661  -11.993 -6.949  0.50 26.84  ? 184 VAL A CA  1 
ATOM   564 C  CA  B VAL A 1 69 ? -3.664  -12.024 -6.968  0.50 26.28  ? 184 VAL A CA  1 
ATOM   565 C  C   . VAL A 1 69 ? -2.387  -11.189 -7.219  1.00 27.55  ? 184 VAL A C   1 
ATOM   566 O  O   . VAL A 1 69 ? -1.723  -10.765 -6.272  1.00 26.55  ? 184 VAL A O   1 
ATOM   567 C  CB  A VAL A 1 69 ? -4.863  -11.100 -6.543  0.50 28.98  ? 184 VAL A CB  1 
ATOM   568 C  CB  B VAL A 1 69 ? -4.963  -11.202 -6.674  0.50 27.73  ? 184 VAL A CB  1 
ATOM   569 C  CG1 A VAL A 1 69 ? -5.340  -10.264 -7.717  0.50 28.18  ? 184 VAL A CG1 1 
ATOM   570 C  CG1 B VAL A 1 69 ? -4.886  -10.380 -5.385  0.50 24.96  ? 184 VAL A CG1 1 
ATOM   571 C  CG2 A VAL A 1 69 ? -6.013  -11.932 -5.990  0.50 30.45  ? 184 VAL A CG2 1 
ATOM   572 C  CG2 B VAL A 1 69 ? -5.346  -10.332 -7.849  0.50 26.63  ? 184 VAL A CG2 1 
ATOM   573 N  N   . PHE A 1 70 ? -2.017  -11.077 -8.480  1.00 24.90  ? 185 PHE A N   1 
ATOM   574 C  CA  . PHE A 1 70 ? -0.791  -10.395 -8.950  1.00 23.19  ? 185 PHE A CA  1 
ATOM   575 C  C   . PHE A 1 70 ? -1.135  -9.308  -9.919  1.00 24.36  ? 185 PHE A C   1 
ATOM   576 O  O   . PHE A 1 70 ? -2.087  -9.420  -10.689 1.00 24.81  ? 185 PHE A O   1 
ATOM   577 C  CB  . PHE A 1 70 ? 0.146   -11.401 -9.651  1.00 27.92  ? 185 PHE A CB  1 
ATOM   578 C  CG  . PHE A 1 70 ? 0.464   -12.634 -8.839  1.00 31.88  ? 185 PHE A CG  1 
ATOM   579 C  CD1 . PHE A 1 70 ? -0.443  -13.688 -8.760  1.00 35.94  ? 185 PHE A CD1 1 
ATOM   580 C  CD2 . PHE A 1 70 ? 1.677   -12.750 -8.171  1.00 33.95  ? 185 PHE A CD2 1 
ATOM   581 C  CE1 . PHE A 1 70 ? -0.163  -14.813 -7.985  1.00 39.20  ? 185 PHE A CE1 1 
ATOM   582 C  CE2 . PHE A 1 70 ? 1.956   -13.881 -7.391  1.00 38.91  ? 185 PHE A CE2 1 
ATOM   583 C  CZ  . PHE A 1 70 ? 1.028   -14.893 -7.295  1.00 39.13  ? 185 PHE A CZ  1 
ATOM   584 N  N   . PHE A 1 71 ? -0.309  -8.264  -9.941  1.00 22.72  ? 186 PHE A N   1 
ATOM   585 C  CA  . PHE A 1 71 ? -0.524  -7.106  -10.796 1.00 22.54  ? 186 PHE A CA  1 
ATOM   586 C  C   . PHE A 1 71 ? 0.719   -6.718  -11.549 1.00 28.50  ? 186 PHE A C   1 
ATOM   587 O  O   . PHE A 1 71 ? 1.825   -6.975  -11.097 1.00 26.56  ? 186 PHE A O   1 
ATOM   588 C  CB  . PHE A 1 71 ? -0.912  -5.908  -9.910  1.00 22.52  ? 186 PHE A CB  1 
ATOM   589 C  CG  . PHE A 1 71 ? -2.137  -6.180  -9.098  1.00 23.36  ? 186 PHE A CG  1 
ATOM   590 C  CD1 . PHE A 1 71 ? -3.402  -5.931  -9.618  1.00 26.10  ? 186 PHE A CD1 1 
ATOM   591 C  CD2 . PHE A 1 71 ? -2.033  -6.697  -7.812  1.00 23.63  ? 186 PHE A CD2 1 
ATOM   592 C  CE1 . PHE A 1 71 ? -4.537  -6.212  -8.857  1.00 26.80  ? 186 PHE A CE1 1 
ATOM   593 C  CE2 . PHE A 1 71 ? -3.176  -7.005  -7.071  1.00 25.67  ? 186 PHE A CE2 1 
ATOM   594 C  CZ  . PHE A 1 71 ? -4.405  -6.716  -7.587  1.00 23.73  ? 186 PHE A CZ  1 
ATOM   595 N  N   . CYS A 1 72 ? 0.519   -6.034  -12.651 1.00 28.30  ? 187 CYS A N   1 
ATOM   596 C  CA  A CYS A 1 72 ? 1.633   -5.517  -13.460 0.70 30.04  ? 187 CYS A CA  1 
ATOM   597 C  CA  B CYS A 1 72 ? 1.555   -5.523  -13.511 0.30 31.16  ? 187 CYS A CA  1 
ATOM   598 C  C   . CYS A 1 72 ? 2.282   -4.349  -12.814 1.00 33.58  ? 187 CYS A C   1 
ATOM   599 O  O   . CYS A 1 72 ? 3.499   -4.156  -12.995 1.00 35.69  ? 187 CYS A O   1 
ATOM   600 C  CB  A CYS A 1 72 ? 1.168   -5.142  -14.855 0.70 32.44  ? 187 CYS A CB  1 
ATOM   601 C  CB  B CYS A 1 72 ? 0.892   -5.087  -14.810 0.30 34.19  ? 187 CYS A CB  1 
ATOM   602 S  SG  A CYS A 1 72 ? 1.072   -6.549  -15.951 0.70 38.59  ? 187 CYS A SG  1 
ATOM   603 S  SG  B CYS A 1 72 ? 2.033   -4.485  -16.060 0.30 41.48  ? 187 CYS A SG  1 
ATOM   604 N  N   . ASN A 1 73 ? 1.510   -3.532  -12.099 1.00 28.17  ? 188 ASN A N   1 
ATOM   605 C  CA  . ASN A 1 73 ? 2.075   -2.353  -11.481 1.00 26.61  ? 188 ASN A CA  1 
ATOM   606 C  C   . ASN A 1 73 ? 1.283   -1.955  -10.231 1.00 26.07  ? 188 ASN A C   1 
ATOM   607 O  O   . ASN A 1 73 ? 0.193   -2.489  -9.975  1.00 22.41  ? 188 ASN A O   1 
ATOM   608 C  CB  . ASN A 1 73 ? 2.143   -1.206  -12.508 1.00 27.86  ? 188 ASN A CB  1 
ATOM   609 C  CG  . ASN A 1 73 ? 0.809   -0.792  -13.056 1.00 35.50  ? 188 ASN A CG  1 
ATOM   610 O  OD1 . ASN A 1 73 ? -0.105  -0.435  -12.312 1.00 27.62  ? 188 ASN A OD1 1 
ATOM   611 N  ND2 . ASN A 1 73 ? 0.655   -0.833  -14.375 1.00 40.40  ? 188 ASN A ND2 1 
ATOM   612 N  N   . LEU A 1 74 ? 1.822   -0.984  -9.466  1.00 22.41  ? 189 LEU A N   1 
ATOM   613 C  CA  . LEU A 1 74 ? 1.189   -0.559  -8.222  1.00 20.59  ? 189 LEU A CA  1 
ATOM   614 C  C   . LEU A 1 74 ? -0.115  0.143   -8.433  1.00 21.23  ? 189 LEU A C   1 
ATOM   615 O  O   . LEU A 1 74 ? -0.987  0.086   -7.590  1.00 20.30  ? 189 LEU A O   1 
ATOM   616 C  CB  . LEU A 1 74 ? 2.139   0.390   -7.463  1.00 21.69  ? 189 LEU A CB  1 
ATOM   617 C  CG  . LEU A 1 74 ? 3.276   -0.255  -6.745  1.00 23.36  ? 189 LEU A CG  1 
ATOM   618 C  CD1 . LEU A 1 74 ? 4.265   0.819   -6.227  1.00 23.85  ? 189 LEU A CD1 1 
ATOM   619 C  CD2 . LEU A 1 74 ? 2.773   -1.120  -5.553  1.00 21.74  ? 189 LEU A CD2 1 
HETATM 620 N  N   . MSE A 1 75 ? -0.260  0.842   -9.567  1.00 22.42  ? 190 MSE A N   1 
HETATM 621 C  CA  . MSE A 1 75 ? -1.466  1.587   -9.833  1.00 24.24  ? 190 MSE A CA  1 
HETATM 622 C  C   . MSE A 1 75 ? -2.644  0.650   -9.970  1.00 26.20  ? 190 MSE A C   1 
HETATM 623 O  O   . MSE A 1 75 ? -3.695  0.913   -9.380  1.00 26.38  ? 190 MSE A O   1 
HETATM 624 C  CB  . MSE A 1 75 ? -1.298  2.464   -11.089 1.00 29.13  ? 190 MSE A CB  1 
HETATM 625 C  CG  . MSE A 1 75 ? -0.233  3.530   -10.885 1.00 36.21  ? 190 MSE A CG  1 
HETATM 626 SE SE  . MSE A 1 75 ? 1.563   2.897   -11.336 0.75 43.27  ? 190 MSE A SE  1 
HETATM 627 C  CE  . MSE A 1 75 ? 1.507   3.258   -13.204 1.00 44.13  ? 190 MSE A CE  1 
ATOM   628 N  N   . ASP A 1 76 ? -2.448  -0.483  -10.683 1.00 24.55  ? 191 ASP A N   1 
ATOM   629 C  CA  . ASP A 1 76 ? -3.516  -1.475  -10.842 1.00 24.83  ? 191 ASP A CA  1 
ATOM   630 C  C   . ASP A 1 76 ? -3.797  -2.141  -9.515  1.00 23.55  ? 191 ASP A C   1 
ATOM   631 O  O   . ASP A 1 76 ? -4.954  -2.363  -9.180  1.00 24.51  ? 191 ASP A O   1 
ATOM   632 C  CB  . ASP A 1 76 ? -3.152  -2.525  -11.886 1.00 28.42  ? 191 ASP A CB  1 
ATOM   633 C  CG  . ASP A 1 76 ? -3.048  -1.989  -13.306 1.00 37.77  ? 191 ASP A CG  1 
ATOM   634 O  OD1 . ASP A 1 76 ? -3.653  -0.923  -13.593 1.00 40.95  ? 191 ASP A OD1 1 
ATOM   635 O  OD2 . ASP A 1 76 ? -2.324  -2.594  -14.101 1.00 43.01  ? 191 ASP A OD2 1 
HETATM 636 N  N   . MSE A 1 77 ? -2.738  -2.369  -8.693  1.00 19.78  ? 192 MSE A N   1 
HETATM 637 C  CA  . MSE A 1 77 ? -2.939  -2.933  -7.361  1.00 17.07  ? 192 MSE A CA  1 
HETATM 638 C  C   . MSE A 1 77 ? -3.799  -1.985  -6.466  1.00 19.17  ? 192 MSE A C   1 
HETATM 639 O  O   . MSE A 1 77 ? -4.784  -2.415  -5.852  1.00 19.49  ? 192 MSE A O   1 
HETATM 640 C  CB  . MSE A 1 77 ? -1.604  -3.156  -6.689  1.00 17.58  ? 192 MSE A CB  1 
HETATM 641 C  CG  . MSE A 1 77 ? -1.777  -3.737  -5.317  1.00 19.53  ? 192 MSE A CG  1 
HETATM 642 SE SE  . MSE A 1 77 ? -0.051  -3.980  -4.457  0.75 23.30  ? 192 MSE A SE  1 
HETATM 643 C  CE  . MSE A 1 77 ? 0.141   -5.775  -5.077  1.00 26.32  ? 192 MSE A CE  1 
ATOM   644 N  N   . VAL A 1 78 ? -3.442  -0.703  -6.431  1.00 18.60  ? 193 VAL A N   1 
ATOM   645 C  CA  . VAL A 1 78 ? -4.210  0.214   -5.593  1.00 18.16  ? 193 VAL A CA  1 
ATOM   646 C  C   . VAL A 1 78 ? -5.653  0.382   -6.092  1.00 22.53  ? 193 VAL A C   1 
ATOM   647 O  O   . VAL A 1 78 ? -6.583  0.435   -5.275  1.00 23.67  ? 193 VAL A O   1 
ATOM   648 C  CB  . VAL A 1 78 ? -3.449  1.554   -5.581  1.00 20.51  ? 193 VAL A CB  1 
ATOM   649 C  CG1 . VAL A 1 78 ? -4.329  2.688   -5.095  1.00 22.99  ? 193 VAL A CG1 1 
ATOM   650 C  CG2 . VAL A 1 78 ? -2.185  1.421   -4.744  1.00 19.02  ? 193 VAL A CG2 1 
ATOM   651 N  N   . GLU A 1 79 ? -5.874  0.449   -7.439  1.00 21.72  ? 194 GLU A N   1 
ATOM   652 C  CA  . GLU A 1 79 ? -7.237  0.563   -7.983  1.00 24.83  ? 194 GLU A CA  1 
ATOM   653 C  C   . GLU A 1 79 ? -8.065  -0.647  -7.514  1.00 26.14  ? 194 GLU A C   1 
ATOM   654 O  O   . GLU A 1 79 ? -9.205  -0.478  -7.057  1.00 28.91  ? 194 GLU A O   1 
ATOM   655 C  CB  . GLU A 1 79 ? -7.210  0.655   -9.518  1.00 27.55  ? 194 GLU A CB  1 
ATOM   656 C  CG  . GLU A 1 79 ? -8.582  0.825   -10.144 1.00 42.27  ? 194 GLU A CG  1 
ATOM   657 N  N   . HIS A 1 80 ? -7.463  -1.861  -7.593  1.00 22.09  ? 195 HIS A N   1 
ATOM   658 C  CA  A HIS A 1 80 ? -8.107  -3.120  -7.172  0.50 24.54  ? 195 HIS A CA  1 
ATOM   659 C  CA  B HIS A 1 80 ? -8.177  -3.063  -7.179  0.50 23.03  ? 195 HIS A CA  1 
ATOM   660 C  C   . HIS A 1 80 ? -8.565  -3.035  -5.709  1.00 25.68  ? 195 HIS A C   1 
ATOM   661 O  O   . HIS A 1 80 ? -9.739  -3.256  -5.395  1.00 26.73  ? 195 HIS A O   1 
ATOM   662 C  CB  A HIS A 1 80 ? -7.090  -4.272  -7.366  0.50 25.09  ? 195 HIS A CB  1 
ATOM   663 C  CB  B HIS A 1 80 ? -7.365  -4.324  -7.452  0.50 22.25  ? 195 HIS A CB  1 
ATOM   664 C  CG  A HIS A 1 80 ? -7.454  -5.605  -6.772  0.50 29.70  ? 195 HIS A CG  1 
ATOM   665 C  CG  B HIS A 1 80 ? -8.049  -5.517  -6.887  0.50 25.13  ? 195 HIS A CG  1 
ATOM   666 N  ND1 A HIS A 1 80 ? -7.840  -6.674  -7.573  0.50 33.75  ? 195 HIS A ND1 1 
ATOM   667 N  ND1 B HIS A 1 80 ? -7.462  -6.293  -5.916  0.50 25.61  ? 195 HIS A ND1 1 
ATOM   668 C  CD2 A HIS A 1 80 ? -7.373  -6.033  -5.489  0.50 32.02  ? 195 HIS A CD2 1 
ATOM   669 C  CD2 B HIS A 1 80 ? -9.325  -5.924  -7.061  0.50 27.92  ? 195 HIS A CD2 1 
ATOM   670 C  CE1 A HIS A 1 80 ? -8.010  -7.695  -6.743  0.50 33.81  ? 195 HIS A CE1 1 
ATOM   671 C  CE1 B HIS A 1 80 ? -8.375  -7.191  -5.583  0.50 26.75  ? 195 HIS A CE1 1 
ATOM   672 N  NE2 A HIS A 1 80 ? -7.767  -7.350  -5.481  0.50 33.65  ? 195 HIS A NE2 1 
ATOM   673 N  NE2 B HIS A 1 80 ? -9.511  -6.997  -6.238  0.50 28.70  ? 195 HIS A NE2 1 
ATOM   674 N  N   . TYR A 1 81 ? -7.601  -2.756  -4.805  1.00 21.72  ? 196 TYR A N   1 
ATOM   675 C  CA  . TYR A 1 81 ? -7.887  -2.746  -3.363  1.00 22.39  ? 196 TYR A CA  1 
ATOM   676 C  C   . TYR A 1 81 ? -8.735  -1.565  -2.948  1.00 27.03  ? 196 TYR A C   1 
ATOM   677 O  O   . TYR A 1 81 ? -9.234  -1.569  -1.833  1.00 27.54  ? 196 TYR A O   1 
ATOM   678 C  CB  . TYR A 1 81 ? -6.599  -2.864  -2.544  1.00 20.92  ? 196 TYR A CB  1 
ATOM   679 C  CG  . TYR A 1 81 ? -6.009  -4.261  -2.622  1.00 19.46  ? 196 TYR A CG  1 
ATOM   680 C  CD1 . TYR A 1 81 ? -6.671  -5.354  -2.072  1.00 24.05  ? 196 TYR A CD1 1 
ATOM   681 C  CD2 . TYR A 1 81 ? -4.804  -4.491  -3.275  1.00 19.94  ? 196 TYR A CD2 1 
ATOM   682 C  CE1 . TYR A 1 81 ? -6.131  -6.637  -2.139  1.00 24.68  ? 196 TYR A CE1 1 
ATOM   683 C  CE2 . TYR A 1 81 ? -4.238  -5.765  -3.321  1.00 21.57  ? 196 TYR A CE2 1 
ATOM   684 C  CZ  . TYR A 1 81 ? -4.911  -6.838  -2.762  1.00 25.25  ? 196 TYR A CZ  1 
ATOM   685 O  OH  . TYR A 1 81 ? -4.396  -8.112  -2.841  1.00 26.59  ? 196 TYR A OH  1 
ATOM   686 N  N   . SER A 1 82 ? -9.015  -0.631  -3.868  1.00 23.45  ? 197 SER A N   1 
ATOM   687 C  CA  . SER A 1 82 ? -9.993  0.428   -3.602  1.00 26.46  ? 197 SER A CA  1 
ATOM   688 C  C   . SER A 1 82 ? -11.404 -0.068  -3.918  1.00 33.34  ? 197 SER A C   1 
ATOM   689 O  O   . SER A 1 82 ? -12.383 0.535   -3.470  1.00 35.13  ? 197 SER A O   1 
ATOM   690 C  CB  . SER A 1 82 ? -9.680  1.677   -4.421  1.00 30.41  ? 197 SER A CB  1 
ATOM   691 O  OG  . SER A 1 82 ? -8.366  2.119   -4.129  1.00 35.29  ? 197 SER A OG  1 
ATOM   692 N  N   . LYS A 1 83 ? -11.510 -1.134  -4.733  1.00 30.55  ? 198 LYS A N   1 
ATOM   693 C  CA  . LYS A 1 83 ? -12.827 -1.654  -5.128  1.00 32.74  ? 198 LYS A CA  1 
ATOM   694 C  C   . LYS A 1 83 ? -13.274 -2.738  -4.176  1.00 39.43  ? 198 LYS A C   1 
ATOM   695 O  O   . LYS A 1 83 ? -14.462 -2.808  -3.859  1.00 43.98  ? 198 LYS A O   1 
ATOM   696 C  CB  . LYS A 1 83 ? -12.837 -2.147  -6.583  1.00 34.81  ? 198 LYS A CB  1 
ATOM   697 C  CG  . LYS A 1 83 ? -12.504 -1.076  -7.627  1.00 46.35  ? 198 LYS A CG  1 
ATOM   698 C  CD  . LYS A 1 83 ? -13.663 -0.146  -7.934  1.00 62.32  ? 198 LYS A CD  1 
ATOM   699 C  CE  . LYS A 1 83 ? -13.415 0.687   -9.168  1.00 74.10  ? 198 LYS A CE  1 
ATOM   700 N  NZ  . LYS A 1 83 ? -12.471 1.808   -8.913  1.00 82.37  ? 198 LYS A NZ  1 
ATOM   701 N  N   . ASP A 1 84 ? -12.329 -3.596  -3.728  1.00 34.99  ? 199 ASP A N   1 
ATOM   702 C  CA  A ASP A 1 84 ? -12.614 -4.658  -2.778  0.50 35.78  ? 199 ASP A CA  1 
ATOM   703 C  CA  B ASP A 1 84 ? -12.617 -4.654  -2.755  0.50 36.61  ? 199 ASP A CA  1 
ATOM   704 C  C   . ASP A 1 84 ? -11.361 -4.957  -1.962  1.00 36.69  ? 199 ASP A C   1 
ATOM   705 O  O   . ASP A 1 84 ? -10.250 -4.960  -2.515  1.00 34.28  ? 199 ASP A O   1 
ATOM   706 C  CB  A ASP A 1 84 ? -13.142 -5.905  -3.488  0.50 38.21  ? 199 ASP A CB  1 
ATOM   707 C  CB  B ASP A 1 84 ? -13.220 -5.932  -3.377  0.50 40.39  ? 199 ASP A CB  1 
ATOM   708 C  CG  A ASP A 1 84 ? -13.576 -6.979  -2.527  0.50 34.69  ? 199 ASP A CG  1 
ATOM   709 C  CG  B ASP A 1 84 ? -12.232 -6.888  -4.016  0.50 46.69  ? 199 ASP A CG  1 
ATOM   710 O  OD1 A ASP A 1 84 ? -14.738 -6.911  -2.037  0.50 38.78  ? 199 ASP A OD1 1 
ATOM   711 O  OD1 B ASP A 1 84 ? -11.679 -6.539  -5.063  0.50 44.94  ? 199 ASP A OD1 1 
ATOM   712 O  OD2 A ASP A 1 84 ? -12.742 -7.828  -2.187  0.50 34.61  ? 199 ASP A OD2 1 
ATOM   713 O  OD2 B ASP A 1 84 ? -12.064 -8.019  -3.487  0.50 49.22  ? 199 ASP A OD2 1 
ATOM   714 N  N   . LYS A 1 85 ? -11.540 -5.186  -0.659  1.00 36.29  ? 200 LYS A N   1 
ATOM   715 C  CA  . LYS A 1 85 ? -10.413 -5.426  0.246   1.00 33.26  ? 200 LYS A CA  1 
ATOM   716 C  C   . LYS A 1 85 ? -9.626  -6.727  -0.034  1.00 34.80  ? 200 LYS A C   1 
ATOM   717 O  O   . LYS A 1 85 ? -8.466  -6.798  0.320   1.00 30.70  ? 200 LYS A O   1 
ATOM   718 C  CB  . LYS A 1 85 ? -10.868 -5.391  1.711   1.00 36.34  ? 200 LYS A CB  1 
ATOM   719 C  CG  . LYS A 1 85 ? -11.635 -6.618  2.173   1.00 41.22  ? 200 LYS A CG  1 
ATOM   720 C  CD  . LYS A 1 85 ? -11.923 -6.588  3.669   1.00 44.91  ? 200 LYS A CD  1 
ATOM   721 C  CE  . LYS A 1 85 ? -12.868 -7.689  4.079   1.00 54.84  ? 200 LYS A CE  1 
ATOM   722 N  NZ  . LYS A 1 85 ? -14.272 -7.366  3.720   1.00 71.27  ? 200 LYS A NZ  1 
ATOM   723 N  N   . GLY A 1 86 ? -10.240 -7.739  -0.633  1.00 33.54  ? 201 GLY A N   1 
ATOM   724 C  CA  . GLY A 1 86 ? -9.527  -8.989  -0.865  1.00 33.23  ? 201 GLY A CA  1 
ATOM   725 C  C   . GLY A 1 86 ? -8.867  -9.524  0.397   1.00 38.18  ? 201 GLY A C   1 
ATOM   726 O  O   . GLY A 1 86 ? -9.520  -9.660  1.441   1.00 38.63  ? 201 GLY A O   1 
ATOM   727 N  N   . ALA A 1 87 ? -7.543  -9.736  0.337   1.00 34.64  ? 202 ALA A N   1 
ATOM   728 C  CA  . ALA A 1 87 ? -6.759  -10.277 1.452   1.00 37.10  ? 202 ALA A CA  1 
ATOM   729 C  C   . ALA A 1 87 ? -6.390  -9.223  2.505   1.00 37.68  ? 202 ALA A C   1 
ATOM   730 O  O   . ALA A 1 87 ? -5.923  -9.576  3.597   1.00 39.09  ? 202 ALA A O   1 
ATOM   731 C  CB  . ALA A 1 87 ? -5.484  -10.888 0.906   1.00 37.94  ? 202 ALA A CB  1 
ATOM   732 N  N   . ILE A 1 88 ? -6.536  -7.941  2.179   1.00 29.78  ? 203 ILE A N   1 
ATOM   733 C  CA  . ILE A 1 88 ? -6.116  -6.913  3.135   1.00 27.35  ? 203 ILE A CA  1 
ATOM   734 C  C   . ILE A 1 88 ? -7.271  -6.600  4.091   1.00 32.31  ? 203 ILE A C   1 
ATOM   735 O  O   . ILE A 1 88 ? -8.392  -7.117  3.925   1.00 32.87  ? 203 ILE A O   1 
ATOM   736 C  CB  . ILE A 1 88 ? -5.466  -5.673  2.486   1.00 27.00  ? 203 ILE A CB  1 
ATOM   737 C  CG1 . ILE A 1 88 ? -6.483  -4.754  1.766   1.00 26.24  ? 203 ILE A CG1 1 
ATOM   738 C  CG2 . ILE A 1 88 ? -4.304  -6.127  1.558   1.00 27.30  ? 203 ILE A CG2 1 
ATOM   739 C  CD1 . ILE A 1 88 ? -5.890  -3.410  1.292   1.00 25.53  ? 203 ILE A CD1 1 
ATOM   740 N  N   . CYS A 1 89 ? -6.975  -5.826  5.149   1.00 30.43  ? 204 CYS A N   1 
ATOM   741 C  CA  . CYS A 1 89 ? -7.934  -5.617  6.248   1.00 34.29  ? 204 CYS A CA  1 
ATOM   742 C  C   . CYS A 1 89 ? -9.178  -4.790  5.879   1.00 37.65  ? 204 CYS A C   1 
ATOM   743 O  O   . CYS A 1 89 ? -10.229 -5.025  6.456   1.00 39.66  ? 204 CYS A O   1 
ATOM   744 C  CB  . CYS A 1 89 ? -7.221  -4.992  7.440   1.00 36.40  ? 204 CYS A CB  1 
ATOM   745 S  SG  . CYS A 1 89 ? -6.442  -3.404  7.058   1.00 38.17  ? 204 CYS A SG  1 
ATOM   746 N  N   . THR A 1 90 ? -9.040  -3.786  5.006   1.00 32.53  ? 205 THR A N   1 
ATOM   747 C  CA  . THR A 1 90 ? -10.118 -2.877  4.618   1.00 33.62  ? 205 THR A CA  1 
ATOM   748 C  C   . THR A 1 90 ? -9.828  -2.316  3.231   1.00 34.74  ? 205 THR A C   1 
ATOM   749 O  O   . THR A 1 90 ? -8.675  -2.341  2.798   1.00 30.36  ? 205 THR A O   1 
ATOM   750 C  CB  . THR A 1 90 ? -10.271 -1.759  5.679   1.00 39.21  ? 205 THR A CB  1 
ATOM   751 O  OG1 . THR A 1 90 ? -11.573 -1.178  5.609   1.00 44.47  ? 205 THR A OG1 1 
ATOM   752 C  CG2 . THR A 1 90 ? -9.169  -0.678  5.617   1.00 37.38  ? 205 THR A CG2 1 
ATOM   753 N  N   . LYS A 1 91 ? -10.856 -1.785  2.545   1.00 34.33  ? 206 LYS A N   1 
ATOM   754 C  CA  . LYS A 1 91 ? -10.626 -1.182  1.232   1.00 31.79  ? 206 LYS A CA  1 
ATOM   755 C  C   . LYS A 1 91 ? -9.817  0.080   1.360   1.00 33.69  ? 206 LYS A C   1 
ATOM   756 O  O   . LYS A 1 91 ? -9.933  0.799   2.359   1.00 34.64  ? 206 LYS A O   1 
ATOM   757 C  CB  . LYS A 1 91 ? -11.943 -0.828  0.523   1.00 36.71  ? 206 LYS A CB  1 
ATOM   758 C  CG  . LYS A 1 91 ? -12.698 -2.016  -0.044  1.00 44.33  ? 206 LYS A CG  1 
ATOM   759 C  CD  . LYS A 1 91 ? -14.012 -1.592  -0.745  1.00 50.68  ? 206 LYS A CD  1 
ATOM   760 C  CE  . LYS A 1 91 ? -15.162 -1.431  0.222   1.00 53.90  ? 206 LYS A CE  1 
ATOM   761 N  NZ  . LYS A 1 91 ? -16.432 -1.066  -0.472  1.00 66.59  ? 206 LYS A NZ  1 
ATOM   762 N  N   . LEU A 1 92 ? -8.982  0.344   0.355   1.00 26.85  ? 207 LEU A N   1 
ATOM   763 C  CA  . LEU A 1 92 ? -8.240  1.587   0.277   1.00 25.26  ? 207 LEU A CA  1 
ATOM   764 C  C   . LEU A 1 92 ? -9.217  2.680   -0.065  1.00 30.31  ? 207 LEU A C   1 
ATOM   765 O  O   . LEU A 1 92 ? -10.012 2.545   -1.007  1.00 33.14  ? 207 LEU A O   1 
ATOM   766 C  CB  . LEU A 1 92 ? -7.141  1.524   -0.766  1.00 22.85  ? 207 LEU A CB  1 
ATOM   767 C  CG  . LEU A 1 92 ? -6.178  0.349   -0.596  1.00 21.40  ? 207 LEU A CG  1 
ATOM   768 C  CD1 . LEU A 1 92 ? -5.088  0.381   -1.664  1.00 20.64  ? 207 LEU A CD1 1 
ATOM   769 C  CD2 . LEU A 1 92 ? -5.543  0.340   0.844   1.00 22.11  ? 207 LEU A CD2 1 
ATOM   770 N  N   . VAL A 1 93 ? -9.174  3.761   0.688   1.00 29.01  ? 208 VAL A N   1 
ATOM   771 C  CA  . VAL A 1 93 ? -10.108 4.840   0.447   1.00 32.20  ? 208 VAL A CA  1 
ATOM   772 C  C   . VAL A 1 93 ? -9.304  6.104   0.098   1.00 36.16  ? 208 VAL A C   1 
ATOM   773 O  O   . VAL A 1 93 ? -8.949  6.287   -1.068  1.00 35.03  ? 208 VAL A O   1 
ATOM   774 C  CB  . VAL A 1 93 ? -11.132 5.006   1.612   1.00 39.06  ? 208 VAL A CB  1 
ATOM   775 C  CG1 . VAL A 1 93 ? -12.101 6.169   1.368   1.00 43.37  ? 208 VAL A CG1 1 
ATOM   776 C  CG2 . VAL A 1 93 ? -11.918 3.708   1.835   1.00 39.25  ? 208 VAL A CG2 1 
ATOM   777 N  N   . ARG A 1 94 ? -9.012  6.955   1.071   1.00 34.52  ? 209 ARG A N   1 
ATOM   778 C  CA  A ARG A 1 94 ? -8.326  8.202   0.778   0.50 35.08  ? 209 ARG A CA  1 
ATOM   779 C  CA  B ARG A 1 94 ? -8.327  8.210   0.797   0.50 35.26  ? 209 ARG A CA  1 
ATOM   780 C  C   . ARG A 1 94 ? -6.813  8.052   0.674   1.00 34.73  ? 209 ARG A C   1 
ATOM   781 O  O   . ARG A 1 94 ? -6.185  7.584   1.620   1.00 31.43  ? 209 ARG A O   1 
ATOM   782 C  CB  A ARG A 1 94 ? -8.640  9.261   1.826   0.50 37.85  ? 209 ARG A CB  1 
ATOM   783 C  CB  B ARG A 1 94 ? -8.632  9.240   1.886   0.50 38.69  ? 209 ARG A CB  1 
ATOM   784 C  CG  A ARG A 1 94 ? -8.374  10.667  1.303   0.50 44.49  ? 209 ARG A CG  1 
ATOM   785 C  CG  B ARG A 1 94 ? -8.175  10.648  1.512   0.50 48.74  ? 209 ARG A CG  1 
ATOM   786 C  CD  A ARG A 1 94 ? -8.846  11.741  2.240   0.50 40.83  ? 209 ARG A CD  1 
ATOM   787 C  CD  B ARG A 1 94 ? -8.807  11.729  2.358   0.50 53.65  ? 209 ARG A CD  1 
ATOM   788 N  NE  A ARG A 1 94 ? -8.060  11.789  3.473   0.50 36.76  ? 209 ARG A NE  1 
ATOM   789 N  NE  B ARG A 1 94 ? -8.449  11.622  3.774   0.50 54.81  ? 209 ARG A NE  1 
ATOM   790 C  CZ  A ARG A 1 94 ? -6.943  12.498  3.628   0.50 54.23  ? 209 ARG A CZ  1 
ATOM   791 C  CZ  B ARG A 1 94 ? -7.364  12.160  4.324   0.50 64.09  ? 209 ARG A CZ  1 
ATOM   792 N  NH1 A ARG A 1 94 ? -6.442  13.194  2.614   0.50 42.33  ? 209 ARG A NH1 1 
ATOM   793 N  NH1 B ARG A 1 94 ? -6.501  12.844  3.580   0.50 52.86  ? 209 ARG A NH1 1 
ATOM   794 N  NH2 A ARG A 1 94 ? -6.314  12.506  4.794   0.50 40.78  ? 209 ARG A NH2 1 
ATOM   795 N  NH2 B ARG A 1 94 ? -7.133  12.022  5.621   0.50 41.76  ? 209 ARG A NH2 1 
ATOM   796 N  N   . PRO A 1 95 ? -6.211  8.541   -0.442  1.00 33.10  ? 210 PRO A N   1 
ATOM   797 C  CA  . PRO A 1 95 ? -4.755  8.550   -0.518  1.00 30.06  ? 210 PRO A CA  1 
ATOM   798 C  C   . PRO A 1 95 ? -4.215  9.644   0.385   1.00 32.83  ? 210 PRO A C   1 
ATOM   799 O  O   . PRO A 1 95 ? -4.690  10.791  0.344   1.00 35.84  ? 210 PRO A O   1 
ATOM   800 C  CB  . PRO A 1 95 ? -4.450  8.872   -1.988  1.00 32.94  ? 210 PRO A CB  1 
ATOM   801 C  CG  . PRO A 1 95 ? -5.768  9.060   -2.669  1.00 40.56  ? 210 PRO A CG  1 
ATOM   802 C  CD  . PRO A 1 95 ? -6.814  9.172   -1.640  1.00 37.88  ? 210 PRO A CD  1 
ATOM   803 N  N   . LYS A 1 96 ? -3.241  9.280   1.227   1.00 28.83  ? 211 LYS A N   1 
ATOM   804 C  CA  . LYS A 1 96 ? -2.555  10.279  2.036   1.00 30.09  ? 211 LYS A CA  1 
ATOM   805 C  C   . LYS A 1 96 ? -1.541  10.942  1.096   1.00 35.13  ? 211 LYS A C   1 
ATOM   806 O  O   . LYS A 1 96 ? -0.630  10.275  0.604   1.00 33.71  ? 211 LYS A O   1 
ATOM   807 C  CB  . LYS A 1 96 ? -1.888  9.618   3.268   1.00 29.58  ? 211 LYS A CB  1 
ATOM   808 C  CG  . LYS A 1 96 ? -1.104  10.588  4.157   1.00 31.12  ? 211 LYS A CG  1 
ATOM   809 C  CD  . LYS A 1 96 ? -1.991  11.674  4.774   1.00 35.00  ? 211 LYS A CD  1 
ATOM   810 C  CE  . LYS A 1 96 ? -1.144  12.729  5.467   1.00 45.53  ? 211 LYS A CE  1 
ATOM   811 N  NZ  . LYS A 1 96 ? -0.459  13.633  4.503   1.00 55.95  ? 211 LYS A NZ  1 
ATOM   812 N  N   . ARG A 1 97 ? -1.717  12.219  0.809   1.00 39.58  ? 212 ARG A N   1 
ATOM   813 C  CA  . ARG A 1 97 ? -0.831  12.920  -0.110  1.00 41.03  ? 212 ARG A CA  1 
ATOM   814 C  C   . ARG A 1 97 ? 0.534   13.244  0.521   1.00 47.09  ? 212 ARG A C   1 
ATOM   815 O  O   . ARG A 1 97 ? 0.632   13.534  1.720   1.00 46.43  ? 212 ARG A O   1 
ATOM   816 C  CB  . ARG A 1 97 ? -1.511  14.207  -0.616  1.00 46.47  ? 212 ARG A CB  1 
ATOM   817 N  N   . LYS A 1 98 ? 1.585   13.177  -0.313  1.00 45.45  ? 213 LYS A N   1 
ATOM   818 C  CA  . LYS A 1 98 ? 2.968   13.467  0.048   1.00 52.71  ? 213 LYS A CA  1 
ATOM   819 C  C   . LYS A 1 98 ? 3.160   14.987  0.173   1.00 78.26  ? 213 LYS A C   1 
ATOM   820 O  O   . LYS A 1 98 ? 2.510   15.741  -0.583  1.00 86.41  ? 213 LYS A O   1 
ATOM   821 C  CB  . LYS A 1 98 ? 3.922   12.858  -1.005  1.00 54.30  ? 213 LYS A CB  1 
ATOM   822 C  CG  . LYS A 1 98 ? 5.402   12.985  -0.644  1.00 67.89  ? 213 LYS A CG  1 
ATOM   823 C  CD  . LYS A 1 98 ? 6.324   12.245  -1.612  1.00 69.86  ? 213 LYS A CD  1 
ATOM   824 C  CE  . LYS A 1 98 ? 7.769   12.292  -1.158  1.00 67.78  ? 213 LYS A CE  1 
ATOM   825 N  NZ  . LYS A 1 98 ? 7.984   11.590  0.149   1.00 57.62  ? 213 LYS A NZ  1 
ATOM   826 O  OXT . LYS A 1 98 ? 3.931   15.422  1.056   1.00 100.47 ? 213 LYS A OXT 1 
HETATM 827 S  S   . SO4 B 2 .  ? -3.674  15.297  3.758   1.00 52.03  ? 508 SO4 A S   1 
HETATM 828 O  O1  . SO4 B 2 .  ? -4.195  14.660  4.974   1.00 49.03  ? 508 SO4 A O1  1 
HETATM 829 O  O2  . SO4 B 2 .  ? -3.653  14.316  2.657   1.00 51.06  ? 508 SO4 A O2  1 
HETATM 830 O  O3  . SO4 B 2 .  ? -4.517  16.428  3.377   1.00 54.33  ? 508 SO4 A O3  1 
HETATM 831 O  O4  . SO4 B 2 .  ? -2.326  15.793  4.015   1.00 57.19  ? 508 SO4 A O4  1 
HETATM 832 S  S   . SO4 C 2 .  ? 11.830  -1.137  5.386   1.00 56.46  ? 509 SO4 A S   1 
HETATM 833 O  O1  . SO4 C 2 .  ? 10.987  -2.207  4.833   1.00 56.31  ? 509 SO4 A O1  1 
HETATM 834 O  O2  . SO4 C 2 .  ? 11.746  0.090   4.606   1.00 55.08  ? 509 SO4 A O2  1 
HETATM 835 O  O3  . SO4 C 2 .  ? 11.407  -0.863  6.753   1.00 57.92  ? 509 SO4 A O3  1 
HETATM 836 O  O4  . SO4 C 2 .  ? 13.227  -1.523  5.342   1.00 58.22  ? 509 SO4 A O4  1 
HETATM 837 O  O   . HOH D 3 .  ? -2.104  -9.172  -3.921  1.00 25.89  ? 510 HOH A O   1 
HETATM 838 O  O   . HOH D 3 .  ? -6.284  -9.946  -2.229  1.00 29.39  ? 511 HOH A O   1 
HETATM 839 O  O   . HOH D 3 .  ? 1.175   -4.704  10.163  1.00 30.10  ? 512 HOH A O   1 
HETATM 840 O  O   . HOH D 3 .  ? 1.113   12.612  13.105  1.00 59.25  ? 513 HOH A O   1 
HETATM 841 O  O   . HOH D 3 .  ? -14.462 -4.769  0.757   1.00 49.97  ? 514 HOH A O   1 
HETATM 842 O  O   . HOH D 3 .  ? 4.502   -2.790  -15.914 1.00 52.25  ? 515 HOH A O   1 
HETATM 843 O  O   . HOH D 3 .  ? 3.777   -5.041  -18.279 1.00 64.78  ? 516 HOH A O   1 
HETATM 844 O  O   . HOH D 3 .  ? 4.422   0.057   -10.237 1.00 30.27  ? 517 HOH A O   1 
HETATM 845 O  O   . HOH D 3 .  ? 2.903   -9.558  1.559   1.00 29.73  ? 518 HOH A O   1 
HETATM 846 O  O   . HOH D 3 .  ? 6.033   0.228   6.861   1.00 30.10  ? 519 HOH A O   1 
HETATM 847 O  O   . HOH D 3 .  ? -3.736  5.306   11.519  1.00 30.70  ? 520 HOH A O   1 
HETATM 848 O  O   . HOH D 3 .  ? -8.124  3.600   11.682  1.00 33.06  ? 521 HOH A O   1 
HETATM 849 O  O   . HOH D 3 .  ? 10.129  -9.441  -4.086  1.00 33.25  ? 522 HOH A O   1 
HETATM 850 O  O   . HOH D 3 .  ? -12.497 2.821   -1.899  1.00 34.73  ? 523 HOH A O   1 
HETATM 851 O  O   . HOH D 3 .  ? 11.186  0.161   -4.026  1.00 36.07  ? 524 HOH A O   1 
HETATM 852 O  O   . HOH D 3 .  ? -8.406  -9.512  -3.882  1.00 37.14  ? 525 HOH A O   1 
HETATM 853 O  O   . HOH D 3 .  ? 2.732   -8.454  4.248   1.00 37.41  ? 526 HOH A O   1 
HETATM 854 O  O   . HOH D 3 .  ? 13.352  -0.180  -2.552  1.00 38.08  ? 527 HOH A O   1 
HETATM 855 O  O   . HOH D 3 .  ? 1.637   10.852  17.255  1.00 38.49  ? 528 HOH A O   1 
HETATM 856 O  O   . HOH D 3 .  ? -7.050  -2.975  -11.035 1.00 39.46  ? 529 HOH A O   1 
HETATM 857 O  O   . HOH D 3 .  ? -10.025 6.881   4.224   1.00 39.56  ? 530 HOH A O   1 
HETATM 858 O  O   . HOH D 3 .  ? -8.679  4.907   -3.385  1.00 39.85  ? 531 HOH A O   1 
HETATM 859 O  O   . HOH D 3 .  ? -4.290  -7.684  7.637   1.00 41.03  ? 532 HOH A O   1 
HETATM 860 O  O   . HOH D 3 .  ? 11.546  1.641   7.823   1.00 42.31  ? 533 HOH A O   1 
HETATM 861 O  O   . HOH D 3 .  ? 5.901   11.785  3.048   1.00 40.54  ? 534 HOH A O   1 
HETATM 862 O  O   . HOH D 3 .  ? -9.677  -9.338  4.611   1.00 43.08  ? 535 HOH A O   1 
HETATM 863 O  O   . HOH D 3 .  ? 2.104   0.240   12.965  1.00 42.19  ? 536 HOH A O   1 
HETATM 864 O  O   . HOH D 3 .  ? 0.584   -3.300  12.440  1.00 44.12  ? 537 HOH A O   1 
HETATM 865 O  O   . HOH D 3 .  ? 4.738   1.640   -12.520 1.00 43.93  ? 538 HOH A O   1 
HETATM 866 O  O   . HOH D 3 .  ? 11.971  9.177   -2.529  1.00 43.46  ? 539 HOH A O   1 
HETATM 867 O  O   . HOH D 3 .  ? -1.811  -8.411  8.293   1.00 44.57  ? 540 HOH A O   1 
HETATM 868 O  O   . HOH D 3 .  ? 11.867  1.470   -6.383  1.00 45.89  ? 541 HOH A O   1 
HETATM 869 O  O   . HOH D 3 .  ? 7.143   -2.957  7.156   1.00 45.23  ? 542 HOH A O   1 
HETATM 870 O  O   . HOH D 3 .  ? -4.770  6.133   -7.895  1.00 46.16  ? 543 HOH A O   1 
HETATM 871 O  O   . HOH D 3 .  ? 9.844   2.857   -7.267  1.00 45.63  ? 544 HOH A O   1 
HETATM 872 O  O   . HOH D 3 .  ? 12.444  3.505   1.943   1.00 45.89  ? 545 HOH A O   1 
HETATM 873 O  O   . HOH D 3 .  ? -11.941 0.934   4.213   1.00 46.04  ? 546 HOH A O   1 
HETATM 874 O  O   . HOH D 3 .  ? -4.360  3.697   -9.072  1.00 46.80  ? 547 HOH A O   1 
HETATM 875 O  O   . HOH D 3 .  ? 6.793   -0.743  -9.577  1.00 45.39  ? 548 HOH A O   1 
HETATM 876 O  O   . HOH D 3 .  ? -13.797 -2.813  3.509   1.00 47.45  ? 549 HOH A O   1 
HETATM 877 O  O   . HOH D 3 .  ? -1.509  -2.820  -16.510 1.00 47.45  ? 550 HOH A O   1 
HETATM 878 O  O   . HOH D 3 .  ? 10.566  -1.865  -8.095  1.00 46.42  ? 551 HOH A O   1 
HETATM 879 O  O   . HOH D 3 .  ? -6.718  6.051   -4.896  1.00 49.46  ? 552 HOH A O   1 
HETATM 880 O  O   . HOH D 3 .  ? -5.581  16.850  1.013   1.00 49.35  ? 553 HOH A O   1 
HETATM 881 O  O   . HOH D 3 .  ? 15.660  -6.913  -3.446  1.00 49.20  ? 554 HOH A O   1 
HETATM 882 O  O   . HOH D 3 .  ? -6.316  -12.093 4.397   1.00 49.02  ? 555 HOH A O   1 
HETATM 883 O  O   . HOH D 3 .  ? -5.818  -14.176 -0.577  1.00 51.24  ? 556 HOH A O   1 
HETATM 884 O  O   . HOH D 3 .  ? -5.508  -9.510  6.310   1.00 50.11  ? 557 HOH A O   1 
HETATM 885 O  O   . HOH D 3 .  ? 12.842  8.338   9.689   1.00 52.57  ? 558 HOH A O   1 
HETATM 886 O  O   . HOH D 3 .  ? 0.739   -7.866  7.108   1.00 50.84  ? 559 HOH A O   1 
HETATM 887 O  O   . HOH D 3 .  ? 7.329   10.203  -4.298  1.00 51.45  ? 560 HOH A O   1 
HETATM 888 O  O   . HOH D 3 .  ? -10.343 5.455   -5.460  1.00 54.81  ? 561 HOH A O   1 
HETATM 889 O  O   . HOH D 3 .  ? -2.168  -18.487 -3.339  1.00 51.02  ? 562 HOH A O   1 
HETATM 890 O  O   . HOH D 3 .  ? 13.515  4.747   4.027   1.00 50.84  ? 563 HOH A O   1 
HETATM 891 O  O   . HOH D 3 .  ? 8.113   -2.901  -9.821  1.00 52.94  ? 564 HOH A O   1 
HETATM 892 O  O   . HOH D 3 .  ? -12.470 4.667   -4.025  1.00 54.46  ? 565 HOH A O   1 
HETATM 893 O  O   . HOH D 3 .  ? 1.894   -13.369 -12.405 0.50 54.94  ? 566 HOH A O   1 
HETATM 894 O  O   . HOH D 3 .  ? 4.019   -4.779  10.522  1.00 57.11  ? 567 HOH A O   1 
HETATM 895 O  O   . HOH D 3 .  ? 11.568  7.635   -4.950  1.00 61.39  ? 568 HOH A O   1 
HETATM 896 O  O   . HOH D 3 .  ? 5.052   14.379  3.237   1.00 59.84  ? 569 HOH A O   1 
HETATM 897 O  O   . HOH D 3 .  ? -16.420 -5.130  -2.828  1.00 63.33  ? 570 HOH A O   1 
HETATM 898 O  O   . HOH D 3 .  ? -9.438  9.477   14.138  1.00 49.61  ? 571 HOH A O   1 
HETATM 899 O  O   . HOH D 3 .  ? -10.954 -6.805  8.278   1.00 53.41  ? 572 HOH A O   1 
HETATM 900 O  O   . HOH D 3 .  ? 7.037   12.759  5.262   1.00 63.15  ? 573 HOH A O   1 
HETATM 901 O  O   . HOH D 3 .  ? 2.003   -13.399 0.980   1.00 49.08  ? 574 HOH A O   1 
HETATM 902 O  O   . HOH D 3 .  ? -12.510 3.089   -6.404  1.00 51.91  ? 575 HOH A O   1 
HETATM 903 O  O   . HOH D 3 .  ? -3.083  9.048   16.654  0.50 46.43  ? 576 HOH A O   1 
HETATM 904 O  O   . HOH D 3 .  ? -12.104 -10.118 1.318   1.00 46.45  ? 577 HOH A O   1 
HETATM 905 O  O   . HOH D 3 .  ? -6.486  -3.318  13.170  1.00 52.96  ? 578 HOH A O   1 
HETATM 906 O  O   . HOH D 3 .  ? 13.403  8.293   5.443   1.00 66.15  ? 579 HOH A O   1 
HETATM 907 O  O   . HOH D 3 .  ? -9.166  -10.845 -5.754  1.00 70.25  ? 580 HOH A O   1 
HETATM 908 O  O   A HOH D 3 .  ? -11.511 -9.037  -4.936  0.50 29.42  ? 581 HOH A O   1 
# 
loop_
_atom_site_anisotrop.id 
_atom_site_anisotrop.type_symbol 
_atom_site_anisotrop.pdbx_label_atom_id 
_atom_site_anisotrop.pdbx_label_alt_id 
_atom_site_anisotrop.pdbx_label_comp_id 
_atom_site_anisotrop.pdbx_label_asym_id 
_atom_site_anisotrop.pdbx_label_seq_id 
_atom_site_anisotrop.pdbx_PDB_ins_code 
_atom_site_anisotrop.U[1][1] 
_atom_site_anisotrop.U[2][2] 
_atom_site_anisotrop.U[3][3] 
_atom_site_anisotrop.U[1][2] 
_atom_site_anisotrop.U[1][3] 
_atom_site_anisotrop.U[2][3] 
_atom_site_anisotrop.pdbx_auth_seq_id 
_atom_site_anisotrop.pdbx_auth_comp_id 
_atom_site_anisotrop.pdbx_auth_asym_id 
_atom_site_anisotrop.pdbx_auth_atom_id 
1   N  N   . LEU A 2  ? 0.7356 0.5400 0.4468 -0.2460 -0.0786 0.1422  117 LEU A N   
2   C  CA  . LEU A 2  ? 0.6717 0.5000 0.4414 -0.2095 -0.0648 0.1206  117 LEU A CA  
3   C  C   . LEU A 2  ? 0.6939 0.4887 0.4645 -0.2170 -0.0759 0.1267  117 LEU A C   
4   O  O   . LEU A 2  ? 0.6077 0.3867 0.4143 -0.1840 -0.0860 0.1187  117 LEU A O   
5   C  CB  . LEU A 2  ? 0.6230 0.5218 0.4174 -0.2061 -0.0271 0.0938  117 LEU A CB  
6   C  CG  . LEU A 2  ? 0.6031 0.5281 0.4516 -0.1697 -0.0151 0.0746  117 LEU A CG  
7   C  CD1 . LEU A 2  ? 0.5696 0.4796 0.4454 -0.1329 -0.0266 0.0732  117 LEU A CD1 
8   C  CD2 . LEU A 2  ? 0.5709 0.5574 0.4396 -0.1671 0.0146  0.0506  117 LEU A CD2 
9   N  N   . SER A 3  ? 0.7478 0.5295 0.4739 -0.2652 -0.0757 0.1406  118 SER A N   
10  C  CA  . SER A 3  ? 0.7822 0.5232 0.5022 -0.2801 -0.0890 0.1472  118 SER A CA  
11  C  C   . SER A 3  ? 0.8450 0.4963 0.5573 -0.2593 -0.1331 0.1643  118 SER A C   
12  O  O   . SER A 3  ? 0.8603 0.4764 0.5891 -0.2475 -0.1461 0.1582  118 SER A O   
13  C  CB  . SER A 3  ? 0.9031 0.6452 0.5691 -0.3451 -0.0819 0.1620  118 SER A CB  
14  O  OG  . SER A 3  ? 1.0870 0.7834 0.6897 -0.3789 -0.1030 0.1921  118 SER A OG  
15  N  N   . LEU A 4  ? 0.7687 0.3901 0.4622 -0.2498 -0.1564 0.1805  119 LEU A N   
16  C  CA  . LEU A 4  ? 0.7933 0.3372 0.4830 -0.2246 -0.2028 0.1953  119 LEU A CA  
17  C  C   . LEU A 4  ? 0.7348 0.3031 0.4895 -0.1637 -0.2062 0.1711  119 LEU A C   
18  O  O   . LEU A 4  ? 0.7662 0.2857 0.5307 -0.1346 -0.2438 0.1755  119 LEU A O   
19  C  CB  . LEU A 4  ? 0.8611 0.3691 0.4934 -0.2501 -0.2290 0.2269  119 LEU A CB  
20  C  CG  . LEU A 4  ? 0.9803 0.4762 0.5380 -0.3199 -0.2223 0.2524  119 LEU A CG  
21  C  CD1 . LEU A 4  ? 1.0812 0.5397 0.5780 -0.3438 -0.2521 0.2848  119 LEU A CD1 
22  C  CD2 . LEU A 4  ? 1.0163 0.4420 0.5435 -0.3506 -0.2408 0.2679  119 LEU A CD2 
23  N  N   . MSE A 5  ? 0.5847 0.2295 0.3829 -0.1449 -0.1692 0.1456  120 MSE A N   
24  C  CA  . MSE A 5  ? 0.5244 0.1987 0.3777 -0.0968 -0.1695 0.1243  120 MSE A CA  
25  C  C   . MSE A 5  ? 0.5798 0.2407 0.4678 -0.0707 -0.1754 0.1048  120 MSE A C   
26  O  O   . MSE A 5  ? 0.5597 0.2358 0.4497 -0.0837 -0.1548 0.0957  120 MSE A O   
27  C  CB  . MSE A 5  ? 0.4551 0.2038 0.3331 -0.0912 -0.1321 0.1082  120 MSE A CB  
28  C  CG  . MSE A 5  ? 0.5064 0.2704 0.3568 -0.1097 -0.1279 0.1191  120 MSE A CG  
29  SE SE  . MSE A 5  ? 0.6294 0.3708 0.4805 -0.0896 -0.1678 0.1307  120 MSE A SE  
30  C  CE  . MSE A 5  ? 0.6536 0.3376 0.4309 -0.1331 -0.1925 0.1644  120 MSE A CE  
31  N  N   . PRO A 6  ? 0.6224 0.2627 0.5413 -0.0325 -0.2028 0.0938  121 PRO A N   
32  C  CA  . PRO A 6  ? 0.6347 0.2634 0.5854 -0.0068 -0.2083 0.0687  121 PRO A CA  
33  C  C   . PRO A 6  ? 0.5570 0.2601 0.5438 0.0039  -0.1702 0.0429  121 PRO A C   
34  O  O   . PRO A 6  ? 0.5483 0.2484 0.5452 0.0075  -0.1649 0.0257  121 PRO A O   
35  C  CB  . PRO A 6  ? 0.7016 0.3123 0.6848 0.0357  -0.2432 0.0570  121 PRO A CB  
36  C  CG  . PRO A 6  ? 0.7479 0.3975 0.7336 0.0368  -0.2417 0.0684  121 PRO A CG  
37  C  CD  . PRO A 6  ? 0.7047 0.3357 0.6326 -0.0101 -0.2320 0.0999  121 PRO A CD  
38  N  N   . TRP A 7  ? 0.4554 0.2197 0.4553 0.0051  -0.1457 0.0423  122 TRP A N   
39  C  CA  . TRP A 7  ? 0.3839 0.2109 0.4095 0.0122  -0.1139 0.0245  122 TRP A CA  
40  C  C   . TRP A 7  ? 0.3697 0.2134 0.3753 -0.0142 -0.0893 0.0317  122 TRP A C   
41  O  O   . TRP A 7  ? 0.3027 0.1897 0.3250 -0.0086 -0.0683 0.0200  122 TRP A O   
42  C  CB  . TRP A 7  ? 0.3269 0.2025 0.3733 0.0235  -0.1031 0.0211  122 TRP A CB  
43  C  CG  . TRP A 7  ? 0.3396 0.2048 0.3637 0.0094  -0.1096 0.0408  122 TRP A CG  
44  C  CD1 . TRP A 7  ? 0.4069 0.2560 0.4336 0.0191  -0.1362 0.0466  122 TRP A CD1 
45  C  CD2 . TRP A 7  ? 0.3196 0.1916 0.3153 -0.0164 -0.0916 0.0541  122 TRP A CD2 
46  N  NE1 . TRP A 7  ? 0.4031 0.2507 0.4012 -0.0020 -0.1342 0.0639  122 TRP A NE1 
47  C  CE2 . TRP A 7  ? 0.3752 0.2355 0.3537 -0.0240 -0.1061 0.0670  122 TRP A CE2 
48  C  CE3 . TRP A 7  ? 0.3088 0.2001 0.2952 -0.0310 -0.0663 0.0531  122 TRP A CE3 
49  C  CZ2 . TRP A 7  ? 0.3720 0.2390 0.3213 -0.0477 -0.0928 0.0759  122 TRP A CZ2 
50  C  CZ3 . TRP A 7  ? 0.3137 0.2135 0.2778 -0.0497 -0.0540 0.0600  122 TRP A CZ3 
51  C  CH2 . TRP A 7  ? 0.3368 0.2227 0.2798 -0.0599 -0.0663 0.0707  122 TRP A CH2 
52  N  N   . PHE A 8  ? 0.3757 0.1909 0.3459 -0.0437 -0.0924 0.0501  123 PHE A N   
53  C  CA  . PHE A 8  ? 0.3605 0.2064 0.3198 -0.0668 -0.0683 0.0512  123 PHE A CA  
54  C  C   . PHE A 8  ? 0.3958 0.2281 0.3505 -0.0808 -0.0704 0.0454  123 PHE A C   
55  O  O   . PHE A 8  ? 0.4415 0.2217 0.3684 -0.1025 -0.0890 0.0564  123 PHE A O   
56  C  CB  . PHE A 8  ? 0.3980 0.2422 0.3242 -0.0955 -0.0635 0.0675  123 PHE A CB  
57  C  CG  . PHE A 8  ? 0.3831 0.2744 0.3088 -0.1136 -0.0373 0.0607  123 PHE A CG  
58  C  CD1 . PHE A 8  ? 0.3714 0.3099 0.3224 -0.0949 -0.0176 0.0478  123 PHE A CD1 
59  C  CD2 . PHE A 8  ? 0.4415 0.3304 0.3413 -0.1500 -0.0343 0.0663  123 PHE A CD2 
60  C  CE1 . PHE A 8  ? 0.3646 0.3488 0.3226 -0.1039 0.0022  0.0374  123 PHE A CE1 
61  C  CE2 . PHE A 8  ? 0.4461 0.3935 0.3541 -0.1640 -0.0099 0.0543  123 PHE A CE2 
62  C  CZ  . PHE A 8  ? 0.3807 0.3760 0.3207 -0.1370 0.0071  0.0383  123 PHE A CZ  
63  N  N   . HIS A 9  ? 0.3286 0.2038 0.3063 -0.0714 -0.0540 0.0295  124 HIS A N   
64  C  CA  . HIS A 9  ? 0.3483 0.2201 0.3255 -0.0837 -0.0554 0.0196  124 HIS A CA  
65  C  C   . HIS A 9  ? 0.4031 0.3142 0.3738 -0.1119 -0.0388 0.0209  124 HIS A C   
66  O  O   . HIS A 9  ? 0.4178 0.3351 0.3894 -0.1263 -0.0394 0.0118  124 HIS A O   
67  C  CB  . HIS A 9  ? 0.3294 0.2271 0.3337 -0.0577 -0.0519 -0.0014 124 HIS A CB  
68  C  CG  . HIS A 9  ? 0.3816 0.2472 0.3970 -0.0334 -0.0691 -0.0132 124 HIS A CG  
69  N  ND1 . HIS A 9  ? 0.4213 0.2745 0.4451 -0.0252 -0.0776 -0.0354 124 HIS A ND1 
70  C  CD2 . HIS A 9  ? 0.3867 0.2377 0.4100 -0.0144 -0.0796 -0.0102 124 HIS A CD2 
71  C  CE1 . HIS A 9  ? 0.4270 0.2609 0.4667 0.0017  -0.0919 -0.0477 124 HIS A CE1 
72  N  NE2 . HIS A 9  ? 0.4159 0.2494 0.4573 0.0089  -0.0947 -0.0322 124 HIS A NE2 
73  N  N   . GLY A 10 ? 0.3528 0.2948 0.3196 -0.1193 -0.0244 0.0277  125 GLY A N   
74  C  CA  . GLY A 10 ? 0.3550 0.3471 0.3224 -0.1434 -0.0076 0.0231  125 GLY A CA  
75  C  C   . GLY A 10 ? 0.3346 0.3810 0.3336 -0.1275 0.0018  0.0066  125 GLY A C   
76  O  O   . GLY A 10 ? 0.2772 0.3368 0.2958 -0.0953 0.0032  0.0021  125 GLY A O   
77  N  N   . LYS A 11 ? 0.3218 0.4003 0.3232 -0.1535 0.0060  -0.0011 126 LYS A N   
78  C  CA  . LYS A 11 ? 0.2921 0.4300 0.3234 -0.1418 0.0113  -0.0166 126 LYS A CA  
79  C  C   . LYS A 11 ? 0.3444 0.4620 0.3780 -0.1335 -0.0014 -0.0230 126 LYS A C   
80  O  O   . LYS A 11 ? 0.3875 0.5026 0.4144 -0.1599 -0.0071 -0.0295 126 LYS A O   
81  C  CB  . LYS A 11 ? 0.3433 0.5410 0.3819 -0.1752 0.0221  -0.0266 126 LYS A CB  
82  C  CG  . LYS A 11 ? 0.5684 0.8162 0.6181 -0.1742 0.0393  -0.0324 126 LYS A CG  
83  N  N   . ILE A 12 ? 0.2858 0.3894 0.3258 -0.1010 -0.0053 -0.0228 127 ILE A N   
84  C  CA  . ILE A 12 ? 0.2589 0.3586 0.3024 -0.0891 -0.0136 -0.0335 127 ILE A CA  
85  C  C   . ILE A 12 ? 0.2726 0.4171 0.3319 -0.0633 -0.0092 -0.0335 127 ILE A C   
86  O  O   . ILE A 12 ? 0.2523 0.4042 0.3172 -0.0489 -0.0032 -0.0241 127 ILE A O   
87  C  CB  . ILE A 12 ? 0.3067 0.3493 0.3392 -0.0788 -0.0239 -0.0364 127 ILE A CB  
88  C  CG1 . ILE A 12 ? 0.2702 0.3029 0.3064 -0.0542 -0.0206 -0.0271 127 ILE A CG1 
89  C  CG2 . ILE A 12 ? 0.3804 0.3649 0.3928 -0.1042 -0.0364 -0.0340 127 ILE A CG2 
90  C  CD1 . ILE A 12 ? 0.3040 0.3131 0.3439 -0.0344 -0.0285 -0.0398 127 ILE A CD1 
91  N  N   . SER A 13 ? 0.2423 0.4128 0.3049 -0.0599 -0.0144 -0.0435 128 SER A N   
92  C  CA  . SER A 13 ? 0.2333 0.4390 0.3022 -0.0390 -0.0161 -0.0394 128 SER A CA  
93  C  C   . SER A 13 ? 0.2433 0.4262 0.3002 -0.0230 -0.0148 -0.0335 128 SER A C   
94  O  O   . SER A 13 ? 0.2573 0.4072 0.3076 -0.0243 -0.0134 -0.0396 128 SER A O   
95  C  CB  . SER A 13 ? 0.2555 0.4998 0.3257 -0.0458 -0.0246 -0.0512 128 SER A CB  
96  O  OG  . SER A 13 ? 0.3076 0.5293 0.3623 -0.0532 -0.0272 -0.0653 128 SER A OG  
97  N  N   . GLY A 14 ? 0.2253 0.4273 0.2791 -0.0087 -0.0174 -0.0224 129 GLY A N   
98  C  CA  . GLY A 14 ? 0.2054 0.3973 0.2433 -0.0016 -0.0154 -0.0154 129 GLY A CA  
99  C  C   . GLY A 14 ? 0.2513 0.4539 0.2779 -0.0093 -0.0148 -0.0331 129 GLY A C   
100 O  O   . GLY A 14 ? 0.2409 0.4322 0.2642 -0.0077 -0.0082 -0.0409 129 GLY A O   
101 N  N   . GLN A 15 ? 0.2445 0.4739 0.2682 -0.0174 -0.0219 -0.0446 130 GLN A N   
102 C  CA  . GLN A 15 ? 0.2611 0.5019 0.2724 -0.0248 -0.0207 -0.0677 130 GLN A CA  
103 C  C   . GLN A 15 ? 0.2775 0.4822 0.2997 -0.0261 -0.0178 -0.0895 130 GLN A C   
104 O  O   . GLN A 15 ? 0.2842 0.4885 0.3037 -0.0211 -0.0133 -0.1089 130 GLN A O   
105 C  CB  . GLN A 15 ? 0.3037 0.5810 0.3065 -0.0357 -0.0309 -0.0771 130 GLN A CB  
106 C  CG  . GLN A 15 ? 0.3269 0.6027 0.3458 -0.0481 -0.0368 -0.0880 130 GLN A CG  
107 C  CD  . GLN A 15 ? 0.5273 0.8485 0.5402 -0.0599 -0.0485 -0.0972 130 GLN A CD  
108 O  OE1 . GLN A 15 ? 0.4153 0.7719 0.4186 -0.0535 -0.0576 -0.0831 130 GLN A OE1 
109 N  NE2 . GLN A 15 ? 0.5112 0.8288 0.5283 -0.0792 -0.0519 -0.1194 130 GLN A NE2 
110 N  N   . GLU A 16 ? 0.2649 0.4398 0.2981 -0.0331 -0.0218 -0.0866 131 GLU A N   
111 C  CA  . GLU A 16 ? 0.2983 0.4231 0.3357 -0.0352 -0.0260 -0.1002 131 GLU A CA  
112 C  C   . GLU A 16 ? 0.3048 0.4091 0.3488 -0.0175 -0.0220 -0.0953 131 GLU A C   
113 O  O   . GLU A 16 ? 0.3071 0.3901 0.3570 -0.0071 -0.0263 -0.1158 131 GLU A O   
114 C  CB  . GLU A 16 ? 0.3223 0.4198 0.3605 -0.0546 -0.0312 -0.0899 131 GLU A CB  
115 C  CG  . GLU A 16 ? 0.4745 0.5909 0.5093 -0.0780 -0.0369 -0.1015 131 GLU A CG  
116 C  CD  . GLU A 16 ? 0.8022 0.9053 0.8360 -0.1066 -0.0394 -0.0929 131 GLU A CD  
117 O  OE1 . GLU A 16 ? 0.4451 0.5672 0.4863 -0.1081 -0.0316 -0.0751 131 GLU A OE1 
118 O  OE2 . GLU A 16 ? 0.8021 0.8800 0.8259 -0.1311 -0.0485 -0.1065 131 GLU A OE2 
119 N  N   . ALA A 17 ? 0.2449 0.3597 0.2904 -0.0123 -0.0153 -0.0716 132 ALA A N   
120 C  CA  . ALA A 17 ? 0.2212 0.3236 0.2734 0.0007  -0.0118 -0.0668 132 ALA A CA  
121 C  C   . ALA A 17 ? 0.2440 0.3779 0.2984 0.0097  -0.0054 -0.0854 132 ALA A C   
122 O  O   . ALA A 17 ? 0.2392 0.3644 0.3082 0.0216  -0.0075 -0.1014 132 ALA A O   
123 C  CB  . ALA A 17 ? 0.2157 0.3234 0.2656 0.0012  -0.0059 -0.0411 132 ALA A CB  
124 N  N   . VAL A 18 ? 0.2138 0.3885 0.2537 0.0030  0.0007  -0.0850 133 VAL A N   
125 C  CA  . VAL A 18 ? 0.2155 0.4316 0.2504 0.0033  0.0101  -0.1035 133 VAL A CA  
126 C  C   . VAL A 18 ? 0.2573 0.4718 0.3056 0.0119  0.0070  -0.1435 133 VAL A C   
127 O  O   . VAL A 18 ? 0.2716 0.5061 0.3360 0.0232  0.0126  -0.1671 133 VAL A O   
128 C  CB  . VAL A 18 ? 0.2536 0.5089 0.2592 -0.0112 0.0135  -0.0912 133 VAL A CB  
129 C  CG1 . VAL A 18 ? 0.2656 0.5713 0.2592 -0.0189 0.0262  -0.1120 133 VAL A CG1 
130 C  CG2 . VAL A 18 ? 0.2448 0.4879 0.2384 -0.0146 0.0112  -0.0532 133 VAL A CG2 
131 N  N   . GLN A 19 ? 0.2482 0.4385 0.2927 0.0070  -0.0034 -0.1539 134 GLN A N   
132 C  CA  . GLN A 19 ? 0.2960 0.4702 0.3511 0.0157  -0.0102 -0.1940 134 GLN A CA  
133 C  C   . GLN A 19 ? 0.3547 0.4809 0.4347 0.0359  -0.0212 -0.2022 134 GLN A C   
134 O  O   . GLN A 19 ? 0.3953 0.5250 0.4935 0.0546  -0.0243 -0.2395 134 GLN A O   
135 C  CB  . GLN A 19 ? 0.3456 0.4950 0.3882 0.0001  -0.0214 -0.2004 134 GLN A CB  
136 C  CG  . GLN A 19 ? 0.5830 0.7247 0.6276 0.0048  -0.0272 -0.2470 134 GLN A CG  
137 C  CD  . GLN A 19 ? 0.6801 0.8926 0.7099 -0.0006 -0.0134 -0.2690 134 GLN A CD  
138 O  OE1 . GLN A 19 ? 0.5809 0.8222 0.5879 -0.0204 -0.0131 -0.2602 134 GLN A OE1 
139 N  NE2 . GLN A 19 ? 0.4282 0.6774 0.4699 0.0150  -0.0018 -0.2967 134 GLN A NE2 
140 N  N   . GLN A 20 ? 0.3132 0.3984 0.3938 0.0335  -0.0285 -0.1701 135 GLN A N   
141 C  CA  . GLN A 20 ? 0.3300 0.3659 0.4278 0.0503  -0.0439 -0.1704 135 GLN A CA  
142 C  C   . GLN A 20 ? 0.3579 0.4331 0.4809 0.0719  -0.0374 -0.1838 135 GLN A C   
143 O  O   . GLN A 20 ? 0.3897 0.4405 0.5361 0.0953  -0.0529 -0.2030 135 GLN A O   
144 C  CB  . GLN A 20 ? 0.3382 0.3364 0.4233 0.0363  -0.0490 -0.1307 135 GLN A CB  
145 C  CG  . GLN A 20 ? 0.4559 0.4101 0.5207 0.0128  -0.0589 -0.1204 135 GLN A CG  
146 C  CD  . GLN A 20 ? 0.6393 0.5189 0.7013 0.0158  -0.0842 -0.1316 135 GLN A CD  
147 O  OE1 . GLN A 20 ? 0.6148 0.4572 0.6850 0.0326  -0.0998 -0.1280 135 GLN A OE1 
148 N  NE2 . GLN A 20 ? 0.6617 0.5137 0.7100 -0.0020 -0.0923 -0.1438 135 GLN A NE2 
149 N  N   . LEU A 21 ? 0.2884 0.4243 0.4062 0.0630  -0.0168 -0.1737 136 LEU A N   
150 C  CA  . LEU A 21 ? 0.2785 0.4642 0.4178 0.0735  -0.0070 -0.1840 136 LEU A CA  
151 C  C   . LEU A 21 ? 0.3378 0.5903 0.4883 0.0788  0.0067  -0.2264 136 LEU A C   
152 O  O   . LEU A 21 ? 0.3023 0.6186 0.4585 0.0723  0.0237  -0.2308 136 LEU A O   
153 C  CB  . LEU A 21 ? 0.2463 0.4513 0.3685 0.0546  0.0059  -0.1470 136 LEU A CB  
154 C  CG  . LEU A 21 ? 0.2762 0.4271 0.3897 0.0501  -0.0042 -0.1120 136 LEU A CG  
155 C  CD1 . LEU A 21 ? 0.2501 0.4177 0.3473 0.0341  0.0076  -0.0829 136 LEU A CD1 
156 C  CD2 . LEU A 21 ? 0.2654 0.3851 0.4017 0.0677  -0.0210 -0.1162 136 LEU A CD2 
157 N  N   . GLN A 22 ? 0.3524 0.5909 0.5050 0.0881  -0.0006 -0.2603 137 GLN A N   
158 C  CA  . GLN A 22 ? 0.3815 0.6810 0.5477 0.0974  0.0107  -0.3120 137 GLN A CA  
159 C  C   . GLN A 22 ? 0.4890 0.7513 0.6937 0.1345  -0.0107 -0.3546 137 GLN A C   
160 O  O   . GLN A 22 ? 0.5292 0.7056 0.7284 0.1407  -0.0351 -0.3440 137 GLN A O   
161 C  CB  . GLN A 22 ? 0.4084 0.7281 0.5398 0.0755  0.0200  -0.3213 137 GLN A CB  
162 C  CG  . GLN A 22 ? 0.4328 0.7694 0.5231 0.0427  0.0304  -0.2746 137 GLN A CG  
163 C  CD  . GLN A 22 ? 0.4391 0.8326 0.5205 0.0275  0.0488  -0.2547 137 GLN A CD  
164 O  OE1 . GLN A 22 ? 0.4199 0.7931 0.4850 0.0145  0.0476  -0.2095 137 GLN A OE1 
165 N  NE2 . GLN A 22 ? 0.3712 0.8400 0.4593 0.0244  0.0665  -0.2895 137 GLN A NE2 
166 N  N   . PRO A 23 ? 0.4367 0.7610 0.6811 0.1595  -0.0044 -0.4030 138 PRO A N   
167 C  CA  . PRO A 23 ? 0.4059 0.8423 0.6579 0.1475  0.0261  -0.4214 138 PRO A CA  
168 C  C   . PRO A 23 ? 0.3858 0.8484 0.6401 0.1331  0.0346  -0.3809 138 PRO A C   
169 O  O   . PRO A 23 ? 0.3684 0.7757 0.6388 0.1480  0.0141  -0.3566 138 PRO A O   
170 C  CB  . PRO A 23 ? 0.4556 0.9391 0.7629 0.1876  0.0229  -0.4918 138 PRO A CB  
171 C  CG  . PRO A 23 ? 0.5747 0.9605 0.8916 0.2181  -0.0100 -0.5122 138 PRO A CG  
172 C  CD  . PRO A 23 ? 0.5039 0.7902 0.7909 0.2034  -0.0303 -0.4484 138 PRO A CD  
173 N  N   . PRO A 24 ? 0.3325 0.8756 0.5658 0.1002  0.0630  -0.3720 139 PRO A N   
174 C  CA  . PRO A 24 ? 0.3102 0.8724 0.5414 0.0811  0.0703  -0.3337 139 PRO A CA  
175 C  C   . PRO A 24 ? 0.3269 0.9174 0.6162 0.1100  0.0615  -0.3574 139 PRO A C   
176 O  O   . PRO A 24 ? 0.3358 0.9833 0.6708 0.1378  0.0626  -0.4141 139 PRO A O   
177 C  CB  . PRO A 24 ? 0.3521 1.0012 0.5518 0.0404  0.1007  -0.3335 139 PRO A CB  
178 C  CG  . PRO A 24 ? 0.4225 1.0753 0.5896 0.0317  0.1061  -0.3505 139 PRO A CG  
179 C  CD  . PRO A 24 ? 0.3724 0.9849 0.5746 0.0735  0.0873  -0.3929 139 PRO A CD  
180 N  N   . GLU A 25 ? 0.2686 0.8227 0.5578 0.1051  0.0511  -0.3166 140 GLU A N   
181 C  CA  . GLU A 25 ? 0.2721 0.8472 0.6120 0.1293  0.0376  -0.3292 140 GLU A CA  
182 C  C   . GLU A 25 ? 0.2672 0.8272 0.5834 0.0990  0.0410  -0.2789 140 GLU A C   
183 O  O   . GLU A 25 ? 0.2399 0.7144 0.5244 0.0934  0.0277  -0.2372 140 GLU A O   
184 C  CB  . GLU A 25 ? 0.3166 0.8083 0.6811 0.1732  0.0010  -0.3385 140 GLU A CB  
185 C  CG  . GLU A 25 ? 0.4178 0.9067 0.8268 0.2013  -0.0242 -0.3406 140 GLU A CG  
186 C  CD  . GLU A 25 ? 0.6542 1.0375 1.0672 0.2347  -0.0653 -0.3332 140 GLU A CD  
187 O  OE1 . GLU A 25 ? 0.6716 1.0082 1.0796 0.2515  -0.0759 -0.3544 140 GLU A OE1 
188 O  OE2 . GLU A 25 ? 0.5207 0.8663 0.9380 0.2411  -0.0885 -0.3060 140 GLU A OE2 
189 N  N   . ASP A 26 ? 0.2292 0.8742 0.5579 0.0753  0.0601  -0.2841 141 ASP A N   
190 C  CA  . ASP A 26 ? 0.1979 0.8230 0.4995 0.0422  0.0631  -0.2380 141 ASP A CA  
191 C  C   . ASP A 26 ? 0.2506 0.8010 0.5627 0.0640  0.0343  -0.2150 141 ASP A C   
192 O  O   . ASP A 26 ? 0.2527 0.8107 0.6118 0.1001  0.0132  -0.2401 141 ASP A O   
193 C  CB  . ASP A 26 ? 0.1967 0.9252 0.5171 0.0131  0.0838  -0.2520 141 ASP A CB  
194 C  CG  . ASP A 26 ? 0.2740 1.0721 0.5619 -0.0288 0.1153  -0.2588 141 ASP A CG  
195 O  OD1 . ASP A 26 ? 0.2568 1.0151 0.4993 -0.0383 0.1199  -0.2444 141 ASP A OD1 
196 O  OD2 . ASP A 26 ? 0.3091 1.2061 0.6152 -0.0557 0.1347  -0.2781 141 ASP A OD2 
197 N  N   . GLY A 27 ? 0.1971 0.6739 0.4638 0.0440  0.0313  -0.1692 142 GLY A N   
198 C  CA  . GLY A 27 ? 0.1845 0.5941 0.4500 0.0559  0.0078  -0.1452 142 GLY A CA  
199 C  C   . GLY A 27 ? 0.2215 0.5525 0.4781 0.0808  -0.0130 -0.1401 142 GLY A C   
200 O  O   . GLY A 27 ? 0.2134 0.4855 0.4576 0.0836  -0.0307 -0.1164 142 GLY A O   
201 N  N   . LEU A 28 ? 0.1863 0.5152 0.4440 0.0938  -0.0106 -0.1618 143 LEU A N   
202 C  CA  . LEU A 28 ? 0.1902 0.4400 0.4327 0.1084  -0.0297 -0.1545 143 LEU A CA  
203 C  C   . LEU A 28 ? 0.1965 0.3999 0.3921 0.0814  -0.0213 -0.1154 143 LEU A C   
204 O  O   . LEU A 28 ? 0.1964 0.4274 0.3712 0.0595  -0.0009 -0.1057 143 LEU A O   
205 C  CB  . LEU A 28 ? 0.2141 0.4752 0.4683 0.1250  -0.0286 -0.1905 143 LEU A CB  
206 C  CG  . LEU A 28 ? 0.2826 0.4634 0.5190 0.1336  -0.0476 -0.1864 143 LEU A CG  
207 C  CD1 . LEU A 28 ? 0.3095 0.4310 0.5635 0.1598  -0.0825 -0.1872 143 LEU A CD1 
208 C  CD2 . LEU A 28 ? 0.3024 0.5041 0.5437 0.1416  -0.0404 -0.2237 143 LEU A CD2 
209 N  N   . PHE A 29 ? 0.1773 0.3142 0.3560 0.0817  -0.0381 -0.0930 144 PHE A N   
210 C  CA  . PHE A 29 ? 0.1662 0.2736 0.3089 0.0588  -0.0288 -0.0618 144 PHE A CA  
211 C  C   . PHE A 29 ? 0.2107 0.2565 0.3329 0.0558  -0.0422 -0.0476 144 PHE A C   
212 O  O   . PHE A 29 ? 0.2406 0.2483 0.3682 0.0675  -0.0641 -0.0519 144 PHE A O   
213 C  CB  . PHE A 29 ? 0.1716 0.2851 0.3089 0.0464  -0.0255 -0.0425 144 PHE A CB  
214 C  CG  . PHE A 29 ? 0.1910 0.2675 0.3288 0.0522  -0.0468 -0.0325 144 PHE A CG  
215 C  CD1 . PHE A 29 ? 0.2260 0.3181 0.3946 0.0715  -0.0651 -0.0478 144 PHE A CD1 
216 C  CD2 . PHE A 29 ? 0.2003 0.2324 0.3075 0.0377  -0.0494 -0.0092 144 PHE A CD2 
217 C  CE1 . PHE A 29 ? 0.2424 0.2967 0.4055 0.0758  -0.0900 -0.0345 144 PHE A CE1 
218 C  CE2 . PHE A 29 ? 0.2348 0.2341 0.3330 0.0373  -0.0694 0.0023  144 PHE A CE2 
219 C  CZ  . PHE A 29 ? 0.2475 0.2537 0.3709 0.0558  -0.0915 -0.0078 144 PHE A CZ  
220 N  N   . LEU A 30 ? 0.1738 0.2103 0.2714 0.0382  -0.0307 -0.0297 145 LEU A N   
221 C  CA  . LEU A 30 ? 0.1813 0.1739 0.2579 0.0269  -0.0382 -0.0155 145 LEU A CA  
222 C  C   . LEU A 30 ? 0.1785 0.1790 0.2386 0.0123  -0.0239 0.0017  145 LEU A C   
223 O  O   . LEU A 30 ? 0.1700 0.1981 0.2318 0.0124  -0.0116 0.0033  145 LEU A O   
224 C  CB  . LEU A 30 ? 0.1983 0.1749 0.2709 0.0249  -0.0427 -0.0267 145 LEU A CB  
225 C  CG  . LEU A 30 ? 0.2079 0.2217 0.2801 0.0215  -0.0274 -0.0350 145 LEU A CG  
226 C  CD1 . LEU A 30 ? 0.1990 0.2177 0.2557 0.0055  -0.0184 -0.0183 145 LEU A CD1 
227 C  CD2 . LEU A 30 ? 0.2557 0.2591 0.3310 0.0246  -0.0354 -0.0570 145 LEU A CD2 
228 N  N   . VAL A 31 ? 0.1788 0.1541 0.2211 -0.0017 -0.0265 0.0130  146 VAL A N   
229 C  CA  . VAL A 31 ? 0.1775 0.1656 0.2097 -0.0116 -0.0131 0.0209  146 VAL A CA  
230 C  C   . VAL A 31 ? 0.2030 0.1937 0.2291 -0.0239 -0.0107 0.0188  146 VAL A C   
231 O  O   . VAL A 31 ? 0.2332 0.1970 0.2482 -0.0365 -0.0211 0.0204  146 VAL A O   
232 C  CB  . VAL A 31 ? 0.2159 0.1903 0.2338 -0.0208 -0.0134 0.0306  146 VAL A CB  
233 C  CG1 . VAL A 31 ? 0.2333 0.2250 0.2459 -0.0269 0.0009  0.0301  146 VAL A CG1 
234 C  CG2 . VAL A 31 ? 0.2028 0.1804 0.2284 -0.0124 -0.0163 0.0317  146 VAL A CG2 
235 N  N   . ARG A 32 ? 0.1881 0.2099 0.2212 -0.0212 -0.0002 0.0155  147 ARG A N   
236 C  CA  A ARG A 32 ? 0.1828 0.2233 0.2168 -0.0336 0.0029  0.0105  147 ARG A CA  
237 C  CA  B ARG A 32 ? 0.1878 0.2279 0.2216 -0.0337 0.0028  0.0106  147 ARG A CA  
238 C  C   . ARG A 32 ? 0.1966 0.2659 0.2358 -0.0336 0.0135  0.0088  147 ARG A C   
239 O  O   . ARG A 32 ? 0.1854 0.2538 0.2274 -0.0198 0.0167  0.0110  147 ARG A O   
240 C  CB  A ARG A 32 ? 0.1724 0.2336 0.2166 -0.0264 0.0006  0.0018  147 ARG A CB  
241 C  CB  B ARG A 32 ? 0.2008 0.2608 0.2448 -0.0266 0.0003  0.0017  147 ARG A CB  
242 C  CG  A ARG A 32 ? 0.1231 0.2104 0.1754 -0.0089 0.0039  0.0036  147 ARG A CG  
243 C  CG  B ARG A 32 ? 0.2698 0.3478 0.3198 -0.0080 0.0025  0.0034  147 ARG A CG  
244 C  CD  A ARG A 32 ? 0.1310 0.2386 0.1849 -0.0061 -0.0003 -0.0037 147 ARG A CD  
245 C  CD  B ARG A 32 ? 0.2929 0.3958 0.3455 -0.0061 -0.0008 -0.0046 147 ARG A CD  
246 N  NE  A ARG A 32 ? 0.1280 0.2563 0.1815 0.0060  -0.0019 0.0033  147 ARG A NE  
247 N  NE  B ARG A 32 ? 0.2826 0.4140 0.3429 -0.0121 -0.0014 -0.0085 147 ARG A NE  
248 C  CZ  A ARG A 32 ? 0.3206 0.4736 0.3835 0.0123  -0.0056 0.0042  147 ARG A CZ  
249 C  CZ  B ARG A 32 ? 0.3495 0.5087 0.4185 -0.0004 -0.0029 -0.0048 147 ARG A CZ  
250 N  NH1 A ARG A 32 ? 0.1694 0.3424 0.2460 0.0041  -0.0032 -0.0049 147 ARG A NH1 
251 N  NH1 B ARG A 32 ? 0.2528 0.4487 0.3368 -0.0043 -0.0043 -0.0128 147 ARG A NH1 
252 N  NH2 A ARG A 32 ? 0.2410 0.4002 0.2997 0.0257  -0.0135 0.0142  147 ARG A NH2 
253 N  NH2 B ARG A 32 ? 0.1817 0.3318 0.2449 0.0145  -0.0053 0.0062  147 ARG A NH2 
254 N  N   . GLU A 33 ? 0.2053 0.3028 0.2482 -0.0492 0.0183  0.0017  148 GLU A N   
255 C  CA  . GLU A 33 ? 0.1837 0.3232 0.2408 -0.0456 0.0288  -0.0084 148 GLU A CA  
256 C  C   . GLU A 33 ? 0.2559 0.4257 0.3368 -0.0208 0.0245  -0.0145 148 GLU A C   
257 O  O   . GLU A 33 ? 0.2728 0.4496 0.3566 -0.0217 0.0172  -0.0143 148 GLU A O   
258 C  CB  . GLU A 33 ? 0.2133 0.3845 0.2671 -0.0769 0.0368  -0.0162 148 GLU A CB  
259 C  CG  . GLU A 33 ? 0.3259 0.4661 0.3478 -0.1042 0.0393  -0.0065 148 GLU A CG  
260 C  CD  . GLU A 33 ? 0.5419 0.7082 0.5491 -0.1463 0.0469  -0.0095 148 GLU A CD  
261 O  OE1 . GLU A 33 ? 0.5254 0.7589 0.5565 -0.1509 0.0592  -0.0280 148 GLU A OE1 
262 O  OE2 . GLU A 33 ? 0.4803 0.6006 0.4517 -0.1763 0.0384  0.0068  148 GLU A OE2 
263 N  N   . SER A 34 ? 0.2050 0.3893 0.3005 0.0013  0.0261  -0.0208 149 SER A N   
264 C  CA  . SER A 34 ? 0.2153 0.4223 0.3310 0.0273  0.0155  -0.0237 149 SER A CA  
265 C  C   . SER A 34 ? 0.2768 0.5504 0.4217 0.0256  0.0177  -0.0428 149 SER A C   
266 O  O   . SER A 34 ? 0.2536 0.5615 0.4123 0.0199  0.0300  -0.0602 149 SER A O   
267 C  CB  . SER A 34 ? 0.2705 0.4533 0.3890 0.0539  0.0101  -0.0224 149 SER A CB  
268 O  OG  . SER A 34 ? 0.2902 0.4924 0.4286 0.0810  -0.0053 -0.0253 149 SER A OG  
269 N  N   . ALA A 35 ? 0.3058 0.6066 0.4613 0.0287  0.0065  -0.0426 150 ALA A N   
270 C  CA  . ALA A 35 ? 0.3184 0.6934 0.5076 0.0273  0.0063  -0.0628 150 ALA A CA  
271 C  C   . ALA A 35 ? 0.3421 0.7474 0.5651 0.0684  -0.0055 -0.0748 150 ALA A C   
272 O  O   . ALA A 35 ? 0.3437 0.8103 0.6010 0.0735  0.0023  -0.1002 150 ALA A O   
273 C  CB  . ALA A 35 ? 0.3340 0.7299 0.5217 0.0130  -0.0034 -0.0606 150 ALA A CB  
274 N  N   . ARG A 36 ? 0.3020 0.6613 0.5137 0.0967  -0.0248 -0.0572 151 ARG A N   
275 C  CA  . ARG A 36 ? 0.3294 0.6972 0.5682 0.1398  -0.0447 -0.0646 151 ARG A CA  
276 C  C   . ARG A 36 ? 0.3398 0.6910 0.5894 0.1565  -0.0354 -0.0809 151 ARG A C   
277 O  O   . ARG A 36 ? 0.3425 0.7229 0.6293 0.1918  -0.0466 -0.1027 151 ARG A O   
278 C  CB  . ARG A 36 ? 0.4156 0.7245 0.6260 0.1568  -0.0704 -0.0355 151 ARG A CB  
279 C  CG  . ARG A 36 ? 0.6020 0.9416 0.8100 0.1544  -0.0891 -0.0255 151 ARG A CG  
280 C  CD  . ARG A 36 ? 0.8052 1.0886 0.9776 0.1673  -0.1154 0.0052  151 ARG A CD  
281 N  NE  . ARG A 36 ? 0.9396 1.1572 1.0670 0.1457  -0.1032 0.0260  151 ARG A NE  
282 C  CZ  . ARG A 36 ? 1.1185 1.3300 1.2141 0.1170  -0.0943 0.0376  151 ARG A CZ  
283 N  NH1 . ARG A 36 ? 0.9671 1.2248 1.0652 0.1045  -0.0965 0.0313  151 ARG A NH1 
284 N  NH2 . ARG A 36 ? 0.9541 1.1180 1.0176 0.1007  -0.0833 0.0517  151 ARG A NH2 
285 N  N   . HIS A 37 ? 0.2752 0.5798 0.4935 0.1336  -0.0172 -0.0730 152 HIS A N   
286 C  CA  . HIS A 37 ? 0.2888 0.5729 0.5087 0.1437  -0.0073 -0.0886 152 HIS A CA  
287 C  C   . HIS A 37 ? 0.2857 0.6035 0.4989 0.1071  0.0211  -0.1023 152 HIS A C   
288 O  O   . HIS A 37 ? 0.2577 0.5296 0.4352 0.0827  0.0301  -0.0862 152 HIS A O   
289 C  CB  . HIS A 37 ? 0.3246 0.5194 0.5073 0.1471  -0.0164 -0.0637 152 HIS A CB  
290 C  CG  . HIS A 37 ? 0.4147 0.5701 0.5933 0.1748  -0.0460 -0.0455 152 HIS A CG  
291 N  ND1 . HIS A 37 ? 0.4470 0.5637 0.5907 0.1596  -0.0555 -0.0130 152 HIS A ND1 
292 C  CD2 . HIS A 37 ? 0.4810 0.6319 0.6843 0.2152  -0.0695 -0.0560 152 HIS A CD2 
293 C  CE1 . HIS A 37 ? 0.4806 0.5680 0.6216 0.1853  -0.0840 -0.0002 152 HIS A CE1 
294 N  NE2 . HIS A 37 ? 0.5143 0.6148 0.6909 0.2217  -0.0962 -0.0240 152 HIS A NE2 
295 N  N   . PRO A 38 ? 0.2602 0.6608 0.5061 0.1015  0.0340  -0.1320 153 PRO A N   
296 C  CA  . PRO A 38 ? 0.2424 0.6758 0.4728 0.0576  0.0599  -0.1407 153 PRO A CA  
297 C  C   . PRO A 38 ? 0.2726 0.6611 0.4717 0.0475  0.0716  -0.1402 153 PRO A C   
298 O  O   . PRO A 38 ? 0.2684 0.6542 0.4818 0.0755  0.0718  -0.1618 153 PRO A O   
299 C  CB  . PRO A 38 ? 0.2734 0.8106 0.5513 0.0626  0.0714  -0.1807 153 PRO A CB  
300 C  CG  . PRO A 38 ? 0.3367 0.9015 0.6527 0.0962  0.0484  -0.1827 153 PRO A CG  
301 C  CD  . PRO A 38 ? 0.2808 0.7557 0.5793 0.1311  0.0238  -0.1578 153 PRO A CD  
302 N  N   . GLY A 39 ? 0.2255 0.5771 0.3825 0.0092  0.0780  -0.1169 154 GLY A N   
303 C  CA  . GLY A 39 ? 0.2386 0.5496 0.3611 -0.0058 0.0861  -0.1124 154 GLY A CA  
304 C  C   . GLY A 39 ? 0.2795 0.5102 0.3795 0.0066  0.0710  -0.0866 154 GLY A C   
305 O  O   . GLY A 39 ? 0.2923 0.4873 0.3605 -0.0117 0.0738  -0.0765 154 GLY A O   
306 N  N   . ASP A 40 ? 0.2246 0.4316 0.3394 0.0351  0.0545  -0.0763 155 ASP A N   
307 C  CA  . ASP A 40 ? 0.2094 0.3509 0.3027 0.0406  0.0424  -0.0522 155 ASP A CA  
308 C  C   . ASP A 40 ? 0.2213 0.3485 0.2988 0.0210  0.0381  -0.0296 155 ASP A C   
309 O  O   . ASP A 40 ? 0.2076 0.3652 0.2893 0.0050  0.0414  -0.0312 155 ASP A O   
310 C  CB  . ASP A 40 ? 0.2466 0.3626 0.3528 0.0742  0.0256  -0.0490 155 ASP A CB  
311 C  CG  . ASP A 40 ? 0.3889 0.4865 0.5029 0.0969  0.0235  -0.0689 155 ASP A CG  
312 O  OD1 . ASP A 40 ? 0.3858 0.5002 0.4967 0.0866  0.0388  -0.0896 155 ASP A OD1 
313 O  OD2 . ASP A 40 ? 0.4570 0.5182 0.5753 0.1230  0.0051  -0.0636 155 ASP A OD2 
314 N  N   . TYR A 41 ? 0.2006 0.2832 0.2606 0.0203  0.0312  -0.0122 156 TYR A N   
315 C  CA  . TYR A 41 ? 0.1758 0.2456 0.2252 0.0071  0.0265  0.0026  156 TYR A CA  
316 C  C   . TYR A 41 ? 0.1911 0.2433 0.2393 0.0190  0.0178  0.0142  156 TYR A C   
317 O  O   . TYR A 41 ? 0.1988 0.2363 0.2469 0.0327  0.0131  0.0167  156 TYR A O   
318 C  CB  . TYR A 41 ? 0.1960 0.2405 0.2250 -0.0108 0.0273  0.0093  156 TYR A CB  
319 C  CG  . TYR A 41 ? 0.2238 0.2821 0.2415 -0.0302 0.0356  0.0017  156 TYR A CG  
320 C  CD1 . TYR A 41 ? 0.2376 0.3073 0.2478 -0.0518 0.0361  0.0038  156 TYR A CD1 
321 C  CD2 . TYR A 41 ? 0.2624 0.3222 0.2725 -0.0314 0.0430  -0.0086 156 TYR A CD2 
322 C  CE1 . TYR A 41 ? 0.2815 0.3663 0.2731 -0.0786 0.0445  -0.0003 156 TYR A CE1 
323 C  CE2 . TYR A 41 ? 0.2892 0.3705 0.2835 -0.0545 0.0532  -0.0175 156 TYR A CE2 
324 C  CZ  . TYR A 41 ? 0.3101 0.4055 0.2935 -0.0801 0.0543  -0.0115 156 TYR A CZ  
325 O  OH  . TYR A 41 ? 0.3722 0.4908 0.3320 -0.1118 0.0650  -0.0171 156 TYR A OH  
326 N  N   . VAL A 42 ? 0.1580 0.2107 0.2030 0.0119  0.0146  0.0199  157 VAL A N   
327 C  CA  . VAL A 42 ? 0.1451 0.1912 0.1850 0.0160  0.0099  0.0285  157 VAL A CA  
328 C  C   . VAL A 42 ? 0.1697 0.2080 0.2067 0.0073  0.0099  0.0285  157 VAL A C   
329 O  O   . VAL A 42 ? 0.1737 0.2126 0.2138 0.0022  0.0077  0.0228  157 VAL A O   
330 C  CB  . VAL A 42 ? 0.1757 0.2451 0.2190 0.0211  0.0050  0.0281  157 VAL A CB  
331 C  CG1 . VAL A 42 ? 0.1932 0.2604 0.2230 0.0192  0.0021  0.0376  157 VAL A CG1 
332 C  CG2 . VAL A 42 ? 0.1850 0.2687 0.2388 0.0345  0.0000  0.0257  157 VAL A CG2 
333 N  N   . LEU A 43 ? 0.1632 0.1930 0.1953 0.0053  0.0100  0.0340  158 LEU A N   
334 C  CA  . LEU A 43 ? 0.1536 0.1894 0.1915 0.0016  0.0086  0.0300  158 LEU A CA  
335 C  C   . LEU A 43 ? 0.1901 0.2524 0.2300 0.0019  0.0109  0.0258  158 LEU A C   
336 O  O   . LEU A 43 ? 0.1834 0.2504 0.2106 -0.0033 0.0134  0.0352  158 LEU A O   
337 C  CB  . LEU A 43 ? 0.1657 0.1915 0.1997 -0.0054 0.0088  0.0351  158 LEU A CB  
338 C  CG  . LEU A 43 ? 0.1769 0.2250 0.2241 -0.0079 0.0069  0.0285  158 LEU A CG  
339 C  CD1 . LEU A 43 ? 0.1814 0.2258 0.2419 0.0009  -0.0038 0.0198  158 LEU A CD1 
340 C  CD2 . LEU A 43 ? 0.1859 0.2315 0.2281 -0.0208 0.0078  0.0341  158 LEU A CD2 
341 N  N   . CYS A 44 ? 0.1670 0.2435 0.2189 0.0068  0.0086  0.0113  159 CYS A N   
342 C  CA  . CYS A 44 ? 0.1679 0.2774 0.2213 0.0066  0.0128  -0.0002 159 CYS A CA  
343 C  C   . CYS A 44 ? 0.1588 0.2920 0.2307 0.0102  0.0137  -0.0164 159 CYS A C   
344 O  O   . CYS A 44 ? 0.1723 0.2905 0.2607 0.0213  0.0040  -0.0262 159 CYS A O   
345 C  CB  . CYS A 44 ? 0.1693 0.2787 0.2242 0.0111  0.0088  -0.0115 159 CYS A CB  
346 S  SG  . CYS A 44 ? 0.2154 0.3122 0.2591 0.0084  0.0063  0.0027  159 CYS A SG  
347 N  N   . VAL A 45 ? 0.1505 0.3222 0.2195 -0.0008 0.0236  -0.0188 160 VAL A N   
348 C  CA  A VAL A 45 ? 0.1451 0.3571 0.2399 0.0028  0.0263  -0.0399 160 VAL A CA  
349 C  CA  B VAL A 45 ? 0.1290 0.3422 0.2225 0.0011  0.0271  -0.0387 160 VAL A CA  
350 C  C   . VAL A 45 ? 0.1815 0.4526 0.2756 -0.0055 0.0395  -0.0595 160 VAL A C   
351 O  O   . VAL A 45 ? 0.2005 0.4830 0.2642 -0.0263 0.0481  -0.0452 160 VAL A O   
352 C  CB  A VAL A 45 ? 0.2056 0.4209 0.3045 -0.0084 0.0269  -0.0287 160 VAL A CB  
353 C  CB  B VAL A 45 ? 0.1630 0.3802 0.2527 -0.0155 0.0304  -0.0235 160 VAL A CB  
354 C  CG1 A VAL A 45 ? 0.2212 0.4422 0.2904 -0.0365 0.0374  -0.0085 160 VAL A CG1 
355 C  CG1 B VAL A 45 ? 0.1474 0.4202 0.2703 -0.0138 0.0328  -0.0465 160 VAL A CG1 
356 C  CG2 A VAL A 45 ? 0.2026 0.4666 0.3395 0.0010  0.0250  -0.0545 160 VAL A CG2 
357 C  CG2 B VAL A 45 ? 0.1515 0.3144 0.2338 -0.0121 0.0202  -0.0051 160 VAL A CG2 
358 N  N   . SER A 46 ? 0.1584 0.4658 0.2851 0.0114  0.0389  -0.0937 161 SER A N   
359 C  CA  . SER A 46 ? 0.1735 0.5500 0.3057 0.0055  0.0538  -0.1231 161 SER A CA  
360 C  C   . SER A 46 ? 0.2194 0.6581 0.3591 -0.0164 0.0681  -0.1255 161 SER A C   
361 O  O   . SER A 46 ? 0.1843 0.6327 0.3554 -0.0071 0.0618  -0.1312 161 SER A O   
362 C  CB  . SER A 46 ? 0.2138 0.6037 0.3836 0.0371  0.0458  -0.1661 161 SER A CB  
363 O  OG  . SER A 46 ? 0.2082 0.6755 0.3883 0.0339  0.0623  -0.2042 161 SER A OG  
364 N  N   . PHE A 47 ? 0.2222 0.7032 0.3294 -0.0496 0.0855  -0.1187 162 PHE A N   
365 C  CA  . PHE A 47 ? 0.2271 0.7707 0.3324 -0.0824 0.1014  -0.1186 162 PHE A CA  
366 C  C   . PHE A 47 ? 0.2981 0.9067 0.3715 -0.1150 0.1218  -0.1281 162 PHE A C   
367 O  O   . PHE A 47 ? 0.2998 0.8736 0.3235 -0.1315 0.1196  -0.1014 162 PHE A O   
368 C  CB  . PHE A 47 ? 0.2605 0.7500 0.3357 -0.1074 0.0956  -0.0738 162 PHE A CB  
369 C  CG  . PHE A 47 ? 0.3048 0.8508 0.3742 -0.1484 0.1102  -0.0709 162 PHE A CG  
370 C  CD1 . PHE A 47 ? 0.3198 0.9337 0.4411 -0.1422 0.1148  -0.1016 162 PHE A CD1 
371 C  CD2 . PHE A 47 ? 0.3976 0.9307 0.4095 -0.1951 0.1168  -0.0376 162 PHE A CD2 
372 C  CE1 . PHE A 47 ? 0.3651 1.0436 0.4836 -0.1860 0.1299  -0.1016 162 PHE A CE1 
373 C  CE2 . PHE A 47 ? 0.4692 1.0536 0.4705 -0.2419 0.1305  -0.0335 162 PHE A CE2 
374 C  CZ  . PHE A 47 ? 0.4169 1.0788 0.4731 -0.2389 0.1390  -0.0669 162 PHE A CZ  
375 N  N   . GLY A 48 ? 0.2728 0.9811 0.3745 -0.1251 0.1406  -0.1666 163 GLY A N   
376 C  CA  . GLY A 48 ? 0.3020 1.0871 0.3709 -0.1623 0.1636  -0.1800 163 GLY A CA  
377 C  C   . GLY A 48 ? 0.3652 1.1412 0.4112 -0.1500 0.1627  -0.1935 163 GLY A C   
378 O  O   . GLY A 48 ? 0.4019 1.1981 0.3912 -0.1880 0.1727  -0.1782 163 GLY A O   
379 N  N   . ARG A 49 ? 0.2918 1.0362 0.3783 -0.1000 0.1485  -0.2218 164 ARG A N   
380 C  CA  . ARG A 49 ? 0.3163 1.0450 0.3914 -0.0823 0.1438  -0.2423 164 ARG A CA  
381 C  C   . ARG A 49 ? 0.3708 1.0150 0.3940 -0.0917 0.1277  -0.1931 164 ARG A C   
382 O  O   . ARG A 49 ? 0.4083 1.0459 0.4121 -0.0877 0.1241  -0.2039 164 ARG A O   
383 C  CB  . ARG A 49 ? 0.3327 1.1613 0.3974 -0.1013 0.1678  -0.2868 164 ARG A CB  
384 C  CG  . ARG A 49 ? 0.3230 1.2455 0.4525 -0.0814 0.1827  -0.3486 164 ARG A CG  
385 C  CD  . ARG A 49 ? 0.3565 1.3668 0.4920 -0.0798 0.2019  -0.4108 164 ARG A CD  
386 N  NE  . ARG A 49 ? 0.5514 1.6440 0.7638 -0.0458 0.2099  -0.4772 164 ARG A NE  
387 C  CZ  . ARG A 49 ? 0.8306 2.0447 1.0619 -0.0525 0.2367  -0.5403 164 ARG A CZ  
388 N  NH1 . ARG A 49 ? 0.6913 1.9589 0.8615 -0.0985 0.2598  -0.5424 164 ARG A NH1 
389 N  NH2 . ARG A 49 ? 0.7128 2.0007 1.0242 -0.0132 0.2396  -0.6031 164 ARG A NH2 
390 N  N   . ASP A 50 ? 0.3067 0.8900 0.3125 -0.1015 0.1168  -0.1441 165 ASP A N   
391 C  CA  A ASP A 50 ? 0.3014 0.8073 0.2694 -0.1040 0.0990  -0.0994 165 ASP A CA  
392 C  CA  B ASP A 50 ? 0.2977 0.8029 0.2664 -0.1031 0.0987  -0.0999 165 ASP A CA  
393 C  C   . ASP A 50 ? 0.2859 0.7212 0.2859 -0.0721 0.0819  -0.0884 165 ASP A C   
394 O  O   . ASP A 50 ? 0.2518 0.6938 0.2914 -0.0568 0.0826  -0.1043 165 ASP A O   
395 C  CB  A ASP A 50 ? 0.3642 0.8585 0.2811 -0.1443 0.0999  -0.0542 165 ASP A CB  
396 C  CB  B ASP A 50 ? 0.3559 0.8453 0.2723 -0.1422 0.0983  -0.0533 165 ASP A CB  
397 C  CG  A ASP A 50 ? 0.5448 0.9757 0.4150 -0.1507 0.0804  -0.0108 165 ASP A CG  
398 C  CG  B ASP A 50 ? 0.5517 1.0948 0.4158 -0.1830 0.1100  -0.0495 165 ASP A CG  
399 O  OD1 A ASP A 50 ? 0.5311 0.9339 0.4098 -0.1254 0.0677  -0.0149 165 ASP A OD1 
400 O  OD1 B ASP A 50 ? 0.6115 1.1640 0.4398 -0.2227 0.1159  -0.0229 165 ASP A OD1 
401 O  OD2 A ASP A 50 ? 0.6841 1.0924 0.5100 -0.1812 0.0756  0.0269  165 ASP A OD2 
402 O  OD2 B ASP A 50 ? 0.6413 1.2119 0.4938 -0.1793 0.1114  -0.0703 165 ASP A OD2 
403 N  N   . VAL A 51 ? 0.2352 0.6094 0.2181 -0.0639 0.0660  -0.0621 166 VAL A N   
404 C  CA  . VAL A 51 ? 0.2090 0.5233 0.2137 -0.0424 0.0529  -0.0491 166 VAL A CA  
405 C  C   . VAL A 51 ? 0.2772 0.5517 0.2526 -0.0564 0.0462  -0.0081 166 VAL A C   
406 O  O   . VAL A 51 ? 0.3052 0.5701 0.2463 -0.0673 0.0396  0.0125  166 VAL A O   
407 C  CB  . VAL A 51 ? 0.2223 0.5053 0.2392 -0.0215 0.0412  -0.0595 166 VAL A CB  
408 C  CG1 . VAL A 51 ? 0.2135 0.4401 0.2416 -0.0095 0.0301  -0.0401 166 VAL A CG1 
409 C  CG2 . VAL A 51 ? 0.2249 0.5296 0.2711 -0.0052 0.0430  -0.1016 166 VAL A CG2 
410 N  N   . ILE A 52 ? 0.2419 0.4944 0.2296 -0.0566 0.0460  0.0021  167 ILE A N   
411 C  CA  . ILE A 52 ? 0.2465 0.4523 0.2099 -0.0670 0.0382  0.0353  167 ILE A CA  
412 C  C   . ILE A 52 ? 0.2440 0.4023 0.2246 -0.0433 0.0275  0.0395  167 ILE A C   
413 O  O   . ILE A 52 ? 0.2283 0.3854 0.2376 -0.0292 0.0280  0.0236  167 ILE A O   
414 C  CB  . ILE A 52 ? 0.3021 0.5166 0.2615 -0.0901 0.0456  0.0426  167 ILE A CB  
415 C  CG1 . ILE A 52 ? 0.3268 0.6115 0.2766 -0.1181 0.0618  0.0296  167 ILE A CG1 
416 C  CG2 . ILE A 52 ? 0.3612 0.5163 0.2876 -0.1032 0.0345  0.0763  167 ILE A CG2 
417 C  CD1 . ILE A 52 ? 0.4449 0.7397 0.3447 -0.1433 0.0619  0.0468  167 ILE A CD1 
418 N  N   . HIS A 53 ? 0.2443 0.3665 0.2069 -0.0387 0.0162  0.0597  168 HIS A N   
419 C  CA  . HIS A 53 ? 0.2422 0.3324 0.2206 -0.0185 0.0086  0.0600  168 HIS A CA  
420 C  C   . HIS A 53 ? 0.2969 0.3436 0.2666 -0.0188 0.0029  0.0756  168 HIS A C   
421 O  O   . HIS A 53 ? 0.3506 0.3731 0.2938 -0.0272 -0.0058 0.0951  168 HIS A O   
422 C  CB  . HIS A 53 ? 0.2609 0.3557 0.2359 -0.0074 -0.0013 0.0620  168 HIS A CB  
423 C  CG  . HIS A 53 ? 0.3005 0.4340 0.2776 -0.0104 0.0026  0.0455  168 HIS A CG  
424 N  ND1 . HIS A 53 ? 0.2933 0.4351 0.2936 -0.0018 0.0046  0.0254  168 HIS A ND1 
425 C  CD2 . HIS A 53 ? 0.3439 0.5072 0.2988 -0.0241 0.0042  0.0454  168 HIS A CD2 
426 C  CE1 . HIS A 53 ? 0.3014 0.4737 0.2959 -0.0069 0.0061  0.0113  168 HIS A CE1 
427 N  NE2 . HIS A 53 ? 0.3352 0.5267 0.3034 -0.0201 0.0076  0.0208  168 HIS A NE2 
428 N  N   . TYR A 54 ? 0.2278 0.2595 0.2154 -0.0110 0.0054  0.0673  169 TYR A N   
429 C  CA  . TYR A 54 ? 0.2352 0.2261 0.2157 -0.0098 0.0007  0.0750  169 TYR A CA  
430 C  C   . TYR A 54 ? 0.2329 0.2135 0.2283 0.0093  -0.0018 0.0655  169 TYR A C   
431 O  O   . TYR A 54 ? 0.2163 0.2132 0.2270 0.0112  0.0045  0.0529  169 TYR A O   
432 C  CB  . TYR A 54 ? 0.2493 0.2377 0.2325 -0.0239 0.0070  0.0714  169 TYR A CB  
433 C  CG  . TYR A 54 ? 0.2628 0.2764 0.2373 -0.0463 0.0124  0.0758  169 TYR A CG  
434 C  CD1 . TYR A 54 ? 0.3219 0.3121 0.2679 -0.0679 0.0088  0.0937  169 TYR A CD1 
435 C  CD2 . TYR A 54 ? 0.2366 0.2984 0.2311 -0.0474 0.0201  0.0603  169 TYR A CD2 
436 C  CE1 . TYR A 54 ? 0.3350 0.3597 0.2706 -0.0963 0.0170  0.0968  169 TYR A CE1 
437 C  CE2 . TYR A 54 ? 0.2433 0.3447 0.2358 -0.0681 0.0280  0.0576  169 TYR A CE2 
438 C  CZ  . TYR A 54 ? 0.2917 0.3797 0.2538 -0.0959 0.0286  0.0762  169 TYR A CZ  
439 O  OH  . TYR A 54 ? 0.3212 0.4570 0.2769 -0.1250 0.0391  0.0740  169 TYR A OH  
440 N  N   . ARG A 55 ? 0.2560 0.2104 0.2465 0.0226  -0.0123 0.0704  170 ARG A N   
441 C  CA  . ARG A 55 ? 0.2551 0.2130 0.2653 0.0409  -0.0117 0.0542  170 ARG A CA  
442 C  C   . ARG A 55 ? 0.2905 0.2299 0.2996 0.0347  -0.0041 0.0446  170 ARG A C   
443 O  O   . ARG A 55 ? 0.3340 0.2363 0.3270 0.0267  -0.0082 0.0514  170 ARG A O   
444 C  CB  . ARG A 55 ? 0.3262 0.2636 0.3383 0.0638  -0.0283 0.0564  170 ARG A CB  
445 C  CG  . ARG A 55 ? 0.3868 0.3476 0.4277 0.0847  -0.0252 0.0321  170 ARG A CG  
446 C  CD  . ARG A 55 ? 0.5569 0.5114 0.6108 0.1148  -0.0454 0.0298  170 ARG A CD  
447 N  NE  . ARG A 55 ? 0.6004 0.5789 0.6853 0.1358  -0.0403 -0.0006 170 ARG A NE  
448 C  CZ  . ARG A 55 ? 0.7621 0.7283 0.8661 0.1698  -0.0580 -0.0137 170 ARG A CZ  
449 N  NH1 . ARG A 55 ? 0.6495 0.5669 0.7388 0.1855  -0.0860 0.0071  170 ARG A NH1 
450 N  NH2 . ARG A 55 ? 0.5676 0.5698 0.7040 0.1881  -0.0491 -0.0488 170 ARG A NH2 
451 N  N   . VAL A 56 ? 0.2268 0.1910 0.2490 0.0344  0.0056  0.0291  171 VAL A N   
452 C  CA  . VAL A 56 ? 0.2349 0.1881 0.2517 0.0265  0.0123  0.0186  171 VAL A CA  
453 C  C   . VAL A 56 ? 0.3118 0.2691 0.3404 0.0444  0.0136  -0.0014 171 VAL A C   
454 O  O   . VAL A 56 ? 0.3086 0.3059 0.3532 0.0486  0.0200  -0.0137 171 VAL A O   
455 C  CB  . VAL A 56 ? 0.2490 0.2241 0.2644 0.0102  0.0194  0.0170  171 VAL A CB  
456 C  CG1 . VAL A 56 ? 0.2754 0.2395 0.2776 -0.0012 0.0237  0.0083  171 VAL A CG1 
457 C  CG2 . VAL A 56 ? 0.2378 0.2141 0.2510 0.0013  0.0153  0.0300  171 VAL A CG2 
458 N  N   . LEU A 57 ? 0.3190 0.2374 0.3410 0.0535  0.0073  -0.0074 172 LEU A N   
459 C  CA  . LEU A 57 ? 0.3566 0.2726 0.3938 0.0779  0.0054  -0.0329 172 LEU A CA  
460 C  C   . LEU A 57 ? 0.3770 0.3078 0.4105 0.0684  0.0201  -0.0578 172 LEU A C   
461 O  O   . LEU A 57 ? 0.3587 0.2799 0.3708 0.0436  0.0254  -0.0503 172 LEU A O   
462 C  CB  . LEU A 57 ? 0.4284 0.2774 0.4544 0.0924  -0.0137 -0.0272 172 LEU A CB  
463 C  CG  . LEU A 57 ? 0.5212 0.3369 0.5316 0.0896  -0.0309 0.0050  172 LEU A CG  
464 C  CD1 . LEU A 57 ? 0.6039 0.3411 0.5872 0.0848  -0.0472 0.0153  172 LEU A CD1 
465 C  CD2 . LEU A 57 ? 0.5859 0.4186 0.6161 0.1183  -0.0451 0.0058  172 LEU A CD2 
466 N  N   . HIS A 58 ? 0.3597 0.3163 0.4143 0.0890  0.0252  -0.0901 173 HIS A N   
467 C  CA  . HIS A 58 ? 0.3798 0.3537 0.4278 0.0803  0.0403  -0.1206 173 HIS A CA  
468 C  C   . HIS A 58 ? 0.4758 0.3982 0.5252 0.1043  0.0294  -0.1426 173 HIS A C   
469 O  O   . HIS A 58 ? 0.4989 0.4050 0.5726 0.1400  0.0141  -0.1522 173 HIS A O   
470 C  CB  . HIS A 58 ? 0.3690 0.4222 0.4397 0.0812  0.0583  -0.1487 173 HIS A CB  
471 C  CG  . HIS A 58 ? 0.3565 0.4490 0.4122 0.0459  0.0702  -0.1303 173 HIS A CG  
472 N  ND1 . HIS A 58 ? 0.3494 0.4608 0.4176 0.0448  0.0655  -0.1101 173 HIS A ND1 
473 C  CD2 . HIS A 58 ? 0.3689 0.4803 0.3955 0.0109  0.0836  -0.1306 173 HIS A CD2 
474 C  CE1 . HIS A 58 ? 0.3214 0.4533 0.3684 0.0102  0.0748  -0.0983 173 HIS A CE1 
475 N  NE2 . HIS A 58 ? 0.3467 0.4794 0.3673 -0.0114 0.0849  -0.1080 173 HIS A NE2 
476 N  N   . ARG A 59 ? 0.4904 0.3827 0.5125 0.0850  0.0336  -0.1509 174 ARG A N   
477 C  CA  A ARG A 59 ? 0.5701 0.4059 0.5870 0.1014  0.0239  -0.1764 174 ARG A CA  
478 C  CA  B ARG A 59 ? 0.5668 0.4020 0.5837 0.1013  0.0237  -0.1760 174 ARG A CA  
479 C  C   . ARG A 59 ? 0.6616 0.5207 0.6596 0.0805  0.0418  -0.2069 174 ARG A C   
480 O  O   . ARG A 59 ? 0.6464 0.5045 0.6137 0.0444  0.0465  -0.1876 174 ARG A O   
481 C  CB  A ARG A 59 ? 0.6287 0.3798 0.6207 0.0916  0.0028  -0.1449 174 ARG A CB  
482 C  CB  B ARG A 59 ? 0.6092 0.3606 0.6006 0.0905  0.0029  -0.1440 174 ARG A CB  
483 C  CG  A ARG A 59 ? 0.7732 0.4899 0.7739 0.1107  -0.0184 -0.1159 174 ARG A CG  
484 C  CG  B ARG A 59 ? 0.6833 0.3995 0.6824 0.1086  -0.0183 -0.1139 174 ARG A CG  
485 C  CD  A ARG A 59 ? 0.9584 0.6521 0.9865 0.1581  -0.0356 -0.1410 174 ARG A CD  
486 C  CD  B ARG A 59 ? 0.7691 0.4416 0.7878 0.1527  -0.0393 -0.1357 174 ARG A CD  
487 N  NE  A ARG A 59 ? 1.0282 0.7390 1.0751 0.1777  -0.0488 -0.1186 174 ARG A NE  
488 N  NE  B ARG A 59 ? 0.6866 0.3190 0.7033 0.1659  -0.0645 -0.1015 174 ARG A NE  
489 C  CZ  A ARG A 59 ? 1.2341 0.8793 1.2669 0.1868  -0.0770 -0.0890 174 ARG A CZ  
490 C  CZ  B ARG A 59 ? 0.8071 0.4876 0.8485 0.1843  -0.0676 -0.0921 174 ARG A CZ  
491 N  NH1 A ARG A 59 ? 1.1409 0.6941 1.1407 0.1764  -0.0949 -0.0773 174 ARG A NH1 
492 N  NH1 B ARG A 59 ? 0.6260 0.3965 0.6978 0.1889  -0.0459 -0.1134 174 ARG A NH1 
493 N  NH2 A ARG A 59 ? 1.0403 0.7100 1.0877 0.2025  -0.0889 -0.0699 174 ARG A NH2 
494 N  NH2 B ARG A 59 ? 0.6294 0.2691 0.6609 0.1932  -0.0932 -0.0600 174 ARG A NH2 
495 N  N   . ASP A 60 ? 0.7028 0.5915 0.7205 0.1035  0.0515  -0.2567 175 ASP A N   
496 C  CA  . ASP A 60 ? 0.7470 0.6686 0.7454 0.0845  0.0711  -0.2950 175 ASP A CA  
497 C  C   . ASP A 60 ? 0.7531 0.7402 0.7264 0.0404  0.0907  -0.2765 175 ASP A C   
498 O  O   . ASP A 60 ? 0.7666 0.7491 0.7009 0.0066  0.0955  -0.2739 175 ASP A O   
499 C  CB  . ASP A 60 ? 0.8318 0.6767 0.7976 0.0721  0.0596  -0.2999 175 ASP A CB  
500 C  CG  . ASP A 60 ? 1.0617 0.8189 1.0400 0.1073  0.0344  -0.3091 175 ASP A CG  
501 O  OD1 . ASP A 60 ? 1.1249 0.8816 1.1297 0.1455  0.0331  -0.3578 175 ASP A OD1 
502 O  OD2 . ASP A 60 ? 1.1394 0.8281 1.0999 0.0955  0.0148  -0.2690 175 ASP A OD2 
503 N  N   . GLY A 61 ? 0.6635 0.7045 0.6566 0.0404  0.0977  -0.2614 176 GLY A N   
504 C  CA  . GLY A 61 ? 0.6297 0.7199 0.5983 -0.0004 0.1107  -0.2389 176 GLY A CA  
505 C  C   . GLY A 61 ? 0.6455 0.6932 0.5903 -0.0223 0.0953  -0.1864 176 GLY A C   
506 O  O   . GLY A 61 ? 0.6436 0.7176 0.5757 -0.0468 0.0981  -0.1615 176 GLY A O   
507 N  N   . HIS A 62 ? 0.5526 0.5346 0.4928 -0.0138 0.0777  -0.1712 177 HIS A N   
508 C  CA  . HIS A 62 ? 0.4973 0.4480 0.4222 -0.0315 0.0636  -0.1292 177 HIS A CA  
509 C  C   . HIS A 62 ? 0.4723 0.4104 0.4224 -0.0129 0.0536  -0.1033 177 HIS A C   
510 O  O   . HIS A 62 ? 0.4876 0.4242 0.4636 0.0154  0.0517  -0.1146 177 HIS A O   
511 C  CB  . HIS A 62 ? 0.5384 0.4382 0.4428 -0.0412 0.0527  -0.1291 177 HIS A CB  
512 C  CG  . HIS A 62 ? 0.6169 0.5307 0.4902 -0.0644 0.0606  -0.1526 177 HIS A CG  
513 N  ND1 . HIS A 62 ? 0.6997 0.5798 0.5631 -0.0612 0.0593  -0.1826 177 HIS A ND1 
514 C  CD2 . HIS A 62 ? 0.6434 0.5982 0.4895 -0.0926 0.0683  -0.1501 177 HIS A CD2 
515 C  CE1 . HIS A 62 ? 0.7133 0.6220 0.5449 -0.0873 0.0681  -0.1998 177 HIS A CE1 
516 N  NE2 . HIS A 62 ? 0.6901 0.6440 0.5080 -0.1081 0.0732  -0.1789 177 HIS A NE2 
517 N  N   . LEU A 63 ? 0.3698 0.3009 0.3126 -0.0279 0.0450  -0.0709 178 LEU A N   
518 C  CA  . LEU A 63 ? 0.3390 0.2645 0.2997 -0.0167 0.0370  -0.0472 178 LEU A CA  
519 C  C   . LEU A 63 ? 0.3827 0.2667 0.3394 -0.0180 0.0250  -0.0318 178 LEU A C   
520 O  O   . LEU A 63 ? 0.3887 0.2600 0.3292 -0.0368 0.0213  -0.0287 178 LEU A O   
521 C  CB  . LEU A 63 ? 0.3071 0.2565 0.2632 -0.0329 0.0359  -0.0271 178 LEU A CB  
522 C  CG  . LEU A 63 ? 0.3647 0.3527 0.3177 -0.0422 0.0465  -0.0350 178 LEU A CG  
523 C  CD1 . LEU A 63 ? 0.3470 0.3368 0.2900 -0.0587 0.0385  -0.0122 178 LEU A CD1 
524 C  CD2 . LEU A 63 ? 0.3960 0.4093 0.3768 -0.0219 0.0527  -0.0465 178 LEU A CD2 
525 N  N   . THR A 64 ? 0.3533 0.2227 0.3220 -0.0034 0.0182  -0.0196 179 THR A N   
526 C  CA  . THR A 64 ? 0.3663 0.2011 0.3253 -0.0132 0.0081  -0.0019 179 THR A CA  
527 C  C   . THR A 64 ? 0.4035 0.2418 0.3703 -0.0053 0.0028  0.0173  179 THR A C   
528 O  O   . THR A 64 ? 0.3806 0.2301 0.3609 0.0155  0.0017  0.0138  179 THR A O   
529 C  CB  . THR A 64 ? 0.4599 0.2385 0.4055 -0.0098 0.0003  -0.0135 179 THR A CB  
530 O  OG1 . THR A 64 ? 0.4491 0.1940 0.3780 -0.0312 -0.0085 0.0056  179 THR A OG1 
531 C  CG2 . THR A 64 ? 0.4642 0.2202 0.4219 0.0223  -0.0071 -0.0243 179 THR A CG2 
532 N  N   . ILE A 65 ? 0.3391 0.1746 0.2975 -0.0241 -0.0006 0.0355  180 ILE A N   
533 C  CA  . ILE A 65 ? 0.3388 0.1756 0.2947 -0.0238 -0.0054 0.0539  180 ILE A CA  
534 C  C   . ILE A 65 ? 0.4580 0.2380 0.3893 -0.0340 -0.0176 0.0668  180 ILE A C   
535 O  O   . ILE A 65 ? 0.5118 0.2670 0.4356 -0.0210 -0.0288 0.0774  180 ILE A O   
536 C  CB  . ILE A 65 ? 0.3384 0.2201 0.3014 -0.0397 0.0008  0.0618  180 ILE A CB  
537 C  CG1 . ILE A 65 ? 0.2962 0.2170 0.2796 -0.0269 0.0065  0.0520  180 ILE A CG1 
538 C  CG2 . ILE A 65 ? 0.3717 0.2575 0.3226 -0.0500 -0.0020 0.0795  180 ILE A CG2 
539 C  CD1 . ILE A 65 ? 0.2989 0.2583 0.2945 -0.0349 0.0090  0.0526  180 ILE A CD1 
540 N  N   . ASP A 66 ? 0.4428 0.1992 0.3588 -0.0587 -0.0183 0.0669  181 ASP A N   
541 C  CA  . ASP A 66 ? 0.5049 0.2030 0.3903 -0.0802 -0.0306 0.0833  181 ASP A CA  
542 C  C   . ASP A 66 ? 0.6046 0.2280 0.4759 -0.0701 -0.0439 0.0716  181 ASP A C   
543 O  O   . ASP A 66 ? 0.6775 0.2356 0.5180 -0.0890 -0.0587 0.0867  181 ASP A O   
544 C  CB  . ASP A 66 ? 0.5366 0.2600 0.4138 -0.1214 -0.0237 0.0903  181 ASP A CB  
545 C  CG  . ASP A 66 ? 0.5678 0.3049 0.4538 -0.1324 -0.0187 0.0714  181 ASP A CG  
546 O  OD1 . ASP A 66 ? 0.5542 0.2838 0.4490 -0.1101 -0.0178 0.0522  181 ASP A OD1 
547 O  OD2 . ASP A 66 ? 0.6117 0.3770 0.4966 -0.1644 -0.0154 0.0747  181 ASP A OD2 
548 N  N   . GLU A 67 ? 0.5510 0.1825 0.4414 -0.0438 -0.0389 0.0434  182 GLU A N   
549 C  CA  . GLU A 67 ? 0.6373 0.2092 0.5210 -0.0285 -0.0485 0.0206  182 GLU A CA  
550 C  C   . GLU A 67 ? 0.7212 0.2516 0.5789 -0.0641 -0.0517 0.0184  182 GLU A C   
551 O  O   . GLU A 67 ? 0.7890 0.2456 0.6300 -0.0599 -0.0658 0.0056  182 GLU A O   
552 C  CB  . GLU A 67 ? 0.7271 0.2368 0.6062 0.0005  -0.0710 0.0262  182 GLU A CB  
553 C  CG  . GLU A 67 ? 0.8261 0.3836 0.7347 0.0360  -0.0696 0.0236  182 GLU A CG  
554 C  CD  . GLU A 67 ? 1.2162 0.7170 1.1200 0.0641  -0.0977 0.0351  182 GLU A CD  
555 O  OE1 . GLU A 67 ? 1.1669 0.6436 1.0443 0.0462  -0.1107 0.0710  182 GLU A OE1 
556 O  OE2 . GLU A 67 ? 1.2565 0.7380 1.1818 0.1040  -0.1084 0.0071  182 GLU A OE2 
557 N  N   . ALA A 68 ? 0.6313 0.2109 0.4882 -0.0978 -0.0405 0.0279  183 ALA A N   
558 C  CA  . ALA A 68 ? 0.6656 0.2266 0.5035 -0.1355 -0.0423 0.0239  183 ALA A CA  
559 C  C   . ALA A 68 ? 0.6086 0.2345 0.4624 -0.1402 -0.0297 0.0065  183 ALA A C   
560 O  O   . ALA A 68 ? 0.6168 0.2264 0.4583 -0.1549 -0.0314 -0.0124 183 ALA A O   
561 C  CB  . ALA A 68 ? 0.6962 0.2587 0.5174 -0.1766 -0.0452 0.0527  183 ALA A CB  
562 N  N   . VAL A 69 ? 0.5095 0.2040 0.3875 -0.1275 -0.0198 0.0127  184 VAL A N   
563 C  CA  A VAL A 69 ? 0.4600 0.2101 0.3497 -0.1294 -0.0134 0.0023  184 VAL A CA  
564 C  CA  B VAL A 69 ? 0.4534 0.2024 0.3426 -0.1297 -0.0135 0.0019  184 VAL A CA  
565 C  C   . VAL A 69 ? 0.4580 0.2288 0.3601 -0.0982 -0.0059 -0.0070 184 VAL A C   
566 O  O   . VAL A 69 ? 0.4379 0.2175 0.3534 -0.0799 -0.0038 0.0035  184 VAL A O   
567 C  CB  A VAL A 69 ? 0.4618 0.2712 0.3683 -0.1468 -0.0131 0.0169  184 VAL A CB  
568 C  CB  B VAL A 69 ? 0.4473 0.2545 0.3518 -0.1501 -0.0139 0.0155  184 VAL A CB  
569 C  CG1 A VAL A 69 ? 0.4357 0.2866 0.3486 -0.1499 -0.0156 0.0078  184 VAL A CG1 
570 C  CG1 B VAL A 69 ? 0.3946 0.2354 0.3184 -0.1388 -0.0096 0.0318  184 VAL A CG1 
571 C  CG2 A VAL A 69 ? 0.4863 0.2870 0.3838 -0.1816 -0.0173 0.0267  184 VAL A CG2 
572 C  CG2 B VAL A 69 ? 0.4176 0.2661 0.3283 -0.1512 -0.0159 0.0062  184 VAL A CG2 
573 N  N   . PHE A 70 ? 0.4243 0.2032 0.3187 -0.0964 -0.0017 -0.0275 185 PHE A N   
574 C  CA  . PHE A 70 ? 0.3919 0.1965 0.2929 -0.0762 0.0080  -0.0403 185 PHE A CA  
575 C  C   . PHE A 70 ? 0.3956 0.2413 0.2886 -0.0906 0.0095  -0.0384 185 PHE A C   
576 O  O   . PHE A 70 ? 0.4056 0.2537 0.2835 -0.1118 0.0029  -0.0397 185 PHE A O   
577 C  CB  . PHE A 70 ? 0.4635 0.2405 0.3569 -0.0627 0.0126  -0.0722 185 PHE A CB  
578 C  CG  . PHE A 70 ? 0.5321 0.2503 0.4288 -0.0460 0.0032  -0.0752 185 PHE A CG  
579 C  CD1 . PHE A 70 ? 0.6084 0.2714 0.4859 -0.0649 -0.0085 -0.0719 185 PHE A CD1 
580 C  CD2 . PHE A 70 ? 0.5528 0.2678 0.4694 -0.0132 0.0025  -0.0806 185 PHE A CD2 
581 C  CE1 . PHE A 70 ? 0.6741 0.2686 0.5468 -0.0526 -0.0224 -0.0692 185 PHE A CE1 
582 C  CE2 . PHE A 70 ? 0.6368 0.2884 0.5530 0.0043  -0.0133 -0.0790 185 PHE A CE2 
583 C  CZ  . PHE A 70 ? 0.6697 0.2561 0.5609 -0.0163 -0.0266 -0.0712 185 PHE A CZ  
584 N  N   . PHE A 71 ? 0.3624 0.2385 0.2622 -0.0811 0.0159  -0.0354 186 PHE A N   
585 C  CA  . PHE A 71 ? 0.3554 0.2601 0.2409 -0.0962 0.0130  -0.0277 186 PHE A CA  
586 C  C   . PHE A 71 ? 0.4278 0.3541 0.3008 -0.0977 0.0258  -0.0420 186 PHE A C   
587 O  O   . PHE A 71 ? 0.3954 0.3288 0.2848 -0.0802 0.0372  -0.0550 186 PHE A O   
588 C  CB  . PHE A 71 ? 0.3442 0.2634 0.2482 -0.0902 0.0045  -0.0033 186 PHE A CB  
589 C  CG  . PHE A 71 ? 0.3503 0.2663 0.2711 -0.0907 -0.0048 0.0072  186 PHE A CG  
590 C  CD1 . PHE A 71 ? 0.3815 0.3101 0.3000 -0.1048 -0.0187 0.0130  186 PHE A CD1 
591 C  CD2 . PHE A 71 ? 0.3513 0.2577 0.2889 -0.0797 -0.0005 0.0110  186 PHE A CD2 
592 C  CE1 . PHE A 71 ? 0.3797 0.3204 0.3182 -0.1085 -0.0243 0.0183  186 PHE A CE1 
593 C  CE2 . PHE A 71 ? 0.3718 0.2834 0.3202 -0.0882 -0.0059 0.0196  186 PHE A CE2 
594 C  CZ  . PHE A 71 ? 0.3385 0.2725 0.2905 -0.1024 -0.0160 0.0214  186 PHE A CZ  
595 N  N   . CYS A 72 ? 0.4299 0.3715 0.2739 -0.1204 0.0224  -0.0381 187 CYS A N   
596 C  CA  A CYS A 72 ? 0.4492 0.4195 0.2725 -0.1334 0.0358  -0.0487 187 CYS A CA  
597 C  CA  B CYS A 72 ? 0.4643 0.4337 0.2859 -0.1346 0.0349  -0.0482 187 CYS A CA  
598 C  C   . CYS A 72 ? 0.4858 0.4693 0.3207 -0.1305 0.0364  -0.0313 187 CYS A C   
599 O  O   . CYS A 72 ? 0.5027 0.5162 0.3372 -0.1346 0.0528  -0.0452 187 CYS A O   
600 C  CB  A CYS A 72 ? 0.4924 0.4705 0.2697 -0.1659 0.0290  -0.0450 187 CYS A CB  
601 C  CB  B CYS A 72 ? 0.5161 0.4892 0.2936 -0.1661 0.0241  -0.0400 187 CYS A CB  
602 S  SG  A CYS A 72 ? 0.5774 0.5571 0.3317 -0.1763 0.0392  -0.0827 187 CYS A SG  
603 S  SG  B CYS A 72 ? 0.6107 0.6215 0.3440 -0.1986 0.0400  -0.0501 187 CYS A SG  
604 N  N   . ASN A 73 ? 0.4193 0.3856 0.2653 -0.1251 0.0188  -0.0046 188 ASN A N   
605 C  CA  . ASN A 73 ? 0.3954 0.3662 0.2495 -0.1239 0.0166  0.0105  188 ASN A CA  
606 C  C   . ASN A 73 ? 0.3838 0.3386 0.2682 -0.1030 0.0029  0.0256  188 ASN A C   
607 O  O   . ASN A 73 ? 0.3366 0.2824 0.2325 -0.0950 -0.0057 0.0273  188 ASN A O   
608 C  CB  . ASN A 73 ? 0.4260 0.3940 0.2386 -0.1549 0.0066  0.0274  188 ASN A CB  
609 C  CG  . ASN A 73 ? 0.5376 0.4804 0.3310 -0.1622 -0.0203 0.0472  188 ASN A CG  
610 O  OD1 . ASN A 73 ? 0.4345 0.3617 0.2534 -0.1430 -0.0378 0.0587  188 ASN A OD1 
611 N  ND2 . ASN A 73 ? 0.6139 0.5585 0.3628 -0.1899 -0.0252 0.0493  188 ASN A ND2 
612 N  N   . LEU A 74 ? 0.3331 0.2891 0.2293 -0.0979 0.0014  0.0340  189 LEU A N   
613 C  CA  . LEU A 74 ? 0.3031 0.2514 0.2277 -0.0782 -0.0085 0.0419  189 LEU A CA  
614 C  C   . LEU A 74 ? 0.3167 0.2497 0.2403 -0.0774 -0.0316 0.0548  189 LEU A C   
615 O  O   . LEU A 74 ? 0.2940 0.2329 0.2443 -0.0611 -0.0374 0.0535  189 LEU A O   
616 C  CB  . LEU A 74 ? 0.3130 0.2652 0.2461 -0.0761 -0.0058 0.0442  189 LEU A CB  
617 C  CG  . LEU A 74 ? 0.3199 0.2963 0.2712 -0.0661 0.0120  0.0307  189 LEU A CG  
618 C  CD1 . LEU A 74 ? 0.3220 0.3075 0.2766 -0.0726 0.0131  0.0323  189 LEU A CD1 
619 C  CD2 . LEU A 74 ? 0.2911 0.2679 0.2672 -0.0434 0.0128  0.0278  189 LEU A CD2 
620 N  N   . MSE A 75 ? 0.3478 0.2644 0.2398 -0.0957 -0.0466 0.0667  190 MSE A N   
621 C  CA  . MSE A 75 ? 0.3762 0.2758 0.2689 -0.0903 -0.0757 0.0792  190 MSE A CA  
622 C  C   . MSE A 75 ? 0.3896 0.3080 0.2980 -0.0840 -0.0792 0.0722  190 MSE A C   
623 O  O   . MSE A 75 ? 0.3778 0.3068 0.3176 -0.0658 -0.0932 0.0706  190 MSE A O   
624 C  CB  . MSE A 75 ? 0.4635 0.3342 0.3091 -0.1152 -0.0954 0.0984  190 MSE A CB  
625 C  CG  . MSE A 75 ? 0.5665 0.4142 0.3949 -0.1277 -0.0951 0.1079  190 MSE A CG  
626 SE SE  . MSE A 75 ? 0.6531 0.5348 0.4561 -0.1591 -0.0561 0.0952  190 MSE A SE  
627 C  CE  . MSE A 75 ? 0.6938 0.5588 0.4242 -0.2047 -0.0706 0.1150  190 MSE A CE  
628 N  N   . ASP A 76 ? 0.3720 0.2994 0.2615 -0.0994 -0.0649 0.0635  191 ASP A N   
629 C  CA  . ASP A 76 ? 0.3670 0.3091 0.2674 -0.1001 -0.0675 0.0555  191 ASP A CA  
630 C  C   . ASP A 76 ? 0.3337 0.2901 0.2709 -0.0847 -0.0546 0.0463  191 ASP A C   
631 O  O   . ASP A 76 ? 0.3318 0.3078 0.2918 -0.0815 -0.0631 0.0442  191 ASP A O   
632 C  CB  . ASP A 76 ? 0.4236 0.3641 0.2922 -0.1207 -0.0553 0.0442  191 ASP A CB  
633 C  CG  . ASP A 76 ? 0.5593 0.4932 0.3824 -0.1439 -0.0683 0.0531  191 ASP A CG  
634 O  OD1 . ASP A 76 ? 0.6050 0.5296 0.4212 -0.1441 -0.0958 0.0725  191 ASP A OD1 
635 O  OD2 . ASP A 76 ? 0.6345 0.5718 0.4277 -0.1616 -0.0523 0.0401  191 ASP A OD2 
636 N  N   . MSE A 77 ? 0.2855 0.2371 0.2289 -0.0765 -0.0358 0.0417  192 MSE A N   
637 C  CA  . MSE A 77 ? 0.2392 0.2007 0.2088 -0.0653 -0.0263 0.0378  192 MSE A CA  
638 C  C   . MSE A 77 ? 0.2486 0.2320 0.2478 -0.0522 -0.0371 0.0406  192 MSE A C   
639 O  O   . MSE A 77 ? 0.2379 0.2456 0.2571 -0.0528 -0.0369 0.0365  192 MSE A O   
640 C  CB  . MSE A 77 ? 0.2482 0.2019 0.2179 -0.0567 -0.0109 0.0344  192 MSE A CB  
641 C  CG  . MSE A 77 ? 0.2653 0.2243 0.2523 -0.0486 -0.0048 0.0349  192 MSE A CG  
642 SE SE  . MSE A 77 ? 0.3147 0.2671 0.3036 -0.0338 0.0071  0.0320  192 MSE A SE  
643 C  CE  . MSE A 77 ? 0.3686 0.2897 0.3419 -0.0373 0.0109  0.0226  192 MSE A CE  
644 N  N   . VAL A 78 ? 0.2432 0.2192 0.2443 -0.0424 -0.0468 0.0450  193 VAL A N   
645 C  CA  . VAL A 78 ? 0.2212 0.2157 0.2530 -0.0251 -0.0580 0.0406  193 VAL A CA  
646 C  C   . VAL A 78 ? 0.2632 0.2798 0.3133 -0.0213 -0.0780 0.0375  193 VAL A C   
647 O  O   . VAL A 78 ? 0.2527 0.3090 0.3376 -0.0106 -0.0785 0.0251  193 VAL A O   
648 C  CB  . VAL A 78 ? 0.2626 0.2298 0.2870 -0.0174 -0.0682 0.0454  193 VAL A CB  
649 C  CG1 . VAL A 78 ? 0.2823 0.2558 0.3356 0.0044  -0.0886 0.0377  193 VAL A CG1 
650 C  CG2 . VAL A 78 ? 0.2459 0.2108 0.2660 -0.0183 -0.0485 0.0430  193 VAL A CG2 
651 N  N   . GLU A 79 ? 0.2663 0.2656 0.2935 -0.0316 -0.0950 0.0470  194 GLU A N   
652 C  CA  . GLU A 79 ? 0.2909 0.3159 0.3366 -0.0276 -0.1183 0.0443  194 GLU A CA  
653 C  C   . GLU A 79 ? 0.2853 0.3555 0.3523 -0.0385 -0.1031 0.0320  194 GLU A C   
654 O  O   . GLU A 79 ? 0.2908 0.4097 0.3979 -0.0284 -0.1116 0.0197  194 GLU A O   
655 C  CB  . GLU A 79 ? 0.3473 0.3455 0.3540 -0.0435 -0.1378 0.0588  194 GLU A CB  
656 C  CG  . GLU A 79 ? 0.5185 0.5440 0.5434 -0.0380 -0.1680 0.0577  194 GLU A CG  
657 N  N   . HIS A 80 ? 0.2480 0.3022 0.2893 -0.0596 -0.0812 0.0336  195 HIS A N   
658 C  CA  A HIS A 80 ? 0.2682 0.3468 0.3175 -0.0778 -0.0678 0.0262  195 HIS A CA  
659 C  CA  B HIS A 80 ? 0.2475 0.3287 0.2988 -0.0770 -0.0691 0.0259  195 HIS A CA  
660 C  C   . HIS A 80 ? 0.2580 0.3768 0.3407 -0.0709 -0.0567 0.0181  195 HIS A C   
661 O  O   . HIS A 80 ? 0.2447 0.4157 0.3551 -0.0789 -0.0585 0.0083  195 HIS A O   
662 C  CB  A HIS A 80 ? 0.3015 0.3367 0.3152 -0.0933 -0.0498 0.0290  195 HIS A CB  
663 C  CB  B HIS A 80 ? 0.2624 0.3043 0.2788 -0.0959 -0.0523 0.0280  195 HIS A CB  
664 C  CG  A HIS A 80 ? 0.3606 0.3959 0.3721 -0.1132 -0.0371 0.0258  195 HIS A CG  
665 C  CG  B HIS A 80 ? 0.2929 0.3480 0.3141 -0.1171 -0.0426 0.0238  195 HIS A CG  
666 N  ND1 A HIS A 80 ? 0.4237 0.4433 0.4152 -0.1370 -0.0389 0.0215  195 HIS A ND1 
667 N  ND1 B HIS A 80 ? 0.3100 0.3420 0.3211 -0.1219 -0.0264 0.0273  195 HIS A ND1 
668 C  CD2 A HIS A 80 ? 0.3864 0.4258 0.4046 -0.1158 -0.0242 0.0284  195 HIS A CD2 
669 C  CD2 B HIS A 80 ? 0.3106 0.4036 0.3465 -0.1360 -0.0495 0.0179  195 HIS A CD2 
670 C  CE1 A HIS A 80 ? 0.4291 0.4386 0.4170 -0.1535 -0.0286 0.0230  195 HIS A CE1 
671 C  CE1 B HIS A 80 ? 0.3188 0.3659 0.3315 -0.1478 -0.0237 0.0261  195 HIS A CE1 
672 N  NE2 A HIS A 80 ? 0.4182 0.4406 0.4199 -0.1429 -0.0199 0.0289  195 HIS A NE2 
673 N  NE2 B HIS A 80 ? 0.3239 0.4129 0.3538 -0.1582 -0.0355 0.0188  195 HIS A NE2 
674 N  N   . TYR A 81 ? 0.2154 0.3162 0.2936 -0.0598 -0.0438 0.0208  196 TYR A N   
675 C  CA  . TYR A 81 ? 0.2047 0.3423 0.3040 -0.0579 -0.0307 0.0134  196 TYR A CA  
676 C  C   . TYR A 81 ? 0.2326 0.4204 0.3739 -0.0361 -0.0415 -0.0033 196 TYR A C   
677 O  O   . TYR A 81 ? 0.2158 0.4520 0.3786 -0.0378 -0.0297 -0.0161 196 TYR A O   
678 C  CB  . TYR A 81 ? 0.2036 0.3087 0.2826 -0.0537 -0.0167 0.0208  196 TYR A CB  
679 C  CG  . TYR A 81 ? 0.2085 0.2751 0.2559 -0.0726 -0.0071 0.0319  196 TYR A CG  
680 C  CD1 . TYR A 81 ? 0.2657 0.3422 0.3060 -0.0974 0.0001  0.0351  196 TYR A CD1 
681 C  CD2 . TYR A 81 ? 0.2377 0.2576 0.2623 -0.0665 -0.0066 0.0372  196 TYR A CD2 
682 C  CE1 . TYR A 81 ? 0.3010 0.3270 0.3099 -0.1123 0.0033  0.0455  196 TYR A CE1 
683 C  CE2 . TYR A 81 ? 0.2790 0.2607 0.2800 -0.0763 -0.0011 0.0418  196 TYR A CE2 
684 C  CZ  . TYR A 81 ? 0.3299 0.3074 0.3220 -0.0976 0.0014  0.0469  196 TYR A CZ  
685 O  OH  . TYR A 81 ? 0.3728 0.2983 0.3393 -0.1055 0.0011  0.0517  196 TYR A OH  
686 N  N   . SER A 82 ? 0.1862 0.3659 0.3388 -0.0176 -0.0656 -0.0049 197 SER A N   
687 C  CA  . SER A 82 ? 0.1933 0.4194 0.3925 0.0088  -0.0829 -0.0249 197 SER A CA  
688 C  C   . SER A 82 ? 0.2483 0.5397 0.4788 -0.0006 -0.0900 -0.0371 197 SER A C   
689 O  O   . SER A 82 ? 0.2328 0.5885 0.5134 0.0192  -0.0985 -0.0615 197 SER A O   
690 C  CB  . SER A 82 ? 0.2607 0.4393 0.4553 0.0336  -0.1128 -0.0182 197 SER A CB  
691 O  OG  . SER A 82 ? 0.3502 0.4749 0.5159 0.0354  -0.1048 -0.0078 197 SER A OG  
692 N  N   . LYS A 83 ? 0.2260 0.5047 0.4302 -0.0298 -0.0879 -0.0240 198 LYS A N   
693 C  CA  . LYS A 83 ? 0.2237 0.5652 0.4551 -0.0449 -0.0960 -0.0352 198 LYS A CA  
694 C  C   . LYS A 83 ? 0.2916 0.6795 0.5269 -0.0784 -0.0681 -0.0421 198 LYS A C   
695 O  O   . LYS A 83 ? 0.3072 0.7793 0.5847 -0.0858 -0.0680 -0.0621 198 LYS A O   
696 C  CB  . LYS A 83 ? 0.2723 0.5781 0.4721 -0.0614 -0.1127 -0.0205 198 LYS A CB  
697 C  CG  . LYS A 83 ? 0.4374 0.6994 0.6244 -0.0363 -0.1439 -0.0092 198 LYS A CG  
698 C  CD  . LYS A 83 ? 0.6067 0.9190 0.8422 -0.0082 -0.1787 -0.0222 198 LYS A CD  
699 C  CE  . LYS A 83 ? 0.7834 1.0410 0.9912 0.0057  -0.2158 -0.0032 198 LYS A CE  
700 N  NZ  . LYS A 83 ? 0.9141 1.1095 1.1062 0.0296  -0.2226 0.0068  198 LYS A NZ  
701 N  N   . ASP A 84 ? 0.2678 0.6027 0.4589 -0.1003 -0.0465 -0.0257 199 ASP A N   
702 C  CA  A ASP A 84 ? 0.2733 0.6323 0.4538 -0.1368 -0.0234 -0.0247 199 ASP A CA  
703 C  CA  B ASP A 84 ? 0.2834 0.6432 0.4643 -0.1368 -0.0231 -0.0249 199 ASP A CA  
704 C  C   . ASP A 84 ? 0.3172 0.6171 0.4598 -0.1375 -0.0074 -0.0088 199 ASP A C   
705 O  O   . ASP A 84 ? 0.3200 0.5487 0.4337 -0.1244 -0.0121 0.0046  199 ASP A O   
706 C  CB  A ASP A 84 ? 0.3141 0.6638 0.4738 -0.1768 -0.0246 -0.0180 199 ASP A CB  
707 C  CB  B ASP A 84 ? 0.3387 0.6953 0.5004 -0.1791 -0.0230 -0.0190 199 ASP A CB  
708 C  CG  A ASP A 84 ? 0.2669 0.6389 0.4121 -0.2219 -0.0046 -0.0143 199 ASP A CG  
709 C  CG  B ASP A 84 ? 0.4683 0.7296 0.5759 -0.1928 -0.0223 0.0004  199 ASP A CG  
710 O  OD1 A ASP A 84 ? 0.2759 0.7404 0.4572 -0.2399 0.0014  -0.0317 199 ASP A OD1 
711 O  OD1 B ASP A 84 ? 0.4639 0.6839 0.5598 -0.1733 -0.0356 0.0035  199 ASP A OD1 
712 O  OD2 A ASP A 84 ? 0.3051 0.6060 0.4039 -0.2386 0.0043  0.0049  199 ASP A OD2 
713 O  OD2 B ASP A 84 ? 0.5217 0.7508 0.5975 -0.2251 -0.0099 0.0113  199 ASP A OD2 
714 N  N   . LYS A 85 ? 0.2999 0.6360 0.4429 -0.1537 0.0105  -0.0114 200 LYS A N   
715 C  CA  . LYS A 85 ? 0.2891 0.5774 0.3972 -0.1538 0.0217  0.0040  200 LYS A CA  
716 C  C   . LYS A 85 ? 0.3533 0.5578 0.4110 -0.1752 0.0216  0.0288  200 LYS A C   
717 O  O   . LYS A 85 ? 0.3266 0.4796 0.3604 -0.1618 0.0225  0.0409  200 LYS A O   
718 C  CB  . LYS A 85 ? 0.3052 0.6567 0.4189 -0.1716 0.0396  -0.0039 200 LYS A CB  
719 C  CG  . LYS A 85 ? 0.3671 0.7410 0.4579 -0.2254 0.0510  0.0056  200 LYS A CG  
720 C  CD  . LYS A 85 ? 0.3961 0.8303 0.4798 -0.2489 0.0704  0.0011  200 LYS A CD  
721 C  CE  . LYS A 85 ? 0.5173 0.9872 0.5793 -0.3105 0.0820  0.0092  200 LYS A CE  
722 N  NZ  . LYS A 85 ? 0.6716 1.2477 0.7885 -0.3200 0.0865  -0.0217 200 LYS A NZ  
723 N  N   . GLY A 86 ? 0.3462 0.5381 0.3900 -0.2066 0.0186  0.0334  201 GLY A N   
724 C  CA  . GLY A 86 ? 0.3865 0.4920 0.3841 -0.2235 0.0155  0.0522  201 GLY A CA  
725 C  C   . GLY A 86 ? 0.4713 0.5435 0.4359 -0.2343 0.0217  0.0710  201 GLY A C   
726 O  O   . GLY A 86 ? 0.4636 0.5805 0.4234 -0.2634 0.0318  0.0750  201 GLY A O   
727 N  N   . ALA A 87 ? 0.4569 0.4590 0.4003 -0.2096 0.0152  0.0811  202 ALA A N   
728 C  CA  . ALA A 87 ? 0.5131 0.4734 0.4232 -0.2135 0.0138  0.1014  202 ALA A CA  
729 C  C   . ALA A 87 ? 0.4992 0.5088 0.4235 -0.1950 0.0218  0.0987  202 ALA A C   
730 O  O   . ALA A 87 ? 0.5326 0.5245 0.4280 -0.2041 0.0205  0.1160  202 ALA A O   
731 C  CB  . ALA A 87 ? 0.5577 0.4342 0.4495 -0.1882 0.0009  0.1068  202 ALA A CB  
732 N  N   . ILE A 88 ? 0.3678 0.4314 0.3323 -0.1690 0.0266  0.0778  203 ILE A N   
733 C  CA  . ILE A 88 ? 0.3201 0.4220 0.2970 -0.1500 0.0327  0.0710  203 ILE A CA  
734 C  C   . ILE A 88 ? 0.3521 0.5344 0.3410 -0.1740 0.0462  0.0598  203 ILE A C   
735 O  O   . ILE A 88 ? 0.3473 0.5618 0.3397 -0.2047 0.0510  0.0571  203 ILE A O   
736 C  CB  . ILE A 88 ? 0.3050 0.4095 0.3114 -0.1104 0.0283  0.0556  203 ILE A CB  
737 C  CG1 . ILE A 88 ? 0.2662 0.4191 0.3116 -0.1012 0.0266  0.0346  203 ILE A CG1 
738 C  CG2 . ILE A 88 ? 0.3360 0.3734 0.3279 -0.0944 0.0190  0.0643  203 ILE A CG2 
739 C  CD1 . ILE A 88 ? 0.2517 0.3998 0.3184 -0.0668 0.0187  0.0231  203 ILE A CD1 
740 N  N   . CYS A 89 ? 0.3148 0.5340 0.3076 -0.1639 0.0534  0.0515  204 CYS A N   
741 C  CA  . CYS A 89 ? 0.3346 0.6360 0.3320 -0.1895 0.0696  0.0378  204 CYS A CA  
742 C  C   . CYS A 89 ? 0.3310 0.7161 0.3834 -0.1810 0.0763  0.0030  204 CYS A C   
743 O  O   . CYS A 89 ? 0.3297 0.7884 0.3887 -0.2126 0.0906  -0.0086 204 CYS A O   
744 C  CB  . CYS A 89 ? 0.3601 0.6781 0.3449 -0.1795 0.0746  0.0339  204 CYS A CB  
745 S  SG  . CYS A 89 ? 0.3702 0.6844 0.3956 -0.1243 0.0670  0.0086  204 CYS A SG  
746 N  N   . THR A 90 ? 0.2555 0.6338 0.3467 -0.1393 0.0648  -0.0143 205 THR A N   
747 C  CA  . THR A 90 ? 0.2273 0.6754 0.3747 -0.1200 0.0625  -0.0477 205 THR A CA  
748 C  C   . THR A 90 ? 0.2522 0.6501 0.4177 -0.0868 0.0408  -0.0462 205 THR A C   
749 O  O   . THR A 90 ? 0.2305 0.5537 0.3695 -0.0753 0.0330  -0.0268 205 THR A O   
750 C  CB  . THR A 90 ? 0.2678 0.7797 0.4423 -0.1003 0.0717  -0.0807 205 THR A CB  
751 O  OG1 . THR A 90 ? 0.2856 0.8875 0.5165 -0.0898 0.0732  -0.1180 205 THR A OG1 
752 C  CG2 . THR A 90 ? 0.2618 0.7203 0.4381 -0.0602 0.0594  -0.0843 205 THR A CG2 
753 N  N   . LYS A 91 ? 0.2167 0.6603 0.4272 -0.0720 0.0298  -0.0673 206 LYS A N   
754 C  CA  . LYS A 91 ? 0.1974 0.5925 0.4181 -0.0435 0.0055  -0.0629 206 LYS A CA  
755 C  C   . LYS A 91 ? 0.2313 0.5911 0.4577 -0.0074 -0.0050 -0.0699 206 LYS A C   
756 O  O   . LYS A 91 ? 0.2233 0.6224 0.4703 0.0068  0.0019  -0.0936 206 LYS A O   
757 C  CB  . LYS A 91 ? 0.2243 0.6778 0.4927 -0.0327 -0.0102 -0.0834 206 LYS A CB  
758 C  CG  . LYS A 91 ? 0.3160 0.7910 0.5774 -0.0695 -0.0073 -0.0740 206 LYS A CG  
759 C  CD  . LYS A 91 ? 0.3554 0.8996 0.6705 -0.0562 -0.0265 -0.0968 206 LYS A CD  
760 C  CE  . LYS A 91 ? 0.3400 1.0017 0.7060 -0.0610 -0.0126 -0.1319 206 LYS A CE  
761 N  NZ  . LYS A 91 ? 0.4555 1.1935 0.8811 -0.0451 -0.0340 -0.1569 206 LYS A NZ  
762 N  N   . LEU A 92 ? 0.1762 0.4631 0.3809 0.0035  -0.0206 -0.0510 207 LEU A N   
763 C  CA  . LEU A 92 ? 0.1694 0.4150 0.3755 0.0315  -0.0346 -0.0546 207 LEU A CA  
764 C  C   . LEU A 92 ? 0.2100 0.4814 0.4603 0.0620  -0.0584 -0.0776 207 LEU A C   
765 O  O   . LEU A 92 ? 0.2373 0.5201 0.5019 0.0637  -0.0751 -0.0754 207 LEU A O   
766 C  CB  . LEU A 92 ? 0.1764 0.3468 0.3449 0.0268  -0.0434 -0.0282 207 LEU A CB  
767 C  CG  . LEU A 92 ? 0.1790 0.3237 0.3103 0.0030  -0.0243 -0.0090 207 LEU A CG  
768 C  CD1 . LEU A 92 ? 0.1989 0.2849 0.3003 0.0006  -0.0310 0.0085  207 LEU A CD1 
769 C  CD2 . LEU A 92 ? 0.1855 0.3436 0.3111 0.0018  -0.0079 -0.0136 207 LEU A CD2 
770 N  N   . VAL A 93 ? 0.1832 0.4628 0.4560 0.0878  -0.0630 -0.1014 208 VAL A N   
771 C  CA  . VAL A 93 ? 0.2010 0.5012 0.5211 0.1244  -0.0900 -0.1282 208 VAL A CA  
772 C  C   . VAL A 93 ? 0.2841 0.5002 0.5897 0.1475  -0.1159 -0.1224 208 VAL A C   
773 O  O   . VAL A 93 ? 0.3001 0.4522 0.5787 0.1441  -0.1380 -0.0949 208 VAL A O   
774 C  CB  . VAL A 93 ? 0.2377 0.6371 0.6094 0.1376  -0.0758 -0.1728 208 VAL A CB  
775 C  CG1 . VAL A 93 ? 0.2647 0.6879 0.6951 0.1850  -0.1079 -0.2078 208 VAL A CG1 
776 C  CG2 . VAL A 93 ? 0.2118 0.6902 0.5892 0.1032  -0.0512 -0.1724 208 VAL A CG2 
777 N  N   . ARG A 94 ? 0.2599 0.4742 0.5776 0.1656  -0.1135 -0.1477 209 ARG A N   
778 C  CA  A ARG A 94 ? 0.2998 0.4299 0.6033 0.1840  -0.1406 -0.1443 209 ARG A CA  
779 C  CA  B ARG A 94 ? 0.3018 0.4323 0.6056 0.1843  -0.1405 -0.1449 209 ARG A CA  
780 C  C   . ARG A 94 ? 0.3351 0.4016 0.5828 0.1542  -0.1289 -0.1128 209 ARG A C   
781 O  O   . ARG A 94 ? 0.2891 0.3808 0.5241 0.1376  -0.1005 -0.1164 209 ARG A O   
782 C  CB  A ARG A 94 ? 0.3163 0.4647 0.6570 0.2173  -0.1464 -0.1898 209 ARG A CB  
783 C  CB  B ARG A 94 ? 0.3259 0.4772 0.6669 0.2167  -0.1447 -0.1909 209 ARG A CB  
784 C  CG  A ARG A 94 ? 0.4330 0.4876 0.7697 0.2443  -0.1883 -0.1902 209 ARG A CG  
785 C  CG  B ARG A 94 ? 0.4884 0.5434 0.8201 0.2400  -0.1821 -0.1914 209 ARG A CG  
786 C  CD  A ARG A 94 ? 0.3674 0.4360 0.7479 0.2846  -0.1998 -0.2426 209 ARG A CD  
787 C  CD  B ARG A 94 ? 0.5285 0.6011 0.9089 0.2836  -0.1967 -0.2450 209 ARG A CD  
788 N  NE  A ARG A 94 ? 0.3161 0.3998 0.6808 0.2695  -0.1698 -0.2607 209 ARG A NE  
789 N  NE  B ARG A 94 ? 0.5251 0.6500 0.9076 0.2748  -0.1616 -0.2757 209 ARG A NE  
790 C  CZ  A ARG A 94 ? 0.5762 0.5803 0.9040 0.2590  -0.1772 -0.2516 209 ARG A CZ  
791 C  CZ  B ARG A 94 ? 0.6711 0.7432 1.0209 0.2629  -0.1575 -0.2755 209 ARG A CZ  
792 N  NH1 A ARG A 94 ? 0.4702 0.3705 0.7678 0.2568  -0.2115 -0.2212 209 ARG A NH1 
793 N  NH1 B ARG A 94 ? 0.5770 0.5421 0.8892 0.2550  -0.1839 -0.2460 209 ARG A NH1 
794 N  NH2 A ARG A 94 ? 0.4009 0.4307 0.7177 0.2458  -0.1510 -0.2714 209 ARG A NH2 
795 N  NH2 B ARG A 94 ? 0.3689 0.4977 0.7202 0.2544  -0.1273 -0.3047 209 ARG A NH2 
796 N  N   . PRO A 95 ? 0.3523 0.3390 0.5665 0.1472  -0.1530 -0.0837 210 PRO A N   
797 C  CA  . PRO A 95 ? 0.3456 0.2829 0.5134 0.1190  -0.1420 -0.0605 210 PRO A CA  
798 C  C   . PRO A 95 ? 0.3895 0.2980 0.5599 0.1298  -0.1472 -0.0814 210 PRO A C   
799 O  O   . PRO A 95 ? 0.4350 0.3044 0.6222 0.1563  -0.1776 -0.0981 210 PRO A O   
800 C  CB  . PRO A 95 ? 0.4167 0.2864 0.5485 0.1053  -0.1675 -0.0275 210 PRO A CB  
801 C  CG  . PRO A 95 ? 0.5022 0.3789 0.6600 0.1294  -0.1965 -0.0313 210 PRO A CG  
802 C  CD  . PRO A 95 ? 0.4278 0.3687 0.6430 0.1625  -0.1932 -0.0714 210 PRO A CD  
803 N  N   . LYS A 96 ? 0.3380 0.2646 0.4927 0.1106  -0.1205 -0.0825 211 LYS A N   
804 C  CA  . LYS A 96 ? 0.3654 0.2626 0.5153 0.1130  -0.1247 -0.1006 211 LYS A CA  
805 C  C   . LYS A 96 ? 0.4697 0.2858 0.5791 0.0901  -0.1430 -0.0722 211 LYS A C   
806 O  O   . LYS A 96 ? 0.4608 0.2788 0.5414 0.0602  -0.1276 -0.0458 211 LYS A O   
807 C  CB  . LYS A 96 ? 0.3421 0.2940 0.4877 0.0987  -0.0924 -0.1103 211 LYS A CB  
808 C  CG  . LYS A 96 ? 0.3719 0.3007 0.5098 0.0967  -0.0953 -0.1307 211 LYS A CG  
809 C  CD  . LYS A 96 ? 0.4122 0.3359 0.5818 0.1299  -0.1121 -0.1736 211 LYS A CD  
810 C  CE  . LYS A 96 ? 0.5643 0.4462 0.7196 0.1242  -0.1199 -0.1929 211 LYS A CE  
811 N  NZ  . LYS A 96 ? 0.7382 0.5227 0.8651 0.1100  -0.1482 -0.1697 211 LYS A NZ  
812 N  N   . ARG A 97 ? 0.5507 0.2962 0.6570 0.1025  -0.1765 -0.0779 212 ARG A N   
813 C  CA  . ARG A 97 ? 0.6117 0.2748 0.6723 0.0734  -0.1967 -0.0479 212 ARG A CA  
814 C  C   . ARG A 97 ? 0.6997 0.3526 0.7370 0.0433  -0.1818 -0.0498 212 ARG A C   
815 O  O   . ARG A 97 ? 0.6775 0.3526 0.7339 0.0552  -0.1732 -0.0810 212 ARG A O   
816 C  CB  . ARG A 97 ? 0.7095 0.2867 0.7694 0.0958  -0.2446 -0.0501 212 ARG A CB  
817 N  N   . LYS A 98 ? 0.7014 0.3283 0.6972 0.0017  -0.1784 -0.0180 213 LYS A N   
818 C  CA  . LYS A 98 ? 0.8022 0.4256 0.7749 -0.0343 -0.1660 -0.0159 213 LYS A CA  
819 C  C   . LYS A 98 ? 1.1627 0.6954 1.1155 -0.0424 -0.1982 -0.0224 213 LYS A C   
820 O  O   . LYS A 98 ? 1.2967 0.7517 1.2348 -0.0342 -0.2338 -0.0101 213 LYS A O   
821 C  CB  . LYS A 98 ? 0.8284 0.4665 0.7680 -0.0761 -0.1508 0.0161  213 LYS A CB  
822 C  CG  . LYS A 98 ? 0.9982 0.6581 0.9230 -0.1140 -0.1336 0.0152  213 LYS A CG  
823 C  CD  . LYS A 98 ? 1.0174 0.7161 0.9209 -0.1499 -0.1133 0.0370  213 LYS A CD  
824 C  CE  . LYS A 98 ? 0.9776 0.7188 0.8792 -0.1827 -0.0952 0.0297  213 LYS A CE  
825 N  NZ  . LYS A 98 ? 0.8131 0.6226 0.7536 -0.1561 -0.0767 0.0055  213 LYS A NZ  
826 O  OXT . LYS A 98 ? 1.4432 0.9792 1.3951 -0.0559 -0.1910 -0.0406 213 LYS A OXT 
# 
